data_5WAD
#
_entry.id   5WAD
#
_cell.length_a   89.268
_cell.length_b   81.470
_cell.length_c   105.908
_cell.angle_alpha   90.00
_cell.angle_beta   112.50
_cell.angle_gamma   90.00
#
_symmetry.space_group_name_H-M   'P 1 21 1'
#
loop_
_entity.id
_entity.type
_entity.pdbx_description
1 polymer Beta-lactamase
2 non-polymer 'phosphonooxy-[[[6-(1~{H}-1,2,3,4-tetrazol-5-yl)pyridin-3-yl]sulfonylamino]methyl]borinic acid'
3 non-polymer 'PHOSPHATE ION'
4 water water
#
_entity_poly.entity_id   1
_entity_poly.type   'polypeptide(L)'
_entity_poly.pdbx_seq_one_letter_code
;MDNTPKDQEIKKLVDQNFKPLLEKYDVPGMAVGVIQNNKKYEMYYGLQSVQDKKAVNSNTIFELGSVSKLFTATAGGYAK
NKGKISFDDTPGKYWKELKNTPIDQVNLLQLATYTSGNLALQFPDEVQTDQQVLTFFKDWKPKNPIGEYRQYSNPSIGLF
GKVVALSMNKPFDQVLEKTIFPALGLKHSYVNVPKTQMQNYAFGYNQENQPIRVNPGPLDAPAYGVKSTLPDMLSFIHAN
LNPQKYPTDIQRAINETHQGRYQVNTMYQALGWEEFSYPATLQTLLDSNSEQIVMKPNKVTAISKEPSVKMYHKTGSTSG
FGTYVVFIPKENIGLVMLTNKRIPNEERIKAAYVVLNAIKK
;
_entity_poly.pdbx_strand_id   A,B,C,D
#
loop_
_chem_comp.id
_chem_comp.type
_chem_comp.name
_chem_comp.formula
PO4 non-polymer 'PHOSPHATE ION' 'O4 P -3'
QQZ non-polymer 'phosphonooxy-[[[6-(1~{H}-1,2,3,4-tetrazol-5-yl)pyridin-3-yl]sulfonylamino]methyl]borinic acid' 'C7 H10 B N6 O7 P S'
#
# COMPACT_ATOMS: atom_id res chain seq x y z
N GLU A 9 37.51 -6.26 -7.85
CA GLU A 9 38.58 -6.25 -6.78
C GLU A 9 38.11 -6.61 -5.37
N ILE A 10 36.86 -6.36 -5.00
CA ILE A 10 36.46 -6.76 -3.63
C ILE A 10 36.67 -8.25 -3.43
N LYS A 11 36.22 -9.05 -4.38
CA LYS A 11 36.29 -10.51 -4.30
C LYS A 11 37.74 -10.96 -4.15
N LYS A 12 38.61 -10.31 -4.91
CA LYS A 12 40.03 -10.67 -4.98
C LYS A 12 40.74 -10.30 -3.69
N LEU A 13 40.39 -9.15 -3.11
CA LEU A 13 40.87 -8.80 -1.73
C LEU A 13 40.52 -9.78 -0.56
N VAL A 14 39.26 -10.18 -0.49
CA VAL A 14 38.81 -11.19 0.49
C VAL A 14 39.50 -12.53 0.24
N ASP A 15 39.70 -12.93 -1.04
CA ASP A 15 40.42 -14.19 -1.36
C ASP A 15 41.82 -14.08 -0.82
N GLN A 16 42.47 -12.95 -1.01
CA GLN A 16 43.84 -12.75 -0.51
C GLN A 16 43.97 -12.84 1.00
N ASN A 17 42.99 -12.31 1.73
CA ASN A 17 43.11 -12.06 3.17
C ASN A 17 42.29 -12.99 4.11
N PHE A 18 41.13 -13.44 3.65
CA PHE A 18 40.26 -14.31 4.51
C PHE A 18 40.37 -15.80 4.14
N LYS A 19 40.33 -16.09 2.84
CA LYS A 19 40.51 -17.46 2.32
C LYS A 19 41.67 -18.33 2.90
N PRO A 20 42.88 -17.78 3.07
CA PRO A 20 43.94 -18.59 3.66
C PRO A 20 43.65 -19.05 5.07
N LEU A 21 42.77 -18.36 5.79
CA LEU A 21 42.54 -18.71 7.17
C LEU A 21 41.79 -20.06 7.26
N LEU A 22 40.95 -20.39 6.28
CA LEU A 22 40.30 -21.72 6.29
C LEU A 22 41.29 -22.88 6.40
N GLU A 23 42.32 -22.92 5.56
CA GLU A 23 43.38 -23.94 5.71
C GLU A 23 44.13 -23.79 7.02
N LYS A 24 44.60 -22.56 7.32
CA LYS A 24 45.49 -22.30 8.48
C LYS A 24 44.94 -22.82 9.80
N TYR A 25 43.64 -22.68 10.01
CA TYR A 25 42.99 -23.12 11.24
C TYR A 25 42.01 -24.24 10.99
N ASP A 26 42.09 -24.91 9.83
CA ASP A 26 41.17 -26.02 9.47
C ASP A 26 39.72 -25.67 9.78
N VAL A 27 39.25 -24.59 9.16
CA VAL A 27 37.90 -24.11 9.34
C VAL A 27 37.08 -24.68 8.24
N PRO A 28 35.97 -25.39 8.57
CA PRO A 28 35.11 -25.93 7.52
C PRO A 28 34.51 -24.92 6.58
N GLY A 29 34.01 -23.81 7.12
CA GLY A 29 33.21 -22.86 6.35
C GLY A 29 33.22 -21.43 6.85
N MET A 30 33.03 -20.49 5.92
CA MET A 30 33.20 -19.07 6.18
C MET A 30 32.38 -18.27 5.18
N ALA A 31 31.86 -17.17 5.66
CA ALA A 31 31.07 -16.24 4.89
C ALA A 31 31.59 -14.89 5.25
N VAL A 32 32.03 -14.16 4.23
CA VAL A 32 32.53 -12.80 4.38
C VAL A 32 31.67 -11.88 3.49
N GLY A 33 31.10 -10.88 4.13
CA GLY A 33 30.32 -9.87 3.51
C GLY A 33 30.94 -8.51 3.63
N VAL A 34 30.82 -7.73 2.55
CA VAL A 34 31.35 -6.38 2.49
C VAL A 34 30.21 -5.51 1.96
N ILE A 35 30.03 -4.35 2.61
CA ILE A 35 29.10 -3.35 2.09
C ILE A 35 29.88 -2.06 1.84
N GLN A 36 29.72 -1.52 0.64
CA GLN A 36 30.32 -0.25 0.29
C GLN A 36 29.30 0.56 -0.52
N ASN A 37 29.15 1.86 -0.20
CA ASN A 37 28.24 2.79 -0.92
C ASN A 37 26.93 2.11 -1.29
N ASN A 38 26.37 1.44 -0.30
CA ASN A 38 25.13 0.67 -0.41
C ASN A 38 25.08 -0.51 -1.42
N LYS A 39 26.26 -1.00 -1.85
CA LYS A 39 26.41 -2.20 -2.65
C LYS A 39 26.93 -3.35 -1.72
N LYS A 40 26.24 -4.49 -1.74
CA LYS A 40 26.57 -5.62 -0.89
C LYS A 40 27.35 -6.64 -1.70
N TYR A 41 28.43 -7.17 -1.09
CA TYR A 41 29.17 -8.29 -1.66
C TYR A 41 29.18 -9.46 -0.69
N GLU A 42 28.92 -10.66 -1.19
CA GLU A 42 28.85 -11.88 -0.35
C GLU A 42 29.79 -12.92 -0.95
N MET A 43 30.74 -13.38 -0.11
CA MET A 43 31.79 -14.35 -0.47
C MET A 43 31.56 -15.56 0.47
N TYR A 44 31.37 -16.74 -0.07
CA TYR A 44 31.14 -17.96 0.71
C TYR A 44 32.20 -18.99 0.41
N TYR A 45 32.67 -19.68 1.46
CA TYR A 45 33.73 -20.67 1.38
C TYR A 45 33.33 -21.94 2.15
N GLY A 46 33.56 -23.11 1.56
CA GLY A 46 33.49 -24.35 2.30
C GLY A 46 32.10 -24.79 2.66
N LEU A 47 31.96 -25.40 3.85
CA LEU A 47 30.84 -26.22 4.23
C LEU A 47 30.17 -25.70 5.51
N GLN A 48 28.85 -25.63 5.51
CA GLN A 48 28.12 -25.48 6.77
C GLN A 48 28.17 -26.74 7.60
N SER A 49 28.16 -27.91 6.95
CA SER A 49 28.23 -29.19 7.62
C SER A 49 29.24 -30.12 6.96
N VAL A 50 30.29 -30.56 7.69
CA VAL A 50 31.33 -31.50 7.15
C VAL A 50 30.65 -32.87 6.82
N GLN A 51 29.89 -33.42 7.76
CA GLN A 51 29.23 -34.72 7.54
C GLN A 51 28.23 -34.71 6.38
N ASP A 52 27.51 -33.61 6.18
CA ASP A 52 26.53 -33.50 5.08
C ASP A 52 27.14 -32.99 3.78
N LYS A 53 28.40 -32.53 3.78
CA LYS A 53 28.92 -31.86 2.60
C LYS A 53 27.91 -30.83 2.04
N LYS A 54 27.28 -30.05 2.92
CA LYS A 54 26.36 -29.01 2.51
C LYS A 54 27.17 -27.73 2.52
N ALA A 55 27.20 -27.01 1.40
CA ALA A 55 28.07 -25.84 1.26
C ALA A 55 27.58 -24.60 2.03
N VAL A 56 28.47 -23.71 2.45
CA VAL A 56 28.01 -22.44 3.00
C VAL A 56 27.38 -21.64 1.87
N ASN A 57 26.20 -21.09 2.14
CA ASN A 57 25.48 -20.27 1.21
C ASN A 57 24.73 -19.12 1.94
N SER A 58 23.99 -18.32 1.18
CA SER A 58 23.24 -17.20 1.71
C SER A 58 22.12 -17.56 2.69
N ASN A 59 21.69 -18.81 2.70
CA ASN A 59 20.77 -19.29 3.70
C ASN A 59 21.50 -19.89 4.92
N THR A 60 22.83 -19.94 4.95
CA THR A 60 23.45 -20.55 6.10
C THR A 60 23.29 -19.66 7.38
N ILE A 61 22.84 -20.34 8.45
CA ILE A 61 22.71 -19.75 9.78
C ILE A 61 23.90 -20.10 10.64
N PHE A 62 24.56 -19.05 11.14
CA PHE A 62 25.68 -19.11 12.05
C PHE A 62 25.28 -18.53 13.41
N GLU A 63 25.96 -18.96 14.47
CA GLU A 63 25.83 -18.39 15.85
C GLU A 63 26.72 -17.16 15.91
N LEU A 64 26.18 -16.03 16.40
CA LEU A 64 26.91 -14.77 16.42
C LEU A 64 27.74 -14.55 17.65
N GLY A 65 27.50 -15.38 18.68
CA GLY A 65 28.18 -15.17 19.95
C GLY A 65 27.87 -13.78 20.51
N SER A 66 28.89 -13.17 21.06
CA SER A 66 28.74 -11.85 21.64
C SER A 66 28.42 -10.68 20.71
N VAL A 67 28.43 -10.85 19.40
CA VAL A 67 27.80 -9.89 18.52
C VAL A 67 26.30 -9.77 18.82
N SER A 68 25.71 -10.76 19.51
CA SER A 68 24.35 -10.69 20.04
C SER A 68 24.14 -9.48 20.93
N LYS A 69 25.19 -9.06 21.63
CA LYS A 69 25.18 -7.85 22.49
C LYS A 69 24.77 -6.59 21.75
N LEU A 70 25.14 -6.51 20.47
CA LEU A 70 24.76 -5.35 19.64
C LEU A 70 23.24 -5.31 19.50
N PHE A 71 22.59 -6.46 19.33
CA PHE A 71 21.14 -6.49 19.27
C PHE A 71 20.51 -6.15 20.60
N THR A 72 21.12 -6.60 21.70
CA THR A 72 20.62 -6.31 23.05
C THR A 72 20.75 -4.80 23.31
N ALA A 73 21.89 -4.22 22.92
CA ALA A 73 22.10 -2.77 22.97
C ALA A 73 21.15 -1.96 22.10
N THR A 74 20.81 -2.48 20.94
CA THR A 74 19.83 -1.84 20.04
C THR A 74 18.42 -1.94 20.66
N ALA A 75 18.12 -3.06 21.29
CA ALA A 75 16.82 -3.23 21.94
C ALA A 75 16.64 -2.22 23.12
N GLY A 76 17.72 -1.89 23.79
CA GLY A 76 17.70 -0.96 24.91
C GLY A 76 17.50 0.45 24.44
N GLY A 77 18.26 0.82 23.40
CA GLY A 77 18.12 2.10 22.70
C GLY A 77 16.72 2.34 22.19
N TYR A 78 16.06 1.28 21.75
CA TYR A 78 14.69 1.38 21.29
C TYR A 78 13.74 1.64 22.44
N ALA A 79 13.94 0.86 23.50
CA ALA A 79 13.10 0.95 24.69
C ALA A 79 13.26 2.34 25.34
N LYS A 80 14.49 2.84 25.47
CA LYS A 80 14.75 4.20 25.96
C LYS A 80 14.07 5.28 25.12
N ASN A 81 14.13 5.17 23.79
CA ASN A 81 13.43 6.16 22.94
C ASN A 81 11.88 5.99 22.83
N LYS A 82 11.31 4.85 23.20
CA LYS A 82 9.85 4.76 23.43
C LYS A 82 9.43 5.16 24.90
N GLY A 83 10.34 5.67 25.72
CA GLY A 83 10.05 6.07 27.12
C GLY A 83 9.86 4.93 28.12
N LYS A 84 10.21 3.71 27.73
CA LYS A 84 9.92 2.53 28.58
C LYS A 84 10.98 2.44 29.65
N ILE A 85 12.15 3.04 29.40
CA ILE A 85 13.24 3.06 30.36
C ILE A 85 14.08 4.32 30.27
N SER A 86 14.87 4.53 31.31
CA SER A 86 15.88 5.55 31.34
C SER A 86 17.12 4.79 31.73
N PHE A 87 18.28 5.20 31.20
CA PHE A 87 19.54 4.56 31.53
C PHE A 87 20.08 5.03 32.88
N ASP A 88 19.45 6.03 33.49
CA ASP A 88 19.73 6.39 34.92
C ASP A 88 18.98 5.51 35.96
N ASP A 89 17.92 4.83 35.52
CA ASP A 89 17.17 3.90 36.37
C ASP A 89 18.04 2.78 36.94
N THR A 90 17.49 2.06 37.90
CA THR A 90 18.17 0.91 38.47
C THR A 90 17.34 -0.35 38.17
N PRO A 91 17.97 -1.53 38.19
CA PRO A 91 17.23 -2.70 37.72
C PRO A 91 15.96 -3.05 38.49
N GLY A 92 15.96 -2.70 39.78
CA GLY A 92 14.84 -2.96 40.72
C GLY A 92 13.54 -2.27 40.39
N LYS A 93 13.60 -1.18 39.63
CA LYS A 93 12.40 -0.49 39.17
C LYS A 93 11.50 -1.31 38.24
N TYR A 94 12.04 -2.38 37.63
CA TYR A 94 11.31 -3.19 36.66
C TYR A 94 11.16 -4.63 37.10
N TRP A 95 12.26 -5.19 37.63
CA TRP A 95 12.25 -6.47 38.31
C TRP A 95 12.09 -6.24 39.82
N LYS A 96 10.84 -5.97 40.22
CA LYS A 96 10.44 -5.64 41.62
C LYS A 96 11.23 -6.43 42.67
N GLU A 97 11.34 -7.73 42.41
CA GLU A 97 12.01 -8.68 43.30
C GLU A 97 13.45 -8.33 43.69
N LEU A 98 14.12 -7.43 42.97
CA LEU A 98 15.46 -6.92 43.40
C LEU A 98 15.39 -5.50 43.97
N LYS A 99 14.18 -5.03 44.26
CA LYS A 99 13.83 -3.60 44.41
C LYS A 99 14.37 -2.79 45.58
N ASN A 100 15.05 -3.38 46.55
CA ASN A 100 15.98 -2.61 47.41
C ASN A 100 17.13 -3.48 47.79
N THR A 101 17.31 -4.60 47.07
CA THR A 101 18.54 -5.41 47.17
C THR A 101 19.66 -4.57 46.65
N PRO A 102 20.91 -4.92 46.97
CA PRO A 102 22.03 -4.05 46.56
C PRO A 102 22.36 -4.05 45.06
N ILE A 103 21.66 -4.84 44.23
CA ILE A 103 21.90 -4.75 42.79
C ILE A 103 21.22 -3.48 42.21
N ASP A 104 20.16 -3.03 42.91
CA ASP A 104 19.36 -1.85 42.59
C ASP A 104 20.05 -0.50 42.89
N GLN A 105 21.31 -0.52 43.33
CA GLN A 105 22.17 0.65 43.37
C GLN A 105 23.09 0.83 42.11
N VAL A 106 22.93 -0.04 41.09
CA VAL A 106 23.74 0.02 39.86
C VAL A 106 22.76 0.47 38.81
N ASN A 107 23.16 1.35 37.89
CA ASN A 107 22.17 1.80 36.89
C ASN A 107 22.27 1.01 35.56
N LEU A 108 21.30 1.19 34.68
CA LEU A 108 21.15 0.39 33.48
C LEU A 108 22.31 0.62 32.51
N LEU A 109 22.85 1.84 32.52
CA LEU A 109 23.97 2.17 31.67
C LEU A 109 25.19 1.45 32.15
N GLN A 110 25.36 1.42 33.47
CA GLN A 110 26.44 0.69 34.09
C GLN A 110 26.33 -0.85 33.87
N LEU A 111 25.11 -1.39 33.94
CA LEU A 111 24.86 -2.81 33.57
C LEU A 111 25.32 -3.04 32.07
N ALA A 112 24.69 -2.28 31.17
CA ALA A 112 24.99 -2.30 29.71
C ALA A 112 26.43 -2.25 29.35
N THR A 113 27.20 -1.46 30.08
CA THR A 113 28.56 -1.18 29.77
C THR A 113 29.56 -1.75 30.79
N TYR A 114 29.15 -2.73 31.59
CA TYR A 114 30.10 -3.57 32.36
C TYR A 114 30.80 -2.89 33.56
N THR A 115 30.19 -1.86 34.17
CA THR A 115 30.86 -1.13 35.28
C THR A 115 30.13 -1.24 36.63
N SER A 116 29.38 -2.33 36.81
CA SER A 116 28.97 -2.77 38.12
C SER A 116 30.12 -2.82 39.16
N GLY A 117 31.33 -3.12 38.75
CA GLY A 117 32.44 -3.35 39.69
C GLY A 117 32.49 -4.76 40.33
N ASN A 118 31.40 -5.53 40.28
CA ASN A 118 31.52 -6.97 40.57
C ASN A 118 30.64 -7.98 39.80
N LEU A 119 30.85 -7.99 38.48
CA LEU A 119 30.31 -9.06 37.65
C LEU A 119 31.42 -9.57 36.73
N ALA A 120 31.51 -10.90 36.68
CA ALA A 120 32.48 -11.61 35.88
C ALA A 120 31.88 -11.97 34.49
N LEU A 121 32.69 -12.55 33.60
CA LEU A 121 32.26 -13.05 32.29
C LEU A 121 31.07 -13.98 32.33
N GLN A 122 31.10 -14.96 33.25
CA GLN A 122 30.02 -15.94 33.29
C GLN A 122 29.29 -15.92 34.58
N PHE A 123 28.04 -16.33 34.58
CA PHE A 123 27.45 -16.81 35.78
C PHE A 123 28.37 -17.92 36.38
N PRO A 124 28.05 -18.39 37.59
CA PRO A 124 28.65 -19.66 37.99
C PRO A 124 27.84 -20.84 37.40
N ASP A 125 28.55 -21.90 37.00
CA ASP A 125 27.94 -23.11 36.38
C ASP A 125 26.66 -23.57 37.06
N GLU A 126 26.74 -23.65 38.40
CA GLU A 126 25.59 -23.98 39.25
C GLU A 126 24.28 -23.25 38.88
N VAL A 127 24.35 -21.97 38.49
CA VAL A 127 23.15 -21.20 38.08
C VAL A 127 22.67 -21.59 36.70
N GLN A 128 21.35 -21.80 36.59
CA GLN A 128 20.74 -22.37 35.40
C GLN A 128 19.24 -22.04 35.32
N THR A 129 18.52 -22.28 36.41
CA THR A 129 17.08 -22.03 36.51
C THR A 129 16.80 -20.53 36.53
N ASP A 130 15.56 -20.17 36.22
CA ASP A 130 15.09 -18.79 36.43
C ASP A 130 15.13 -18.35 37.89
N GLN A 131 14.76 -19.26 38.80
CA GLN A 131 14.84 -19.01 40.25
C GLN A 131 16.28 -18.88 40.74
N GLN A 132 17.18 -19.72 40.22
CA GLN A 132 18.60 -19.61 40.54
C GLN A 132 19.20 -18.30 40.01
N VAL A 133 18.59 -17.73 38.96
CA VAL A 133 19.05 -16.46 38.36
C VAL A 133 18.65 -15.32 39.29
N LEU A 134 17.33 -15.20 39.48
CA LEU A 134 16.71 -14.23 40.41
C LEU A 134 17.26 -14.24 41.83
N THR A 135 17.65 -15.41 42.30
CA THR A 135 18.27 -15.65 43.61
C THR A 135 19.74 -15.15 43.67
N PHE A 136 20.49 -15.35 42.59
CA PHE A 136 21.86 -14.82 42.48
C PHE A 136 21.87 -13.28 42.40
N PHE A 137 20.79 -12.68 41.87
CA PHE A 137 20.69 -11.21 41.85
C PHE A 137 20.03 -10.67 43.13
N LYS A 138 19.15 -11.46 43.77
CA LYS A 138 18.65 -11.12 45.11
C LYS A 138 19.84 -11.06 46.09
N ASP A 139 20.73 -12.04 46.01
CA ASP A 139 21.94 -12.11 46.87
C ASP A 139 23.18 -11.41 46.33
N TRP A 140 23.06 -10.59 45.28
CA TRP A 140 24.23 -9.87 44.75
C TRP A 140 24.66 -8.75 45.71
N LYS A 141 25.96 -8.63 45.95
CA LYS A 141 26.49 -7.67 46.88
C LYS A 141 27.73 -7.07 46.24
N PRO A 142 27.96 -5.73 46.42
CA PRO A 142 29.05 -4.93 45.81
C PRO A 142 30.45 -5.46 45.83
N LYS A 143 31.35 -4.73 45.16
CA LYS A 143 32.81 -4.86 45.36
C LYS A 143 33.57 -3.58 44.97
N ASN A 144 33.90 -3.37 43.70
CA ASN A 144 34.66 -2.15 43.31
C ASN A 144 33.73 -0.92 43.30
N PRO A 145 34.31 0.32 43.37
CA PRO A 145 33.43 1.50 43.38
C PRO A 145 32.52 1.47 42.14
N ILE A 146 31.22 1.35 42.36
CA ILE A 146 30.29 1.21 41.24
C ILE A 146 30.51 2.31 40.21
N GLY A 147 30.70 1.90 38.97
CA GLY A 147 30.69 2.79 37.85
C GLY A 147 32.05 3.10 37.44
N GLU A 148 33.05 2.66 38.21
CA GLU A 148 34.43 3.07 37.95
C GLU A 148 35.31 2.04 37.22
N TYR A 149 34.93 0.76 37.29
CA TYR A 149 35.80 -0.34 36.76
C TYR A 149 35.07 -1.13 35.66
N ARG A 150 35.63 -1.20 34.45
CA ARG A 150 35.08 -2.07 33.39
C ARG A 150 35.60 -3.53 33.45
N GLN A 151 34.71 -4.49 33.56
CA GLN A 151 35.00 -5.92 33.36
C GLN A 151 33.96 -6.57 32.45
N TYR A 152 34.38 -7.10 31.30
CA TYR A 152 33.40 -7.62 30.28
C TYR A 152 32.54 -8.75 30.83
N SER A 153 31.23 -8.72 30.62
CA SER A 153 30.33 -9.64 31.37
C SER A 153 28.92 -10.02 30.84
N ASN A 154 28.68 -11.33 30.69
CA ASN A 154 27.43 -11.83 30.25
C ASN A 154 26.28 -11.60 31.22
N PRO A 155 26.51 -11.78 32.54
CA PRO A 155 25.41 -11.48 33.45
C PRO A 155 24.97 -10.00 33.49
N SER A 156 25.94 -9.10 33.41
CA SER A 156 25.70 -7.65 33.43
C SER A 156 24.81 -7.14 32.27
N ILE A 157 25.30 -7.36 31.04
CA ILE A 157 24.47 -7.02 29.86
C ILE A 157 23.28 -7.94 29.74
N GLY A 158 23.44 -9.17 30.19
CA GLY A 158 22.32 -10.09 30.35
C GLY A 158 21.23 -9.56 31.23
N LEU A 159 21.59 -8.92 32.36
CA LEU A 159 20.58 -8.30 33.26
C LEU A 159 19.91 -7.11 32.60
N PHE A 160 20.73 -6.27 31.95
CA PHE A 160 20.23 -5.12 31.16
C PHE A 160 19.21 -5.58 30.14
N GLY A 161 19.61 -6.60 29.38
CA GLY A 161 18.67 -7.25 28.45
C GLY A 161 17.33 -7.69 29.01
N LYS A 162 17.37 -8.42 30.14
CA LYS A 162 16.14 -8.91 30.79
C LYS A 162 15.26 -7.74 31.31
N VAL A 163 15.90 -6.77 31.93
CA VAL A 163 15.28 -5.50 32.37
C VAL A 163 14.63 -4.79 31.20
N VAL A 164 15.31 -4.73 30.05
CA VAL A 164 14.70 -4.19 28.80
C VAL A 164 13.46 -4.95 28.39
N ALA A 165 13.49 -6.29 28.45
CA ALA A 165 12.27 -7.08 28.11
C ALA A 165 11.13 -6.87 29.12
N LEU A 166 11.46 -6.71 30.41
CA LEU A 166 10.46 -6.36 31.43
C LEU A 166 9.79 -5.00 31.18
N SER A 167 10.58 -3.99 30.78
CA SER A 167 10.01 -2.68 30.44
C SER A 167 9.15 -2.72 29.19
N MET A 168 9.39 -3.67 28.29
CA MET A 168 8.54 -3.88 27.09
C MET A 168 7.43 -4.95 27.21
N ASN A 169 7.37 -5.64 28.36
CA ASN A 169 6.25 -6.52 28.71
C ASN A 169 6.19 -7.79 27.89
N LYS A 170 7.33 -8.19 27.33
CA LYS A 170 7.44 -9.29 26.39
C LYS A 170 8.75 -10.02 26.72
N PRO A 171 8.76 -11.36 26.66
CA PRO A 171 10.02 -12.01 27.05
C PRO A 171 11.09 -11.69 26.03
N PHE A 172 12.36 -11.76 26.42
CA PHE A 172 13.42 -11.19 25.62
C PHE A 172 13.46 -11.74 24.17
N ASP A 173 13.29 -13.05 24.02
CA ASP A 173 13.32 -13.66 22.70
C ASP A 173 12.27 -13.04 21.76
N GLN A 174 11.13 -12.66 22.31
CA GLN A 174 10.08 -12.02 21.50
C GLN A 174 10.38 -10.57 21.19
N VAL A 175 11.11 -9.87 22.04
CA VAL A 175 11.45 -8.47 21.77
C VAL A 175 12.24 -8.41 20.45
N LEU A 176 13.24 -9.27 20.34
CA LEU A 176 14.03 -9.33 19.11
C LEU A 176 13.21 -9.84 17.92
N GLU A 177 12.59 -11.01 18.04
CA GLU A 177 12.00 -11.66 16.87
C GLU A 177 10.71 -10.99 16.33
N LYS A 178 9.93 -10.32 17.20
CA LYS A 178 8.73 -9.60 16.76
C LYS A 178 8.90 -8.10 16.65
N THR A 179 9.84 -7.53 17.40
CA THR A 179 10.02 -6.10 17.37
C THR A 179 11.30 -5.71 16.68
N ILE A 180 12.46 -6.06 17.24
CA ILE A 180 13.71 -5.50 16.72
C ILE A 180 14.08 -6.01 15.31
N PHE A 181 14.06 -7.32 15.10
CA PHE A 181 14.49 -7.86 13.79
C PHE A 181 13.64 -7.36 12.63
N PRO A 182 12.29 -7.43 12.76
CA PRO A 182 11.48 -6.85 11.68
C PRO A 182 11.76 -5.36 11.40
N ALA A 183 11.88 -4.54 12.44
CA ALA A 183 12.26 -3.13 12.27
C ALA A 183 13.60 -2.90 11.51
N LEU A 184 14.55 -3.83 11.67
CA LEU A 184 15.85 -3.82 10.95
C LEU A 184 15.88 -4.45 9.53
N GLY A 185 14.76 -5.05 9.11
CA GLY A 185 14.68 -5.78 7.83
C GLY A 185 15.35 -7.15 7.82
N LEU A 186 15.49 -7.77 8.98
CA LEU A 186 16.19 -9.02 9.06
C LEU A 186 15.19 -10.17 8.92
N LYS A 187 15.39 -11.03 7.91
CA LYS A 187 14.40 -12.07 7.59
C LYS A 187 14.73 -13.43 8.22
N HIS A 188 16.01 -13.65 8.57
CA HIS A 188 16.50 -14.96 9.05
C HIS A 188 17.52 -14.83 10.22
N SER A 189 17.15 -14.01 11.16
CA SER A 189 17.90 -13.84 12.40
C SER A 189 16.96 -14.31 13.53
N TYR A 190 17.44 -15.10 14.49
CA TYR A 190 16.56 -15.83 15.43
C TYR A 190 17.25 -15.92 16.75
N VAL A 191 16.50 -15.84 17.86
CA VAL A 191 17.00 -16.36 19.15
C VAL A 191 16.82 -17.87 19.17
N ASN A 192 15.72 -18.35 18.60
CA ASN A 192 15.47 -19.79 18.46
C ASN A 192 15.19 -20.18 17.01
N VAL A 193 16.09 -20.99 16.44
CA VAL A 193 15.94 -21.38 15.03
C VAL A 193 14.74 -22.30 14.93
N PRO A 194 13.67 -21.89 14.25
CA PRO A 194 12.56 -22.85 14.15
C PRO A 194 12.88 -24.11 13.33
N LYS A 195 11.90 -25.02 13.33
CA LYS A 195 11.96 -26.33 12.67
C LYS A 195 12.21 -26.22 11.17
N THR A 196 11.50 -25.34 10.48
CA THR A 196 11.66 -25.18 9.02
C THR A 196 13.03 -24.66 8.57
N GLN A 197 13.84 -24.18 9.51
CA GLN A 197 15.14 -23.59 9.22
C GLN A 197 16.29 -24.42 9.70
N MET A 198 16.04 -25.53 10.43
CA MET A 198 17.13 -26.35 10.99
C MET A 198 18.11 -26.93 9.95
N GLN A 199 17.60 -27.28 8.77
CA GLN A 199 18.43 -27.60 7.61
C GLN A 199 19.50 -26.49 7.26
N ASN A 200 19.21 -25.20 7.48
CA ASN A 200 20.18 -24.07 7.26
C ASN A 200 21.09 -23.70 8.42
N TYR A 201 20.82 -24.24 9.60
CA TYR A 201 21.65 -24.02 10.77
C TYR A 201 22.90 -24.83 10.59
N ALA A 202 24.05 -24.14 10.49
CA ALA A 202 25.34 -24.78 10.46
C ALA A 202 25.67 -25.55 11.75
N PHE A 203 26.50 -26.60 11.63
CA PHE A 203 27.29 -27.06 12.73
C PHE A 203 28.50 -26.14 13.00
N GLY A 204 28.78 -25.91 14.28
CA GLY A 204 30.03 -25.37 14.70
C GLY A 204 30.93 -26.54 14.90
N TYR A 205 32.22 -26.28 14.99
CA TYR A 205 33.22 -27.29 15.15
C TYR A 205 34.17 -26.84 16.23
N ASN A 206 34.33 -27.67 17.27
CA ASN A 206 35.16 -27.33 18.44
C ASN A 206 36.59 -27.53 18.04
N GLN A 207 37.54 -27.40 18.96
CA GLN A 207 38.96 -27.62 18.58
C GLN A 207 39.34 -29.09 18.28
N GLU A 208 38.45 -30.05 18.55
CA GLU A 208 38.66 -31.44 18.13
C GLU A 208 37.91 -31.76 16.82
N ASN A 209 37.63 -30.72 16.03
CA ASN A 209 36.67 -30.74 14.91
C ASN A 209 35.40 -31.57 15.09
N GLN A 210 34.86 -31.60 16.32
CA GLN A 210 33.57 -32.28 16.53
C GLN A 210 32.46 -31.27 16.24
N PRO A 211 31.41 -31.69 15.53
CA PRO A 211 30.27 -30.82 15.27
C PRO A 211 29.43 -30.55 16.54
N ILE A 212 29.16 -29.28 16.82
CA ILE A 212 28.52 -28.84 18.09
C ILE A 212 27.71 -27.60 17.79
N ARG A 213 26.78 -27.27 18.71
CA ARG A 213 26.02 -26.00 18.68
C ARG A 213 26.06 -25.40 20.06
N VAL A 214 25.37 -24.31 20.27
CA VAL A 214 25.53 -23.56 21.53
C VAL A 214 24.75 -24.27 22.64
N ASN A 215 25.33 -24.39 23.84
CA ASN A 215 24.58 -24.98 25.03
C ASN A 215 23.60 -23.98 25.68
N PRO A 216 22.36 -24.42 26.04
CA PRO A 216 21.51 -23.57 26.90
C PRO A 216 22.26 -23.02 28.14
N GLY A 217 21.96 -21.80 28.55
CA GLY A 217 22.61 -21.15 29.70
C GLY A 217 21.77 -20.01 30.22
N PRO A 218 22.11 -19.48 31.40
CA PRO A 218 21.30 -18.44 32.05
C PRO A 218 21.44 -17.07 31.37
N LEU A 219 20.30 -16.46 31.03
CA LEU A 219 20.26 -15.25 30.25
C LEU A 219 21.27 -15.36 29.10
N ASP A 220 21.11 -16.43 28.32
CA ASP A 220 21.95 -16.64 27.15
C ASP A 220 21.44 -15.80 25.98
N ALA A 221 20.15 -15.62 25.83
CA ALA A 221 19.66 -14.89 24.66
C ALA A 221 20.27 -13.47 24.56
N PRO A 222 20.18 -12.65 25.62
CA PRO A 222 20.73 -11.29 25.52
C PRO A 222 22.25 -11.16 25.46
N ALA A 223 23.00 -12.17 25.86
CA ALA A 223 24.45 -12.04 25.93
C ALA A 223 25.23 -12.71 24.80
N TYR A 224 24.69 -13.75 24.21
CA TYR A 224 25.42 -14.48 23.17
C TYR A 224 24.56 -15.42 22.34
N GLY A 225 23.27 -15.22 22.31
CA GLY A 225 22.37 -16.25 21.78
C GLY A 225 21.60 -15.93 20.50
N VAL A 226 22.10 -14.98 19.67
CA VAL A 226 21.49 -14.70 18.35
C VAL A 226 22.21 -15.51 17.23
N LYS A 227 21.39 -15.96 16.31
CA LYS A 227 21.83 -16.68 15.14
C LYS A 227 21.32 -15.87 13.93
N SER A 228 22.20 -15.68 12.94
CA SER A 228 21.84 -14.95 11.73
C SER A 228 22.54 -15.52 10.51
N THR A 229 22.13 -15.00 9.34
CA THR A 229 22.81 -15.29 8.07
C THR A 229 23.70 -14.15 7.61
N LEU A 230 24.57 -14.39 6.62
CA LEU A 230 25.36 -13.30 6.05
C LEU A 230 24.52 -12.17 5.44
N PRO A 231 23.48 -12.50 4.61
CA PRO A 231 22.70 -11.34 4.10
C PRO A 231 22.11 -10.47 5.21
N ASP A 232 21.66 -11.12 6.27
CA ASP A 232 21.04 -10.41 7.36
C ASP A 232 22.04 -9.51 8.08
N MET A 233 23.22 -10.04 8.37
CA MET A 233 24.23 -9.22 9.02
C MET A 233 24.66 -8.04 8.16
N LEU A 234 24.67 -8.20 6.83
CA LEU A 234 24.96 -7.07 5.95
C LEU A 234 23.81 -6.05 6.02
N SER A 235 22.57 -6.52 6.17
CA SER A 235 21.45 -5.62 6.40
C SER A 235 21.64 -4.84 7.71
N PHE A 236 22.05 -5.52 8.78
CA PHE A 236 22.31 -4.90 10.07
C PHE A 236 23.39 -3.83 10.00
N ILE A 237 24.47 -4.13 9.30
CA ILE A 237 25.54 -3.17 9.03
C ILE A 237 25.05 -1.98 8.17
N HIS A 238 24.22 -2.30 7.19
CA HIS A 238 23.56 -1.25 6.40
C HIS A 238 22.79 -0.26 7.28
N ALA A 239 21.99 -0.81 8.20
CA ALA A 239 21.25 -0.01 9.14
C ALA A 239 22.15 0.87 9.98
N ASN A 240 23.29 0.33 10.43
CA ASN A 240 24.24 1.11 11.25
C ASN A 240 24.93 2.25 10.44
N LEU A 241 25.14 1.99 9.16
CA LEU A 241 25.74 2.98 8.30
C LEU A 241 24.69 4.04 7.84
N ASN A 242 23.39 3.70 7.89
CA ASN A 242 22.27 4.54 7.36
C ASN A 242 21.00 4.55 8.24
N PRO A 243 21.12 4.88 9.52
CA PRO A 243 19.92 4.85 10.34
C PRO A 243 18.80 5.85 9.92
N GLN A 244 19.16 6.98 9.30
CA GLN A 244 18.16 7.93 8.79
C GLN A 244 17.10 7.33 7.86
N LYS A 245 17.34 6.19 7.20
CA LYS A 245 16.34 5.58 6.28
C LYS A 245 15.32 4.65 6.96
N TYR A 246 15.47 4.44 8.27
CA TYR A 246 14.71 3.42 9.00
C TYR A 246 13.61 4.10 9.77
N PRO A 247 12.70 3.34 10.35
CA PRO A 247 11.69 3.92 11.21
C PRO A 247 12.26 4.67 12.44
N THR A 248 11.61 5.78 12.82
CA THR A 248 12.07 6.66 13.90
C THR A 248 12.57 5.91 15.13
N ASP A 249 11.81 4.94 15.61
CA ASP A 249 12.14 4.25 16.85
C ASP A 249 13.52 3.50 16.77
N ILE A 250 13.65 2.70 15.71
CA ILE A 250 14.87 1.91 15.45
C ILE A 250 16.06 2.83 15.09
N GLN A 251 15.79 3.92 14.38
CA GLN A 251 16.84 4.88 14.03
C GLN A 251 17.45 5.57 15.25
N ARG A 252 16.60 5.93 16.19
CA ARG A 252 17.00 6.50 17.43
C ARG A 252 17.75 5.43 18.22
N ALA A 253 17.27 4.20 18.17
CA ALA A 253 17.98 3.09 18.88
C ALA A 253 19.41 2.89 18.41
N ILE A 254 19.59 2.91 17.07
CA ILE A 254 20.90 2.74 16.43
C ILE A 254 21.82 3.88 16.78
N ASN A 255 21.34 5.12 16.69
CA ASN A 255 22.17 6.25 17.17
C ASN A 255 22.61 6.21 18.61
N GLU A 256 21.70 5.78 19.48
CA GLU A 256 21.99 5.51 20.86
C GLU A 256 23.16 4.54 21.04
N THR A 257 23.25 3.50 20.22
CA THR A 257 24.34 2.52 20.37
C THR A 257 25.66 3.02 19.91
N HIS A 258 25.69 4.10 19.12
CA HIS A 258 26.94 4.67 18.62
C HIS A 258 27.60 5.67 19.62
N GLN A 259 26.92 6.03 20.68
CA GLN A 259 27.50 7.11 21.53
C GLN A 259 28.53 6.48 22.48
N GLY A 260 29.77 6.86 22.34
CA GLY A 260 30.82 6.53 23.32
C GLY A 260 30.46 6.99 24.72
N ARG A 261 30.65 6.13 25.71
CA ARG A 261 30.31 6.46 27.09
C ARG A 261 31.52 6.80 27.95
N TYR A 262 32.59 6.06 27.77
CA TYR A 262 33.84 6.25 28.52
C TYR A 262 34.95 5.70 27.67
N GLN A 263 36.19 6.04 28.00
CA GLN A 263 37.29 5.34 27.44
C GLN A 263 37.99 4.43 28.46
N VAL A 264 38.64 3.43 27.86
CA VAL A 264 39.52 2.53 28.51
C VAL A 264 40.65 2.59 27.53
N ASN A 265 41.44 3.65 27.72
CA ASN A 265 42.57 4.01 26.89
C ASN A 265 42.05 4.39 25.50
N THR A 266 42.44 3.64 24.45
CA THR A 266 42.13 3.98 23.05
C THR A 266 40.83 3.35 22.58
N MET A 267 40.28 2.44 23.39
CA MET A 267 38.95 1.91 23.14
C MET A 267 37.97 2.85 23.85
N TYR A 268 36.96 3.32 23.13
CA TYR A 268 35.80 3.96 23.73
C TYR A 268 34.73 2.89 23.78
N GLN A 269 34.05 2.76 24.90
CA GLN A 269 32.97 1.78 25.05
C GLN A 269 31.68 2.49 24.70
N ALA A 270 30.89 1.92 23.79
CA ALA A 270 29.54 2.36 23.55
C ALA A 270 28.58 1.29 24.00
N LEU A 271 27.36 1.29 23.46
CA LEU A 271 26.38 0.32 23.91
C LEU A 271 26.54 -0.87 22.98
N GLY A 272 27.23 -1.93 23.46
CA GLY A 272 27.64 -3.06 22.61
C GLY A 272 28.85 -2.80 21.78
N TRP A 273 28.72 -1.87 20.83
CA TRP A 273 29.89 -1.49 20.02
C TRP A 273 31.10 -0.96 20.80
N GLU A 274 32.28 -1.38 20.36
CA GLU A 274 33.53 -0.76 20.67
C GLU A 274 33.76 0.33 19.62
N GLU A 275 34.27 1.49 20.02
CA GLU A 275 34.42 2.69 19.15
C GLU A 275 35.84 3.20 19.14
N PHE A 276 36.31 3.65 17.97
CA PHE A 276 37.67 4.11 17.86
C PHE A 276 37.68 5.34 17.06
N SER A 277 38.74 6.14 17.28
CA SER A 277 39.02 7.24 16.40
C SER A 277 39.52 6.62 15.11
N TYR A 278 39.14 7.22 13.98
CA TYR A 278 39.46 6.72 12.67
C TYR A 278 40.31 7.75 11.94
N PRO A 279 41.42 7.34 11.31
CA PRO A 279 41.78 5.94 11.14
C PRO A 279 42.41 5.39 12.42
N ALA A 280 42.22 4.12 12.65
CA ALA A 280 42.83 3.51 13.82
C ALA A 280 43.99 2.67 13.31
N THR A 281 45.11 2.69 14.03
CA THR A 281 46.14 1.66 13.79
C THR A 281 45.63 0.27 14.08
N LEU A 282 46.17 -0.71 13.36
CA LEU A 282 45.86 -2.13 13.62
C LEU A 282 45.96 -2.55 15.09
N GLN A 283 47.07 -2.15 15.71
CA GLN A 283 47.34 -2.56 17.09
C GLN A 283 46.34 -1.97 18.07
N THR A 284 45.87 -0.77 17.77
CA THR A 284 44.74 -0.22 18.58
C THR A 284 43.51 -1.17 18.47
N LEU A 285 43.19 -1.63 17.26
CA LEU A 285 42.07 -2.61 17.07
C LEU A 285 42.38 -3.94 17.80
N LEU A 286 43.62 -4.42 17.73
CA LEU A 286 44.00 -5.67 18.51
C LEU A 286 43.86 -5.56 20.02
N ASP A 287 44.36 -4.48 20.63
CA ASP A 287 44.30 -4.27 22.11
C ASP A 287 42.87 -4.27 22.68
N SER A 288 41.89 -3.80 21.88
CA SER A 288 40.50 -3.92 22.30
C SER A 288 40.18 -5.33 22.67
N ASN A 289 40.81 -6.33 22.06
CA ASN A 289 40.46 -7.71 22.52
C ASN A 289 41.59 -8.48 23.22
N SER A 290 42.65 -7.76 23.65
CA SER A 290 43.71 -8.29 24.54
C SER A 290 43.14 -8.78 25.84
N GLU A 291 43.76 -9.80 26.43
CA GLU A 291 43.21 -10.48 27.63
C GLU A 291 42.91 -9.53 28.81
N GLN A 292 43.79 -8.56 28.92
CA GLN A 292 43.77 -7.45 29.87
C GLN A 292 42.43 -6.74 29.75
N ILE A 293 42.12 -6.29 28.52
CA ILE A 293 40.82 -5.64 28.23
C ILE A 293 39.65 -6.58 28.45
N VAL A 294 39.70 -7.84 27.96
CA VAL A 294 38.53 -8.80 27.93
C VAL A 294 38.27 -9.55 29.26
N MET A 295 39.31 -9.97 29.96
CA MET A 295 39.13 -10.90 31.14
C MET A 295 39.33 -10.25 32.53
N LYS A 296 40.33 -9.38 32.65
CA LYS A 296 40.69 -8.64 33.89
C LYS A 296 39.95 -7.27 34.03
N PRO A 297 39.39 -6.94 35.24
CA PRO A 297 38.75 -5.58 35.42
C PRO A 297 39.69 -4.44 35.09
N ASN A 298 39.18 -3.31 34.59
CA ASN A 298 40.02 -2.13 34.21
C ASN A 298 39.28 -0.82 34.60
N LYS A 299 40.03 0.21 34.99
CA LYS A 299 39.45 1.45 35.48
C LYS A 299 39.14 2.36 34.31
N VAL A 300 37.93 2.88 34.28
CA VAL A 300 37.56 3.79 33.16
C VAL A 300 37.83 5.29 33.42
N THR A 301 38.33 5.98 32.39
CA THR A 301 38.39 7.43 32.35
C THR A 301 37.36 8.02 31.40
N ALA A 302 37.05 9.29 31.65
CA ALA A 302 36.02 9.98 30.89
C ALA A 302 36.57 10.23 29.52
N ILE A 303 35.70 10.27 28.53
CA ILE A 303 36.06 10.68 27.18
C ILE A 303 36.69 12.05 27.25
N SER A 304 37.89 12.15 26.70
CA SER A 304 38.61 13.39 26.65
C SER A 304 38.56 13.90 25.21
N LYS A 305 39.19 13.17 24.29
CA LYS A 305 39.05 13.46 22.86
C LYS A 305 37.74 12.77 22.33
N GLU A 306 36.76 13.58 21.96
CA GLU A 306 35.56 13.12 21.30
C GLU A 306 36.01 12.83 19.86
N PRO A 307 36.03 11.55 19.43
CA PRO A 307 36.61 11.40 18.08
C PRO A 307 35.72 12.06 16.99
N SER A 308 36.34 12.68 16.01
CA SER A 308 35.64 13.39 14.95
C SER A 308 35.03 12.39 13.95
N VAL A 309 35.91 11.56 13.40
CA VAL A 309 35.63 10.54 12.39
C VAL A 309 35.81 9.20 13.15
N LYS A 310 34.73 8.42 13.31
CA LYS A 310 34.72 7.26 14.15
C LYS A 310 34.63 5.94 13.39
N MET A 311 35.06 4.83 14.00
CA MET A 311 34.80 3.49 13.46
C MET A 311 34.39 2.57 14.58
N TYR A 312 33.66 1.52 14.28
CA TYR A 312 33.15 0.64 15.32
C TYR A 312 33.45 -0.80 15.00
N HIS A 313 33.66 -1.62 16.04
CA HIS A 313 33.78 -3.06 15.85
C HIS A 313 33.29 -3.87 17.05
N LYS A 314 33.01 -5.13 16.80
CA LYS A 314 32.76 -6.14 17.83
C LYS A 314 33.08 -7.57 17.33
N THR A 315 33.78 -8.34 18.16
CA THR A 315 34.01 -9.76 17.97
C THR A 315 32.99 -10.56 18.76
N GLY A 316 32.73 -11.77 18.31
CA GLY A 316 31.87 -12.71 19.03
C GLY A 316 32.34 -14.13 18.80
N SER A 317 31.98 -15.01 19.75
CA SER A 317 32.34 -16.41 19.78
C SER A 317 31.36 -17.22 20.63
N THR A 318 30.86 -18.35 20.09
CA THR A 318 30.40 -19.51 20.89
C THR A 318 31.52 -20.55 20.76
N SER A 319 31.44 -21.75 21.35
CA SER A 319 32.63 -22.64 21.26
C SER A 319 32.83 -23.23 19.84
N GLY A 320 31.77 -23.26 19.02
CA GLY A 320 31.85 -23.74 17.64
C GLY A 320 31.88 -22.67 16.51
N PHE A 321 31.81 -21.39 16.84
CA PHE A 321 31.63 -20.30 15.85
C PHE A 321 32.43 -19.03 16.15
N GLY A 322 32.87 -18.33 15.10
CA GLY A 322 33.55 -17.03 15.18
C GLY A 322 32.81 -15.97 14.37
N THR A 323 32.71 -14.75 14.92
CA THR A 323 32.09 -13.62 14.26
C THR A 323 32.94 -12.37 14.42
N TYR A 324 32.97 -11.54 13.37
CA TYR A 324 33.53 -10.19 13.49
C TYR A 324 32.78 -9.25 12.59
N VAL A 325 32.58 -8.04 13.09
CA VAL A 325 31.76 -7.00 12.46
C VAL A 325 32.47 -5.65 12.74
N VAL A 326 32.54 -4.82 11.70
CA VAL A 326 33.26 -3.56 11.71
C VAL A 326 32.53 -2.62 10.69
N PHE A 327 32.37 -1.35 11.02
CA PHE A 327 31.88 -0.34 10.06
C PHE A 327 32.46 1.05 10.35
N ILE A 328 32.61 1.80 9.25
CA ILE A 328 33.13 3.15 9.26
C ILE A 328 32.15 4.08 8.53
N PRO A 329 31.29 4.81 9.28
CA PRO A 329 30.19 5.57 8.64
C PRO A 329 30.61 6.54 7.55
N LYS A 330 31.77 7.18 7.75
CA LYS A 330 32.26 8.27 6.89
C LYS A 330 32.93 7.77 5.63
N GLU A 331 33.50 6.56 5.65
CA GLU A 331 33.85 5.88 4.39
C GLU A 331 32.69 5.10 3.80
N ASN A 332 31.52 5.10 4.44
CA ASN A 332 30.36 4.28 4.00
C ASN A 332 30.68 2.80 3.65
N ILE A 333 31.52 2.17 4.47
CA ILE A 333 31.89 0.74 4.31
C ILE A 333 31.82 -0.05 5.63
N GLY A 334 31.70 -1.35 5.46
CA GLY A 334 31.69 -2.28 6.53
C GLY A 334 31.96 -3.70 6.05
N LEU A 335 32.26 -4.56 7.01
CA LEU A 335 32.60 -5.95 6.79
C LEU A 335 32.01 -6.82 7.90
N VAL A 336 31.55 -7.99 7.52
CA VAL A 336 31.16 -9.03 8.42
C VAL A 336 31.87 -10.31 8.01
N MET A 337 32.37 -11.04 9.01
CA MET A 337 32.94 -12.36 8.83
C MET A 337 32.26 -13.25 9.78
N LEU A 338 31.79 -14.39 9.29
CA LEU A 338 31.21 -15.46 10.12
C LEU A 338 31.91 -16.78 9.79
N THR A 339 32.21 -17.58 10.80
CA THR A 339 32.89 -18.86 10.61
C THR A 339 32.25 -19.88 11.54
N ASN A 340 32.29 -21.15 11.12
CA ASN A 340 31.82 -22.24 11.95
C ASN A 340 32.98 -23.02 12.57
N LYS A 341 34.01 -22.28 12.88
CA LYS A 341 35.02 -22.67 13.82
C LYS A 341 35.68 -21.39 14.32
N ARG A 342 36.00 -21.34 15.61
CA ARG A 342 36.62 -20.14 16.22
C ARG A 342 38.01 -20.04 15.65
N ILE A 343 38.41 -18.86 15.17
CA ILE A 343 39.80 -18.53 14.87
C ILE A 343 40.16 -17.40 15.82
N PRO A 344 41.45 -17.13 15.98
CA PRO A 344 41.82 -16.09 16.99
C PRO A 344 41.31 -14.73 16.60
N ASN A 345 40.77 -14.02 17.57
CA ASN A 345 40.19 -12.69 17.36
C ASN A 345 41.19 -11.86 16.57
N GLU A 346 42.45 -11.98 16.91
CA GLU A 346 43.53 -11.23 16.20
C GLU A 346 43.53 -11.35 14.66
N GLU A 347 43.22 -12.58 14.20
CA GLU A 347 43.21 -12.88 12.77
C GLU A 347 41.97 -12.28 12.11
N ARG A 348 40.87 -12.28 12.82
CA ARG A 348 39.66 -11.66 12.27
C ARG A 348 39.91 -10.19 12.01
N ILE A 349 40.53 -9.55 13.00
CA ILE A 349 40.68 -8.10 13.00
C ILE A 349 41.61 -7.64 11.92
N LYS A 350 42.73 -8.34 11.79
CA LYS A 350 43.76 -8.04 10.78
C LYS A 350 43.28 -8.19 9.37
N ALA A 351 42.64 -9.28 9.03
CA ALA A 351 42.20 -9.39 7.63
C ALA A 351 41.24 -8.29 7.23
N ALA A 352 40.30 -8.00 8.12
CA ALA A 352 39.33 -6.93 7.90
C ALA A 352 40.02 -5.61 7.68
N TYR A 353 41.06 -5.39 8.45
CA TYR A 353 41.85 -4.16 8.36
C TYR A 353 42.46 -3.95 6.98
N VAL A 354 43.10 -5.00 6.48
CA VAL A 354 43.68 -4.99 5.16
C VAL A 354 42.60 -4.84 4.09
N VAL A 355 41.46 -5.52 4.20
CA VAL A 355 40.46 -5.42 3.11
C VAL A 355 39.88 -3.99 3.00
N LEU A 356 39.36 -3.47 4.11
CA LEU A 356 38.81 -2.08 4.17
C LEU A 356 39.79 -0.95 3.84
N ASN A 357 41.04 -1.08 4.29
CA ASN A 357 42.05 -0.07 4.03
C ASN A 357 42.49 -0.08 2.57
N ALA A 358 42.36 -1.24 1.93
CA ALA A 358 42.75 -1.39 0.53
C ALA A 358 41.66 -0.86 -0.40
N ILE A 359 40.42 -0.80 0.07
CA ILE A 359 39.32 -0.25 -0.72
C ILE A 359 39.05 1.20 -0.31
N LYS A 360 40.07 1.89 0.12
CA LYS A 360 40.05 3.27 0.60
C LYS A 360 39.13 3.38 1.80
N THR B 4 26.83 24.83 -45.05
CA THR B 4 26.06 23.83 -44.24
C THR B 4 24.97 24.56 -43.43
N PRO B 5 23.69 24.14 -43.56
CA PRO B 5 22.62 24.77 -42.79
C PRO B 5 22.79 24.70 -41.26
N LYS B 6 22.17 25.65 -40.58
CA LYS B 6 22.23 25.76 -39.13
C LYS B 6 21.85 24.45 -38.41
N ASP B 7 20.73 23.84 -38.80
CA ASP B 7 20.29 22.59 -38.20
C ASP B 7 21.35 21.44 -38.24
N GLN B 8 22.20 21.40 -39.27
CA GLN B 8 23.18 20.32 -39.43
C GLN B 8 24.37 20.60 -38.59
N GLU B 9 24.72 21.88 -38.44
CA GLU B 9 25.79 22.29 -37.57
C GLU B 9 25.52 21.90 -36.10
N ILE B 10 24.26 22.05 -35.68
CA ILE B 10 23.83 21.72 -34.32
C ILE B 10 23.86 20.22 -34.16
N LYS B 11 23.21 19.49 -35.09
CA LYS B 11 23.30 18.03 -35.12
C LYS B 11 24.74 17.54 -35.00
N LYS B 12 25.62 18.07 -35.84
CA LYS B 12 27.03 17.64 -35.79
C LYS B 12 27.65 17.86 -34.38
N LEU B 13 27.43 19.03 -33.78
CA LEU B 13 27.94 19.33 -32.43
C LEU B 13 27.41 18.36 -31.40
N VAL B 14 26.13 18.01 -31.54
CA VAL B 14 25.46 17.06 -30.64
C VAL B 14 25.97 15.62 -30.91
N ASP B 15 26.40 15.34 -32.16
CA ASP B 15 26.98 14.02 -32.49
C ASP B 15 28.37 13.85 -31.87
N GLN B 16 29.14 14.91 -31.85
CA GLN B 16 30.49 14.91 -31.30
C GLN B 16 30.48 14.81 -29.80
N ASN B 17 29.50 15.46 -29.16
CA ASN B 17 29.51 15.58 -27.70
C ASN B 17 28.53 14.71 -26.91
N PHE B 18 27.37 14.41 -27.46
CA PHE B 18 26.37 13.62 -26.76
C PHE B 18 26.32 12.18 -27.28
N LYS B 19 26.46 11.97 -28.56
CA LYS B 19 26.37 10.58 -29.10
C LYS B 19 27.37 9.58 -28.52
N PRO B 20 28.62 9.98 -28.27
CA PRO B 20 29.58 8.98 -27.72
C PRO B 20 29.30 8.54 -26.32
N LEU B 21 28.48 9.31 -25.60
CA LEU B 21 28.00 8.90 -24.30
C LEU B 21 27.16 7.60 -24.38
N LEU B 22 26.46 7.36 -25.50
CA LEU B 22 25.55 6.18 -25.64
C LEU B 22 26.32 4.87 -25.53
N GLU B 23 27.37 4.74 -26.34
CA GLU B 23 28.31 3.62 -26.23
C GLU B 23 29.12 3.59 -24.93
N LYS B 24 29.71 4.71 -24.52
CA LYS B 24 30.52 4.73 -23.31
C LYS B 24 29.80 4.14 -22.11
N TYR B 25 28.60 4.64 -21.86
CA TYR B 25 27.77 4.20 -20.76
C TYR B 25 26.67 3.14 -21.07
N ASP B 26 26.60 2.59 -22.28
CA ASP B 26 25.60 1.57 -22.63
C ASP B 26 24.14 2.09 -22.40
N VAL B 27 23.82 3.22 -23.01
CA VAL B 27 22.53 3.91 -22.76
C VAL B 27 21.58 3.54 -23.89
N PRO B 28 20.42 2.92 -23.61
CA PRO B 28 19.67 2.53 -24.80
C PRO B 28 19.14 3.71 -25.65
N GLY B 29 18.69 4.82 -25.06
CA GLY B 29 18.13 5.95 -25.83
C GLY B 29 18.34 7.36 -25.24
N MET B 30 18.43 8.35 -26.12
CA MET B 30 18.64 9.72 -25.72
C MET B 30 17.86 10.67 -26.64
N ALA B 31 17.44 11.80 -26.10
CA ALA B 31 16.89 12.95 -26.87
C ALA B 31 17.58 14.21 -26.42
N VAL B 32 18.06 15.00 -27.38
CA VAL B 32 18.83 16.17 -27.09
C VAL B 32 18.15 17.24 -27.92
N GLY B 33 17.75 18.33 -27.27
CA GLY B 33 17.17 19.44 -27.94
C GLY B 33 17.90 20.71 -27.62
N VAL B 34 17.94 21.58 -28.63
CA VAL B 34 18.51 22.93 -28.51
C VAL B 34 17.43 23.91 -28.94
N ILE B 35 17.34 25.01 -28.22
CA ILE B 35 16.52 26.16 -28.63
C ILE B 35 17.44 27.35 -28.74
N GLN B 36 17.40 27.99 -29.90
CA GLN B 36 18.16 29.21 -30.17
C GLN B 36 17.28 30.20 -30.97
N ASN B 37 17.13 31.40 -30.40
CA ASN B 37 16.32 32.45 -31.01
C ASN B 37 14.94 31.96 -31.46
N ASN B 38 14.20 31.31 -30.58
CA ASN B 38 12.87 30.76 -30.97
C ASN B 38 12.85 29.64 -32.05
N LYS B 39 14.00 29.11 -32.42
CA LYS B 39 14.12 27.94 -33.29
C LYS B 39 14.62 26.75 -32.46
N LYS B 40 13.86 25.69 -32.62
CA LYS B 40 14.03 24.41 -31.97
C LYS B 40 14.73 23.48 -32.94
N TYR B 41 15.65 22.70 -32.35
CA TYR B 41 16.29 21.60 -32.99
C TYR B 41 16.16 20.35 -32.06
N GLU B 42 15.61 19.28 -32.62
CA GLU B 42 15.44 18.02 -31.95
C GLU B 42 16.26 16.89 -32.61
N MET B 43 17.02 16.18 -31.77
CA MET B 43 17.79 15.00 -32.15
C MET B 43 17.49 13.82 -31.25
N TYR B 44 17.24 12.65 -31.85
CA TYR B 44 16.84 11.46 -31.10
C TYR B 44 17.76 10.28 -31.46
N TYR B 45 18.03 9.40 -30.50
CA TYR B 45 19.04 8.38 -30.71
C TYR B 45 18.56 7.17 -30.03
N GLY B 46 18.74 6.01 -30.65
CA GLY B 46 18.44 4.75 -29.95
C GLY B 46 17.00 4.42 -29.67
N LEU B 47 16.79 3.65 -28.62
CA LEU B 47 15.52 2.98 -28.35
C LEU B 47 14.88 3.45 -27.05
N GLN B 48 13.56 3.71 -27.06
CA GLN B 48 12.77 3.92 -25.86
C GLN B 48 12.44 2.65 -25.10
N SER B 49 12.26 1.56 -25.86
CA SER B 49 12.16 0.20 -25.30
C SER B 49 13.08 -0.69 -26.11
N VAL B 50 14.04 -1.29 -25.45
CA VAL B 50 14.87 -2.32 -26.05
C VAL B 50 14.07 -3.54 -26.50
N GLN B 51 13.27 -4.14 -25.61
CA GLN B 51 12.57 -5.36 -25.94
C GLN B 51 11.52 -5.19 -27.03
N ASP B 52 10.89 -4.04 -27.14
CA ASP B 52 9.84 -3.79 -28.14
C ASP B 52 10.42 -3.18 -29.39
N LYS B 53 11.75 -2.88 -29.39
CA LYS B 53 12.46 -2.27 -30.55
C LYS B 53 11.79 -0.97 -31.01
N LYS B 54 11.36 -0.12 -30.08
CA LYS B 54 10.71 1.15 -30.42
C LYS B 54 11.76 2.24 -30.28
N ALA B 55 12.02 2.95 -31.38
CA ALA B 55 12.90 4.07 -31.46
C ALA B 55 12.46 5.30 -30.65
N VAL B 56 13.43 6.04 -30.15
CA VAL B 56 13.14 7.25 -29.43
C VAL B 56 12.74 8.29 -30.46
N ASN B 57 11.66 9.01 -30.19
CA ASN B 57 11.20 10.01 -31.15
C ASN B 57 10.49 11.15 -30.42
N SER B 58 9.87 12.08 -31.17
CA SER B 58 9.25 13.26 -30.59
C SER B 58 8.15 12.98 -29.65
N ASN B 59 7.52 11.79 -29.77
CA ASN B 59 6.49 11.38 -28.82
C ASN B 59 7.03 10.57 -27.63
N THR B 60 8.31 10.24 -27.61
CA THR B 60 8.78 9.49 -26.42
C THR B 60 8.71 10.27 -25.12
N ILE B 61 8.03 9.66 -24.16
CA ILE B 61 7.83 10.23 -22.83
C ILE B 61 8.90 9.69 -21.84
N PHE B 62 9.59 10.62 -21.18
CA PHE B 62 10.73 10.27 -20.29
C PHE B 62 10.41 10.71 -18.84
N GLU B 63 10.93 10.01 -17.85
CA GLU B 63 10.89 10.45 -16.45
C GLU B 63 11.88 11.57 -16.20
N LEU B 64 11.41 12.68 -15.59
CA LEU B 64 12.25 13.86 -15.42
C LEU B 64 13.05 13.85 -14.14
N GLY B 65 12.67 13.01 -13.16
CA GLY B 65 13.30 13.05 -11.89
C GLY B 65 13.23 14.45 -11.30
N SER B 66 14.29 14.88 -10.63
CA SER B 66 14.29 16.20 -9.99
C SER B 66 14.10 17.43 -10.88
N VAL B 67 14.18 17.30 -12.21
CA VAL B 67 13.68 18.41 -13.06
C VAL B 67 12.19 18.73 -12.80
N SER B 68 11.46 17.77 -12.24
CA SER B 68 10.09 17.97 -11.76
C SER B 68 10.01 19.12 -10.75
N LYS B 69 11.06 19.27 -9.92
CA LYS B 69 11.12 20.43 -9.02
C LYS B 69 10.88 21.81 -9.66
N LEU B 70 11.19 21.96 -10.95
CA LEU B 70 11.02 23.24 -11.63
C LEU B 70 9.57 23.58 -11.94
N PHE B 71 8.76 22.53 -12.12
CA PHE B 71 7.35 22.69 -12.25
C PHE B 71 6.72 23.01 -10.91
N THR B 72 7.16 22.35 -9.83
CA THR B 72 6.69 22.67 -8.51
C THR B 72 7.00 24.10 -8.11
N ALA B 73 8.22 24.56 -8.43
CA ALA B 73 8.63 25.92 -8.20
C ALA B 73 7.75 26.88 -8.98
N THR B 74 7.43 26.47 -10.21
CA THR B 74 6.63 27.32 -11.14
C THR B 74 5.23 27.48 -10.55
N ALA B 75 4.71 26.41 -9.99
CA ALA B 75 3.41 26.39 -9.37
C ALA B 75 3.35 27.24 -8.12
N GLY B 76 4.43 27.23 -7.35
CA GLY B 76 4.60 28.16 -6.22
C GLY B 76 4.57 29.64 -6.58
N GLY B 77 5.38 30.00 -7.54
CA GLY B 77 5.33 31.32 -8.11
C GLY B 77 3.99 31.79 -8.68
N TYR B 78 3.21 30.84 -9.24
CA TYR B 78 1.89 31.14 -9.78
C TYR B 78 0.94 31.48 -8.61
N ALA B 79 0.88 30.58 -7.62
CA ALA B 79 0.11 30.77 -6.40
C ALA B 79 0.47 32.09 -5.68
N LYS B 80 1.74 32.43 -5.67
CA LYS B 80 2.22 33.56 -4.90
C LYS B 80 1.81 34.84 -5.57
N ASN B 81 2.06 34.90 -6.89
CA ASN B 81 1.78 36.11 -7.67
C ASN B 81 0.26 36.34 -7.90
N LYS B 82 -0.53 35.29 -7.72
CA LYS B 82 -1.99 35.37 -7.57
C LYS B 82 -2.52 35.65 -6.13
N GLY B 83 -1.62 35.83 -5.18
CA GLY B 83 -1.99 36.13 -3.80
C GLY B 83 -2.51 34.97 -3.00
N LYS B 84 -2.41 33.72 -3.49
CA LYS B 84 -2.95 32.57 -2.79
C LYS B 84 -1.99 32.08 -1.69
N ILE B 85 -0.72 32.53 -1.74
CA ILE B 85 0.26 32.34 -0.65
C ILE B 85 1.22 33.48 -0.63
N SER B 86 1.88 33.59 0.50
CA SER B 86 3.11 34.34 0.63
C SER B 86 4.19 33.35 1.03
N PHE B 87 5.37 33.55 0.50
CA PHE B 87 6.57 32.81 0.90
C PHE B 87 7.01 33.02 2.35
N ASP B 88 6.52 34.09 3.03
CA ASP B 88 6.70 34.27 4.47
C ASP B 88 5.70 33.46 5.34
N ASP B 89 4.67 32.83 4.74
CA ASP B 89 3.72 31.95 5.44
C ASP B 89 4.41 30.69 5.87
N THR B 90 3.80 29.97 6.80
CA THR B 90 4.29 28.70 7.28
C THR B 90 3.22 27.65 6.91
N PRO B 91 3.58 26.35 6.90
CA PRO B 91 2.64 25.42 6.31
C PRO B 91 1.35 25.16 7.09
N GLY B 92 1.30 25.52 8.39
CA GLY B 92 0.12 25.37 9.23
C GLY B 92 -1.08 26.18 8.77
N LYS B 93 -0.80 27.27 8.08
CA LYS B 93 -1.85 28.13 7.52
C LYS B 93 -2.76 27.45 6.48
N TYR B 94 -2.24 26.49 5.76
CA TYR B 94 -2.98 25.76 4.72
C TYR B 94 -3.14 24.32 5.09
N TRP B 95 -2.12 23.71 5.71
CA TRP B 95 -2.27 22.35 6.21
C TRP B 95 -2.53 22.42 7.72
N LYS B 96 -3.81 22.41 8.07
CA LYS B 96 -4.28 22.84 9.40
C LYS B 96 -3.75 21.93 10.50
N GLU B 97 -3.62 20.66 10.19
CA GLU B 97 -3.06 19.71 11.13
C GLU B 97 -1.61 20.03 11.55
N LEU B 98 -0.93 20.94 10.83
CA LEU B 98 0.41 21.36 11.21
C LEU B 98 0.51 22.67 11.99
N LYS B 99 -0.57 23.44 12.16
CA LYS B 99 -0.54 24.71 12.93
C LYS B 99 -0.04 24.46 14.36
N ASN B 100 0.89 25.30 14.81
CA ASN B 100 1.53 25.24 16.15
C ASN B 100 2.42 24.04 16.44
N THR B 101 2.81 23.28 15.41
CA THR B 101 3.84 22.26 15.53
C THR B 101 5.20 22.88 15.17
N PRO B 102 6.32 22.21 15.53
CA PRO B 102 7.63 22.82 15.23
C PRO B 102 7.93 23.09 13.75
N ILE B 103 7.48 22.26 12.80
CA ILE B 103 7.65 22.55 11.34
C ILE B 103 6.92 23.82 10.91
N ASP B 104 5.89 24.20 11.66
CA ASP B 104 5.16 25.47 11.42
C ASP B 104 5.99 26.70 11.74
N GLN B 105 7.23 26.53 12.25
CA GLN B 105 8.19 27.63 12.39
C GLN B 105 9.09 27.84 11.14
N VAL B 106 8.97 26.98 10.14
CA VAL B 106 9.75 27.07 8.90
C VAL B 106 8.82 27.72 7.86
N ASN B 107 9.29 28.67 7.07
CA ASN B 107 8.43 29.29 6.03
C ASN B 107 8.48 28.54 4.71
N LEU B 108 7.58 28.92 3.81
CA LEU B 108 7.45 28.24 2.54
C LEU B 108 8.71 28.39 1.73
N LEU B 109 9.36 29.53 1.85
CA LEU B 109 10.58 29.78 1.08
C LEU B 109 11.66 28.85 1.54
N GLN B 110 11.74 28.66 2.86
CA GLN B 110 12.74 27.79 3.46
C GLN B 110 12.47 26.35 3.06
N LEU B 111 11.20 25.97 2.95
CA LEU B 111 10.91 24.60 2.49
C LEU B 111 11.24 24.39 1.03
N ALA B 112 10.83 25.34 0.18
CA ALA B 112 11.17 25.30 -1.26
C ALA B 112 12.64 25.29 -1.54
N THR B 113 13.47 25.96 -0.70
CA THR B 113 14.94 26.10 -0.97
C THR B 113 15.81 25.31 0.05
N TYR B 114 15.19 24.31 0.63
CA TYR B 114 15.87 23.26 1.42
C TYR B 114 16.64 23.73 2.70
N THR B 115 16.14 24.77 3.39
CA THR B 115 16.82 25.26 4.56
C THR B 115 16.07 25.10 5.90
N SER B 116 15.30 24.02 6.08
CA SER B 116 14.55 23.83 7.31
C SER B 116 15.49 23.51 8.45
N GLY B 117 16.64 22.91 8.11
CA GLY B 117 17.72 22.59 9.04
C GLY B 117 17.60 21.20 9.59
N ASN B 118 16.60 20.46 9.14
CA ASN B 118 16.47 19.08 9.53
C ASN B 118 15.60 18.24 8.60
N LEU B 119 15.80 18.32 7.29
CA LEU B 119 15.16 17.40 6.37
C LEU B 119 16.20 16.80 5.43
N ALA B 120 16.26 15.49 5.45
CA ALA B 120 17.20 14.69 4.71
C ALA B 120 16.74 14.55 3.22
N LEU B 121 17.54 13.87 2.39
CA LEU B 121 17.28 13.74 0.95
C LEU B 121 15.94 13.03 0.73
N GLN B 122 15.67 11.95 1.47
CA GLN B 122 14.44 11.13 1.30
C GLN B 122 13.70 11.05 2.60
N PHE B 123 12.41 10.77 2.52
CA PHE B 123 11.67 10.28 3.66
C PHE B 123 12.25 8.92 4.11
N PRO B 124 12.11 8.59 5.39
CA PRO B 124 12.36 7.23 5.84
C PRO B 124 11.54 6.24 4.99
N ASP B 125 12.15 5.11 4.65
CA ASP B 125 11.58 4.11 3.71
C ASP B 125 10.12 3.73 4.04
N GLU B 126 9.76 3.70 5.32
CA GLU B 126 8.40 3.30 5.75
C GLU B 126 7.33 4.33 5.49
N VAL B 127 7.70 5.61 5.30
CA VAL B 127 6.66 6.61 5.04
C VAL B 127 6.15 6.45 3.60
N GLN B 128 4.90 6.02 3.46
CA GLN B 128 4.25 5.90 2.14
C GLN B 128 2.90 6.65 2.00
N THR B 129 1.97 6.44 2.94
CA THR B 129 0.60 6.98 2.79
C THR B 129 0.53 8.44 3.23
N ASP B 130 -0.51 9.16 2.76
CA ASP B 130 -0.75 10.58 3.16
C ASP B 130 -0.77 10.74 4.69
N GLN B 131 -1.34 9.76 5.39
CA GLN B 131 -1.42 9.75 6.85
C GLN B 131 -0.02 9.57 7.53
N GLN B 132 0.80 8.69 6.97
CA GLN B 132 2.22 8.58 7.42
C GLN B 132 3.09 9.85 7.14
N VAL B 133 2.78 10.52 6.06
CA VAL B 133 3.42 11.78 5.68
C VAL B 133 3.02 12.84 6.68
N LEU B 134 1.73 12.95 7.01
CA LEU B 134 1.27 13.95 8.04
C LEU B 134 1.94 13.73 9.38
N THR B 135 1.88 12.49 9.86
CA THR B 135 2.59 12.09 11.09
C THR B 135 4.08 12.43 11.08
N PHE B 136 4.76 12.14 9.99
CA PHE B 136 6.17 12.55 9.88
C PHE B 136 6.36 14.04 10.14
N PHE B 137 5.54 14.88 9.48
CA PHE B 137 5.62 16.29 9.75
C PHE B 137 5.13 16.80 11.11
N LYS B 138 4.09 16.20 11.68
CA LYS B 138 3.64 16.57 13.02
C LYS B 138 4.72 16.30 14.07
N ASP B 139 5.44 15.20 13.87
CA ASP B 139 6.50 14.70 14.80
C ASP B 139 7.86 15.32 14.59
N TRP B 140 8.05 16.06 13.51
CA TRP B 140 9.36 16.65 13.17
C TRP B 140 9.83 17.65 14.22
N LYS B 141 11.15 17.68 14.46
CA LYS B 141 11.77 18.70 15.35
C LYS B 141 12.94 19.43 14.71
N PRO B 142 13.16 20.73 15.03
CA PRO B 142 14.32 21.44 14.47
C PRO B 142 15.68 20.78 14.79
N LYS B 143 16.72 21.17 14.05
CA LYS B 143 18.08 20.72 14.32
C LYS B 143 19.04 21.86 14.06
N ASN B 144 19.29 22.21 12.81
CA ASN B 144 20.14 23.39 12.53
C ASN B 144 19.25 24.60 12.66
N PRO B 145 19.85 25.76 13.01
CA PRO B 145 19.07 26.97 12.99
C PRO B 145 18.31 27.19 11.61
N ILE B 146 17.03 27.51 11.69
CA ILE B 146 16.18 27.57 10.51
C ILE B 146 16.65 28.64 9.51
N GLY B 147 16.73 28.23 8.23
CA GLY B 147 17.16 29.11 7.18
C GLY B 147 18.64 29.29 6.96
N GLU B 148 19.48 28.65 7.79
CA GLU B 148 20.93 28.85 7.69
C GLU B 148 21.67 27.75 6.90
N TYR B 149 21.10 26.55 6.80
CA TYR B 149 21.82 25.40 6.19
C TYR B 149 21.02 24.76 5.07
N ARG B 150 21.65 24.61 3.89
CA ARG B 150 21.00 23.99 2.79
C ARG B 150 21.22 22.50 2.81
N GLN B 151 20.14 21.72 2.75
CA GLN B 151 20.31 20.33 2.51
C GLN B 151 19.31 19.83 1.49
N TYR B 152 19.79 19.39 0.33
CA TYR B 152 18.93 19.04 -0.80
C TYR B 152 18.00 17.98 -0.35
N SER B 153 16.70 18.16 -0.60
CA SER B 153 15.68 17.35 0.11
C SER B 153 14.36 17.24 -0.63
N ASN B 154 13.96 16.01 -0.92
CA ASN B 154 12.61 15.74 -1.50
C ASN B 154 11.48 16.02 -0.54
N PRO B 155 11.63 15.72 0.75
CA PRO B 155 10.53 16.08 1.68
C PRO B 155 10.27 17.57 1.78
N SER B 156 11.36 18.36 1.73
CA SER B 156 11.28 19.76 1.96
C SER B 156 10.43 20.40 0.86
N ILE B 157 10.86 20.24 -0.37
CA ILE B 157 10.13 20.80 -1.52
C ILE B 157 8.80 20.04 -1.84
N GLY B 158 8.70 18.77 -1.48
CA GLY B 158 7.44 18.03 -1.50
C GLY B 158 6.37 18.63 -0.56
N LEU B 159 6.77 19.04 0.62
CA LEU B 159 5.86 19.72 1.52
C LEU B 159 5.46 21.08 0.93
N PHE B 160 6.40 21.83 0.34
CA PHE B 160 6.10 23.07 -0.34
C PHE B 160 5.05 22.87 -1.38
N GLY B 161 5.26 21.86 -2.21
CA GLY B 161 4.32 21.53 -3.26
C GLY B 161 2.90 21.21 -2.80
N LYS B 162 2.82 20.31 -1.80
CA LYS B 162 1.58 20.02 -1.12
C LYS B 162 0.89 21.26 -0.58
N VAL B 163 1.63 22.15 0.07
CA VAL B 163 1.02 23.42 0.53
C VAL B 163 0.48 24.31 -0.61
N VAL B 164 1.23 24.38 -1.69
CA VAL B 164 0.81 25.16 -2.84
C VAL B 164 -0.52 24.61 -3.41
N ALA B 165 -0.62 23.31 -3.45
CA ALA B 165 -1.80 22.65 -3.97
C ALA B 165 -3.02 22.90 -3.09
N LEU B 166 -2.85 22.79 -1.78
CA LEU B 166 -3.86 23.21 -0.83
C LEU B 166 -4.26 24.70 -1.01
N SER B 167 -3.28 25.58 -1.29
CA SER B 167 -3.58 26.99 -1.51
C SER B 167 -4.44 27.24 -2.74
N MET B 168 -4.42 26.33 -3.73
CA MET B 168 -5.19 26.46 -4.95
C MET B 168 -6.43 25.55 -4.99
N ASN B 169 -6.74 24.88 -3.88
CA ASN B 169 -7.84 23.89 -3.73
C ASN B 169 -7.97 22.76 -4.74
N LYS B 170 -6.84 22.29 -5.26
CA LYS B 170 -6.81 21.11 -6.13
C LYS B 170 -5.70 20.22 -5.59
N PRO B 171 -5.75 18.89 -5.85
CA PRO B 171 -4.57 18.06 -5.54
C PRO B 171 -3.40 18.45 -6.48
N PHE B 172 -2.16 18.22 -6.06
CA PHE B 172 -0.98 18.63 -6.82
C PHE B 172 -0.96 18.17 -8.26
N ASP B 173 -1.32 16.92 -8.52
CA ASP B 173 -1.39 16.41 -9.89
C ASP B 173 -2.30 17.27 -10.79
N GLN B 174 -3.38 17.83 -10.21
CA GLN B 174 -4.32 18.66 -10.96
C GLN B 174 -3.81 20.08 -11.07
N VAL B 175 -3.10 20.59 -10.07
CA VAL B 175 -2.45 21.86 -10.25
C VAL B 175 -1.60 21.83 -11.54
N LEU B 176 -0.77 20.81 -11.70
CA LEU B 176 0.05 20.74 -12.90
C LEU B 176 -0.79 20.44 -14.14
N GLU B 177 -1.59 19.37 -14.09
CA GLU B 177 -2.20 18.86 -15.33
C GLU B 177 -3.30 19.79 -15.86
N LYS B 178 -4.15 20.30 -14.97
CA LYS B 178 -5.18 21.33 -15.35
C LYS B 178 -4.73 22.79 -15.41
N THR B 179 -3.89 23.24 -14.48
CA THR B 179 -3.50 24.65 -14.46
C THR B 179 -2.11 24.99 -15.04
N ILE B 180 -1.03 24.41 -14.49
CA ILE B 180 0.31 24.83 -14.89
C ILE B 180 0.75 24.36 -16.27
N PHE B 181 0.61 23.07 -16.58
CA PHE B 181 0.98 22.58 -17.92
C PHE B 181 0.24 23.35 -19.07
N PRO B 182 -1.11 23.50 -18.98
CA PRO B 182 -1.84 24.30 -19.99
C PRO B 182 -1.45 25.79 -20.07
N ALA B 183 -1.22 26.44 -18.93
CA ALA B 183 -0.63 27.81 -18.91
C ALA B 183 0.70 27.92 -19.70
N LEU B 184 1.52 26.87 -19.70
CA LEU B 184 2.81 26.87 -20.42
C LEU B 184 2.70 26.36 -21.86
N GLY B 185 1.53 25.86 -22.25
CA GLY B 185 1.34 25.23 -23.57
C GLY B 185 1.98 23.84 -23.72
N LEU B 186 2.02 23.04 -22.64
CA LEU B 186 2.58 21.69 -22.66
C LEU B 186 1.41 20.72 -22.78
N LYS B 187 1.51 19.88 -23.79
CA LYS B 187 0.46 18.98 -24.20
C LYS B 187 0.82 17.53 -23.93
N HIS B 188 2.08 17.23 -23.63
CA HIS B 188 2.50 15.82 -23.47
C HIS B 188 3.36 15.63 -22.23
N SER B 189 2.94 16.33 -21.17
CA SER B 189 3.58 16.30 -19.89
C SER B 189 2.59 15.84 -18.85
N TYR B 190 3.05 14.98 -17.95
CA TYR B 190 2.20 14.29 -17.04
C TYR B 190 2.78 14.06 -15.66
N VAL B 191 1.90 14.03 -14.66
CA VAL B 191 2.19 13.37 -13.40
C VAL B 191 1.83 11.89 -13.49
N ASN B 192 0.76 11.59 -14.22
CA ASN B 192 0.24 10.23 -14.35
C ASN B 192 0.05 10.01 -15.82
N VAL B 193 0.83 9.10 -16.43
CA VAL B 193 0.70 8.89 -17.84
C VAL B 193 -0.60 8.09 -18.03
N PRO B 194 -1.54 8.60 -18.86
CA PRO B 194 -2.81 7.88 -19.06
C PRO B 194 -2.60 6.65 -19.93
N LYS B 195 -3.55 5.74 -19.89
CA LYS B 195 -3.49 4.43 -20.54
C LYS B 195 -3.25 4.59 -22.01
N THR B 196 -3.92 5.55 -22.61
CA THR B 196 -3.72 5.81 -24.03
C THR B 196 -2.35 6.42 -24.45
N GLN B 197 -1.45 6.72 -23.51
CA GLN B 197 -0.07 7.20 -23.87
C GLN B 197 1.06 6.27 -23.38
N MET B 198 0.70 5.15 -22.73
CA MET B 198 1.69 4.18 -22.22
C MET B 198 2.64 3.63 -23.28
N GLN B 199 2.19 3.55 -24.54
CA GLN B 199 3.04 3.09 -25.65
C GLN B 199 4.14 4.09 -26.02
N ASN B 200 4.02 5.33 -25.56
CA ASN B 200 5.10 6.28 -25.76
C ASN B 200 5.98 6.42 -24.53
N TYR B 201 5.68 5.71 -23.48
CA TYR B 201 6.38 5.86 -22.23
C TYR B 201 7.59 4.88 -22.27
N ALA B 202 8.79 5.46 -22.36
CA ALA B 202 10.04 4.71 -22.34
C ALA B 202 10.10 3.83 -21.10
N PHE B 203 10.75 2.67 -21.26
CA PHE B 203 11.31 2.03 -20.10
C PHE B 203 12.56 2.83 -19.68
N GLY B 204 12.76 2.88 -18.39
CA GLY B 204 14.11 3.24 -17.84
C GLY B 204 14.97 1.96 -17.81
N TYR B 205 16.29 2.12 -17.70
CA TYR B 205 17.21 0.98 -17.61
C TYR B 205 18.17 1.27 -16.46
N ASN B 206 18.37 0.27 -15.61
CA ASN B 206 19.20 0.39 -14.42
C ASN B 206 20.65 0.09 -14.80
N GLN B 207 21.52 -0.02 -13.80
CA GLN B 207 22.96 -0.14 -14.08
C GLN B 207 23.35 -1.50 -14.62
N GLU B 208 22.45 -2.50 -14.57
CA GLU B 208 22.61 -3.70 -15.39
C GLU B 208 21.77 -3.75 -16.66
N ASN B 209 21.31 -2.59 -17.14
CA ASN B 209 20.43 -2.51 -18.34
C ASN B 209 19.10 -3.34 -18.31
N GLN B 210 18.57 -3.53 -17.10
CA GLN B 210 17.29 -4.17 -16.87
C GLN B 210 16.18 -3.08 -16.87
N PRO B 211 15.05 -3.30 -17.61
CA PRO B 211 13.97 -2.32 -17.77
C PRO B 211 13.25 -2.07 -16.47
N ILE B 212 13.17 -0.79 -16.08
CA ILE B 212 12.48 -0.35 -14.86
C ILE B 212 11.75 0.96 -15.10
N ARG B 213 10.80 1.26 -14.20
CA ARG B 213 10.12 2.58 -14.09
C ARG B 213 10.07 3.09 -12.65
N VAL B 214 9.72 4.36 -12.44
CA VAL B 214 9.78 5.00 -11.11
C VAL B 214 8.87 4.25 -10.12
N ASN B 215 9.27 4.19 -8.88
CA ASN B 215 8.44 3.64 -7.83
C ASN B 215 7.52 4.71 -7.21
N PRO B 216 6.27 4.34 -6.89
CA PRO B 216 5.46 5.26 -6.06
C PRO B 216 6.20 5.61 -4.75
N GLY B 217 6.10 6.88 -4.35
CA GLY B 217 6.65 7.30 -3.06
C GLY B 217 5.87 8.44 -2.45
N PRO B 218 6.14 8.76 -1.18
CA PRO B 218 5.51 9.91 -0.50
C PRO B 218 5.91 11.25 -1.13
N LEU B 219 4.90 12.04 -1.51
CA LEU B 219 5.06 13.32 -2.18
C LEU B 219 5.97 13.19 -3.34
N ASP B 220 5.85 12.10 -4.11
CA ASP B 220 6.66 11.90 -5.29
C ASP B 220 6.44 12.97 -6.37
N ALA B 221 5.20 13.32 -6.63
CA ALA B 221 4.85 14.20 -7.77
C ALA B 221 5.62 15.56 -7.72
N PRO B 222 5.51 16.32 -6.63
CA PRO B 222 6.22 17.59 -6.57
C PRO B 222 7.76 17.49 -6.51
N ALA B 223 8.30 16.36 -6.02
CA ALA B 223 9.76 16.16 -5.89
C ALA B 223 10.43 15.58 -7.12
N TYR B 224 9.83 14.56 -7.71
CA TYR B 224 10.45 13.90 -8.85
C TYR B 224 9.51 13.12 -9.78
N GLY B 225 8.22 13.45 -9.77
CA GLY B 225 7.24 12.67 -10.54
C GLY B 225 6.73 13.11 -11.89
N VAL B 226 7.41 14.04 -12.55
CA VAL B 226 6.91 14.50 -13.85
C VAL B 226 7.56 13.69 -14.96
N LYS B 227 6.76 13.41 -15.99
CA LYS B 227 7.13 12.77 -17.25
C LYS B 227 6.86 13.72 -18.43
N SER B 228 7.72 13.74 -19.44
CA SER B 228 7.52 14.66 -20.56
C SER B 228 8.34 14.24 -21.78
N THR B 229 8.17 14.95 -22.88
CA THR B 229 8.78 14.64 -24.15
C THR B 229 9.76 15.72 -24.41
N LEU B 230 10.62 15.50 -25.40
CA LEU B 230 11.55 16.55 -25.79
C LEU B 230 10.92 17.89 -26.26
N PRO B 231 9.90 17.87 -27.16
CA PRO B 231 9.20 19.09 -27.65
C PRO B 231 8.60 19.93 -26.50
N ASP B 232 7.92 19.29 -25.58
CA ASP B 232 7.48 19.96 -24.36
C ASP B 232 8.55 20.63 -23.46
N MET B 233 9.66 19.95 -23.29
CA MET B 233 10.73 20.47 -22.44
C MET B 233 11.40 21.64 -23.13
N LEU B 234 11.48 21.57 -24.45
CA LEU B 234 11.91 22.72 -25.23
C LEU B 234 10.94 23.91 -25.10
N SER B 235 9.62 23.64 -25.09
CA SER B 235 8.66 24.75 -24.92
C SER B 235 8.83 25.34 -23.50
N PHE B 236 9.09 24.48 -22.48
CA PHE B 236 9.38 24.93 -21.14
C PHE B 236 10.63 25.81 -21.08
N ILE B 237 11.71 25.40 -21.75
CA ILE B 237 12.89 26.25 -21.86
C ILE B 237 12.57 27.54 -22.63
N HIS B 238 11.70 27.44 -23.63
CA HIS B 238 11.29 28.64 -24.37
C HIS B 238 10.57 29.64 -23.44
N ALA B 239 9.70 29.12 -22.59
CA ALA B 239 8.96 29.95 -21.70
C ALA B 239 9.86 30.64 -20.66
N ASN B 240 10.90 29.95 -20.22
CA ASN B 240 11.87 30.47 -19.30
C ASN B 240 12.79 31.49 -19.96
N LEU B 241 13.04 31.31 -21.25
CA LEU B 241 13.80 32.29 -22.05
C LEU B 241 12.96 33.52 -22.46
N ASN B 242 11.63 33.40 -22.54
CA ASN B 242 10.75 34.49 -23.04
C ASN B 242 9.49 34.59 -22.19
N PRO B 243 9.64 34.78 -20.87
CA PRO B 243 8.41 34.86 -20.06
C PRO B 243 7.43 36.00 -20.47
N GLN B 244 7.97 37.08 -21.02
CA GLN B 244 7.16 38.19 -21.59
C GLN B 244 6.12 37.84 -22.64
N LYS B 245 6.18 36.65 -23.24
CA LYS B 245 5.26 36.23 -24.30
C LYS B 245 4.15 35.43 -23.70
N TYR B 246 4.11 35.37 -22.39
CA TYR B 246 3.10 34.58 -21.75
C TYR B 246 2.19 35.52 -20.97
N PRO B 247 0.96 35.10 -20.74
CA PRO B 247 0.11 35.89 -19.92
C PRO B 247 0.74 36.22 -18.53
N THR B 248 0.29 37.35 -18.01
CA THR B 248 0.79 37.92 -16.76
C THR B 248 1.05 36.91 -15.63
N ASP B 249 0.08 36.07 -15.29
CA ASP B 249 0.17 35.18 -14.11
C ASP B 249 1.32 34.15 -14.20
N ILE B 250 1.43 33.50 -15.35
CA ILE B 250 2.45 32.49 -15.60
C ILE B 250 3.77 33.17 -15.88
N GLN B 251 3.76 34.32 -16.52
CA GLN B 251 4.99 35.11 -16.69
C GLN B 251 5.61 35.55 -15.33
N ARG B 252 4.75 36.00 -14.40
CA ARG B 252 5.23 36.34 -13.08
C ARG B 252 5.72 35.06 -12.33
N ALA B 253 5.03 33.94 -12.48
CA ALA B 253 5.44 32.61 -11.96
C ALA B 253 6.88 32.29 -12.39
N ILE B 254 7.13 32.37 -13.68
CA ILE B 254 8.41 31.97 -14.26
C ILE B 254 9.51 32.85 -13.74
N ASN B 255 9.26 34.16 -13.73
CA ASN B 255 10.27 35.15 -13.27
C ASN B 255 10.58 34.94 -11.79
N GLU B 256 9.56 34.63 -10.99
CA GLU B 256 9.71 34.30 -9.55
C GLU B 256 10.70 33.11 -9.36
N THR B 257 10.60 32.08 -10.24
CA THR B 257 11.55 30.95 -10.21
C THR B 257 13.01 31.37 -10.47
N HIS B 258 13.25 32.49 -11.15
CA HIS B 258 14.61 32.90 -11.51
C HIS B 258 15.33 33.70 -10.43
N GLN B 259 14.61 34.13 -9.40
CA GLN B 259 15.21 34.98 -8.38
C GLN B 259 16.10 34.21 -7.37
N GLY B 260 17.39 34.52 -7.36
CA GLY B 260 18.33 33.99 -6.37
C GLY B 260 17.94 34.34 -4.96
N ARG B 261 17.98 33.37 -4.05
CA ARG B 261 17.58 33.57 -2.66
C ARG B 261 18.74 33.54 -1.67
N TYR B 262 19.82 32.82 -1.97
CA TYR B 262 21.03 32.77 -1.16
C TYR B 262 22.07 32.16 -2.04
N GLN B 263 23.33 32.14 -1.62
CA GLN B 263 24.37 31.34 -2.28
C GLN B 263 25.07 30.32 -1.42
N VAL B 264 25.63 29.30 -2.10
CA VAL B 264 26.60 28.38 -1.57
C VAL B 264 27.76 28.47 -2.58
N ASN B 265 28.79 29.21 -2.18
CA ASN B 265 29.90 29.65 -3.05
C ASN B 265 29.40 30.32 -4.35
N THR B 266 29.70 29.74 -5.49
CA THR B 266 29.32 30.29 -6.77
C THR B 266 27.93 29.88 -7.23
N MET B 267 27.25 29.03 -6.48
CA MET B 267 25.87 28.62 -6.86
C MET B 267 24.89 29.50 -6.12
N TYR B 268 23.98 30.11 -6.86
CA TYR B 268 22.84 30.81 -6.29
C TYR B 268 21.64 29.87 -6.34
N GLN B 269 20.90 29.75 -5.24
CA GLN B 269 19.73 28.88 -5.18
C GLN B 269 18.56 29.76 -5.50
N ALA B 270 17.94 29.50 -6.66
CA ALA B 270 16.62 30.07 -6.97
C ALA B 270 15.50 29.10 -6.60
N LEU B 271 14.33 29.27 -7.16
CA LEU B 271 13.21 28.38 -6.82
C LEU B 271 13.28 27.23 -7.81
N GLY B 272 13.73 26.06 -7.36
CA GLY B 272 14.00 24.93 -8.25
C GLY B 272 15.31 25.03 -9.03
N TRP B 273 15.40 26.04 -9.90
CA TRP B 273 16.59 26.33 -10.63
C TRP B 273 17.82 26.60 -9.76
N GLU B 274 18.98 26.17 -10.24
CA GLU B 274 20.22 26.66 -9.72
C GLU B 274 20.67 27.76 -10.67
N GLU B 275 21.23 28.83 -10.12
CA GLU B 275 21.59 30.01 -10.89
C GLU B 275 23.06 30.32 -10.71
N PHE B 276 23.70 30.82 -11.77
CA PHE B 276 25.12 31.24 -11.74
C PHE B 276 25.35 32.53 -12.51
N SER B 277 26.41 33.20 -12.11
CA SER B 277 26.87 34.34 -12.79
C SER B 277 27.31 33.90 -14.18
N TYR B 278 26.85 34.62 -15.22
CA TYR B 278 27.18 34.28 -16.61
C TYR B 278 28.14 35.35 -17.18
N PRO B 279 29.24 34.96 -17.83
CA PRO B 279 29.58 33.58 -18.17
C PRO B 279 30.10 32.80 -17.00
N ALA B 280 29.85 31.50 -17.03
CA ALA B 280 30.28 30.63 -15.94
C ALA B 280 31.28 29.67 -16.53
N THR B 281 32.30 29.31 -15.75
CA THR B 281 33.21 28.25 -16.13
C THR B 281 32.55 26.87 -15.93
N LEU B 282 33.12 25.90 -16.64
CA LEU B 282 32.67 24.56 -16.61
C LEU B 282 32.78 24.02 -15.20
N GLN B 283 33.91 24.31 -14.52
CA GLN B 283 34.10 23.86 -13.14
C GLN B 283 33.04 24.39 -12.16
N THR B 284 32.60 25.62 -12.33
CA THR B 284 31.59 26.21 -11.47
C THR B 284 30.29 25.40 -11.64
N LEU B 285 29.93 25.11 -12.89
CA LEU B 285 28.74 24.27 -13.11
C LEU B 285 28.95 22.84 -12.57
N LEU B 286 30.12 22.26 -12.77
CA LEU B 286 30.46 20.97 -12.12
C LEU B 286 30.39 20.89 -10.57
N ASP B 287 30.99 21.89 -9.92
CA ASP B 287 30.95 22.10 -8.46
C ASP B 287 29.52 22.11 -7.91
N SER B 288 28.60 22.67 -8.67
CA SER B 288 27.19 22.70 -8.27
C SER B 288 26.60 21.34 -7.93
N ASN B 289 27.03 20.28 -8.58
CA ASN B 289 26.44 18.96 -8.29
C ASN B 289 27.49 18.00 -7.65
N SER B 290 28.48 18.55 -6.95
CA SER B 290 29.44 17.70 -6.25
C SER B 290 28.68 16.97 -5.09
N GLU B 291 29.22 15.85 -4.67
CA GLU B 291 28.74 15.17 -3.46
C GLU B 291 28.52 16.11 -2.26
N GLN B 292 29.48 16.98 -1.96
CA GLN B 292 29.36 17.93 -0.81
C GLN B 292 28.13 18.81 -0.90
N ILE B 293 27.83 19.35 -2.10
CA ILE B 293 26.62 20.16 -2.26
C ILE B 293 25.32 19.30 -2.25
N VAL B 294 25.32 18.21 -3.00
CA VAL B 294 24.11 17.44 -3.22
C VAL B 294 23.71 16.66 -1.94
N MET B 295 24.67 15.99 -1.28
CA MET B 295 24.37 15.04 -0.20
C MET B 295 24.57 15.54 1.22
N LYS B 296 25.18 16.68 1.42
CA LYS B 296 25.47 17.16 2.76
C LYS B 296 24.88 18.53 3.04
N PRO B 297 24.70 18.88 4.35
CA PRO B 297 24.28 20.25 4.68
C PRO B 297 25.44 21.24 4.46
N ASN B 298 25.15 22.40 3.89
CA ASN B 298 26.17 23.43 3.73
C ASN B 298 25.55 24.70 4.20
N LYS B 299 26.25 25.42 5.07
CA LYS B 299 25.84 26.74 5.56
C LYS B 299 25.69 27.65 4.36
N VAL B 300 24.58 28.39 4.28
CA VAL B 300 24.38 29.28 3.12
C VAL B 300 24.96 30.65 3.50
N THR B 301 25.06 31.54 2.54
CA THR B 301 25.58 32.91 2.67
C THR B 301 24.57 33.85 1.98
N ALA B 302 24.44 35.08 2.46
CA ALA B 302 23.55 36.05 1.82
C ALA B 302 24.15 36.56 0.51
N ILE B 303 23.33 36.83 -0.49
CA ILE B 303 23.83 37.37 -1.75
C ILE B 303 24.41 38.75 -1.48
N SER B 304 25.70 38.90 -1.69
CA SER B 304 26.32 40.21 -1.61
C SER B 304 26.89 40.70 -2.95
N LYS B 305 27.02 39.82 -3.94
CA LYS B 305 27.20 40.23 -5.32
C LYS B 305 26.04 39.64 -6.17
N GLU B 306 25.18 40.53 -6.64
CA GLU B 306 24.10 40.21 -7.58
C GLU B 306 24.47 40.53 -9.06
N PRO B 307 24.80 39.49 -9.85
CA PRO B 307 25.13 39.71 -11.29
C PRO B 307 23.96 40.21 -12.15
N SER B 308 24.31 41.02 -13.16
CA SER B 308 23.32 41.54 -14.11
C SER B 308 22.81 40.46 -15.00
N VAL B 309 23.73 39.61 -15.43
CA VAL B 309 23.51 38.52 -16.41
C VAL B 309 23.80 37.14 -15.75
N LYS B 310 22.85 36.23 -15.92
CA LYS B 310 22.84 34.95 -15.24
C LYS B 310 22.66 33.75 -16.21
N MET B 311 22.99 32.54 -15.77
CA MET B 311 22.57 31.30 -16.46
C MET B 311 21.97 30.34 -15.41
N TYR B 312 21.21 29.36 -15.87
CA TYR B 312 20.44 28.46 -14.96
C TYR B 312 20.47 27.02 -15.43
N HIS B 313 20.51 26.06 -14.48
CA HIS B 313 20.48 24.67 -14.83
C HIS B 313 19.79 23.84 -13.71
N LYS B 314 19.45 22.62 -14.08
CA LYS B 314 19.00 21.58 -13.12
C LYS B 314 19.24 20.21 -13.69
N THR B 315 19.83 19.32 -12.88
CA THR B 315 19.88 17.92 -13.22
C THR B 315 18.66 17.16 -12.60
N GLY B 316 18.30 16.05 -13.21
CA GLY B 316 17.32 15.13 -12.63
C GLY B 316 17.68 13.71 -12.90
N SER B 317 17.41 12.81 -11.95
CA SER B 317 17.57 11.41 -12.14
C SER B 317 16.45 10.65 -11.40
N THR B 318 15.99 9.58 -12.02
CA THR B 318 15.30 8.47 -11.38
C THR B 318 16.29 7.33 -11.55
N SER B 319 15.93 6.15 -11.04
N SER B 319 15.91 6.14 -11.05
CA SER B 319 16.88 5.05 -11.07
CA SER B 319 16.78 4.98 -11.11
C SER B 319 17.11 4.54 -12.51
C SER B 319 17.13 4.63 -12.54
N GLY B 320 16.13 4.77 -13.40
CA GLY B 320 16.23 4.41 -14.78
C GLY B 320 16.45 5.59 -15.75
N PHE B 321 16.50 6.83 -15.31
CA PHE B 321 16.44 7.95 -16.26
C PHE B 321 17.34 9.09 -15.79
N GLY B 322 17.95 9.78 -16.78
CA GLY B 322 18.67 10.98 -16.52
C GLY B 322 18.19 12.15 -17.30
N THR B 323 18.22 13.29 -16.65
CA THR B 323 17.81 14.56 -17.27
C THR B 323 18.79 15.71 -16.99
N TYR B 324 18.85 16.65 -17.92
CA TYR B 324 19.56 17.89 -17.69
C TYR B 324 18.96 19.02 -18.58
N VAL B 325 18.70 20.18 -17.95
CA VAL B 325 18.21 21.38 -18.63
C VAL B 325 19.05 22.59 -18.24
N VAL B 326 19.42 23.41 -19.25
CA VAL B 326 20.20 24.61 -19.04
C VAL B 326 19.67 25.70 -19.97
N PHE B 327 19.69 26.95 -19.53
CA PHE B 327 19.42 28.05 -20.44
C PHE B 327 20.16 29.32 -20.06
N ILE B 328 20.38 30.16 -21.06
CA ILE B 328 21.25 31.31 -20.96
C ILE B 328 20.52 32.49 -21.64
N PRO B 329 19.80 33.31 -20.85
CA PRO B 329 19.00 34.44 -21.39
C PRO B 329 19.78 35.36 -22.36
N LYS B 330 21.00 35.73 -21.97
CA LYS B 330 21.87 36.60 -22.77
C LYS B 330 22.08 36.14 -24.24
N GLU B 331 22.24 34.83 -24.47
CA GLU B 331 22.46 34.29 -25.80
C GLU B 331 21.18 33.71 -26.38
N ASN B 332 20.07 33.83 -25.68
CA ASN B 332 18.83 33.30 -26.15
C ASN B 332 18.86 31.80 -26.52
N ILE B 333 19.57 31.01 -25.70
CA ILE B 333 19.83 29.65 -25.99
C ILE B 333 19.51 28.77 -24.78
N GLY B 334 19.09 27.55 -25.07
CA GLY B 334 18.88 26.54 -24.05
C GLY B 334 19.02 25.15 -24.61
N LEU B 335 19.14 24.17 -23.71
CA LEU B 335 19.36 22.77 -24.08
C LEU B 335 18.65 21.85 -23.09
N VAL B 336 18.05 20.77 -23.63
CA VAL B 336 17.50 19.68 -22.85
C VAL B 336 18.20 18.36 -23.25
N MET B 337 18.58 17.55 -22.27
CA MET B 337 19.02 16.12 -22.50
C MET B 337 18.11 15.21 -21.71
N LEU B 338 17.53 14.21 -22.36
CA LEU B 338 16.82 13.12 -21.69
C LEU B 338 17.41 11.78 -22.06
N THR B 339 17.66 10.90 -21.09
CA THR B 339 18.12 9.54 -21.38
C THR B 339 17.36 8.56 -20.58
N ASN B 340 17.25 7.34 -21.10
CA ASN B 340 16.60 6.29 -20.35
C ASN B 340 17.60 5.35 -19.69
N LYS B 341 18.72 5.92 -19.30
CA LYS B 341 19.65 5.35 -18.33
C LYS B 341 20.42 6.51 -17.70
N ARG B 342 20.62 6.44 -16.40
CA ARG B 342 21.45 7.42 -15.70
C ARG B 342 22.86 7.38 -16.20
N ILE B 343 23.42 8.57 -16.46
CA ILE B 343 24.86 8.80 -16.72
C ILE B 343 25.39 9.88 -15.72
N PRO B 344 26.69 9.88 -15.46
CA PRO B 344 27.09 10.89 -14.45
C PRO B 344 26.75 12.30 -14.83
N ASN B 345 26.31 13.05 -13.81
CA ASN B 345 26.00 14.45 -13.95
C ASN B 345 27.14 15.18 -14.65
N GLU B 346 28.38 14.90 -14.24
CA GLU B 346 29.60 15.60 -14.82
C GLU B 346 29.50 15.54 -16.40
N GLU B 347 29.17 14.37 -16.92
CA GLU B 347 29.09 14.12 -18.39
C GLU B 347 27.95 14.88 -19.08
N ARG B 348 26.83 15.01 -18.39
CA ARG B 348 25.70 15.78 -18.90
C ARG B 348 26.04 17.23 -19.01
N ILE B 349 26.65 17.74 -17.93
CA ILE B 349 26.96 19.18 -17.86
C ILE B 349 28.01 19.57 -18.88
N LYS B 350 29.05 18.77 -18.94
CA LYS B 350 30.14 19.00 -19.89
C LYS B 350 29.69 18.95 -21.36
N ALA B 351 29.01 17.89 -21.79
CA ALA B 351 28.44 17.88 -23.17
C ALA B 351 27.62 19.10 -23.50
N ALA B 352 26.70 19.50 -22.63
CA ALA B 352 25.90 20.71 -22.82
C ALA B 352 26.75 21.98 -22.93
N TYR B 353 27.74 22.09 -22.05
CA TYR B 353 28.66 23.23 -22.01
C TYR B 353 29.41 23.37 -23.35
N VAL B 354 29.91 22.26 -23.86
CA VAL B 354 30.72 22.34 -25.08
C VAL B 354 29.78 22.72 -26.24
N VAL B 355 28.62 22.13 -26.29
CA VAL B 355 27.68 22.43 -27.38
C VAL B 355 27.16 23.89 -27.35
N LEU B 356 26.86 24.39 -26.16
CA LEU B 356 26.31 25.74 -26.06
C LEU B 356 27.38 26.79 -26.33
N ASN B 357 28.62 26.49 -26.02
CA ASN B 357 29.66 27.43 -26.27
C ASN B 357 30.15 27.42 -27.72
N ALA B 358 29.98 26.29 -28.44
CA ALA B 358 30.39 26.19 -29.85
C ALA B 358 29.35 26.74 -30.83
N ILE B 359 28.06 26.80 -30.47
CA ILE B 359 26.99 27.17 -31.43
C ILE B 359 27.12 28.65 -31.83
N LYS B 360 27.13 28.92 -33.14
CA LYS B 360 27.34 30.27 -33.66
C LYS B 360 26.12 31.10 -33.29
N PRO C 5 -11.30 7.25 -10.03
CA PRO C 5 -10.26 6.45 -10.66
C PRO C 5 -10.17 5.08 -10.00
N LYS C 6 -10.85 4.07 -10.56
CA LYS C 6 -10.73 2.68 -10.08
C LYS C 6 -9.29 2.18 -10.26
N ASP C 7 -8.73 2.46 -11.43
CA ASP C 7 -7.40 1.95 -11.77
C ASP C 7 -6.26 2.48 -10.89
N GLN C 8 -6.41 3.68 -10.32
CA GLN C 8 -5.46 4.16 -9.33
C GLN C 8 -5.68 3.42 -8.00
N GLU C 9 -6.93 3.27 -7.53
CA GLU C 9 -7.17 2.57 -6.24
C GLU C 9 -6.66 1.13 -6.24
N ILE C 10 -6.80 0.48 -7.40
CA ILE C 10 -6.53 -0.94 -7.56
C ILE C 10 -5.02 -1.18 -7.60
N LYS C 11 -4.36 -0.40 -8.46
CA LYS C 11 -2.90 -0.25 -8.52
C LYS C 11 -2.30 -0.11 -7.12
N LYS C 12 -2.83 0.83 -6.32
CA LYS C 12 -2.31 1.08 -4.97
C LYS C 12 -2.39 -0.16 -4.11
N LEU C 13 -3.58 -0.79 -4.02
CA LEU C 13 -3.75 -1.98 -3.18
C LEU C 13 -2.88 -3.19 -3.56
N VAL C 14 -2.74 -3.37 -4.87
CA VAL C 14 -1.91 -4.43 -5.44
C VAL C 14 -0.45 -4.10 -5.16
N ASP C 15 -0.03 -2.85 -5.48
CA ASP C 15 1.30 -2.35 -5.08
C ASP C 15 1.61 -2.61 -3.59
N GLN C 16 0.56 -2.47 -2.76
CA GLN C 16 0.68 -2.57 -1.31
C GLN C 16 0.75 -3.96 -0.85
N ASN C 17 -0.05 -4.84 -1.46
CA ASN C 17 -0.16 -6.22 -0.99
C ASN C 17 0.62 -7.31 -1.77
N PHE C 18 0.99 -7.01 -3.01
CA PHE C 18 1.60 -8.00 -3.92
C PHE C 18 3.10 -7.67 -4.16
N LYS C 19 3.38 -6.42 -4.52
CA LYS C 19 4.74 -5.91 -4.78
C LYS C 19 5.81 -6.31 -3.75
N PRO C 20 5.49 -6.18 -2.44
CA PRO C 20 6.50 -6.52 -1.44
C PRO C 20 6.93 -7.97 -1.45
N LEU C 21 6.11 -8.85 -2.03
CA LEU C 21 6.43 -10.26 -2.14
C LEU C 21 7.60 -10.51 -3.11
N LEU C 22 7.77 -9.62 -4.08
CA LEU C 22 8.91 -9.68 -5.01
C LEU C 22 10.26 -9.53 -4.30
N GLU C 23 10.41 -8.53 -3.41
CA GLU C 23 11.65 -8.43 -2.59
C GLU C 23 11.77 -9.57 -1.57
N LYS C 24 10.66 -9.91 -0.94
CA LYS C 24 10.67 -10.85 0.14
C LYS C 24 11.10 -12.27 -0.25
N TYR C 25 10.70 -12.69 -1.45
CA TYR C 25 11.02 -14.02 -1.99
C TYR C 25 11.95 -14.00 -3.19
N ASP C 26 12.44 -12.81 -3.56
CA ASP C 26 13.34 -12.62 -4.73
C ASP C 26 12.70 -13.22 -6.00
N VAL C 27 11.50 -12.72 -6.32
CA VAL C 27 10.75 -13.08 -7.48
C VAL C 27 11.13 -12.14 -8.59
N PRO C 28 11.63 -12.69 -9.72
CA PRO C 28 11.95 -11.78 -10.82
C PRO C 28 10.80 -10.99 -11.42
N GLY C 29 9.68 -11.66 -11.65
CA GLY C 29 8.60 -11.04 -12.41
C GLY C 29 7.24 -11.45 -11.85
N MET C 30 6.22 -10.63 -12.08
CA MET C 30 4.86 -10.94 -11.59
C MET C 30 3.84 -10.16 -12.39
N ALA C 31 2.73 -10.78 -12.70
CA ALA C 31 1.60 -10.11 -13.35
C ALA C 31 0.36 -10.35 -12.43
N VAL C 32 -0.32 -9.29 -12.00
CA VAL C 32 -1.50 -9.38 -11.14
C VAL C 32 -2.65 -8.68 -11.90
N GLY C 33 -3.79 -9.37 -11.98
CA GLY C 33 -4.96 -8.92 -12.72
C GLY C 33 -6.22 -8.82 -11.81
N VAL C 34 -6.97 -7.74 -11.93
CA VAL C 34 -8.26 -7.65 -11.28
C VAL C 34 -9.30 -7.42 -12.35
N ILE C 35 -10.37 -8.22 -12.30
CA ILE C 35 -11.59 -7.94 -13.06
C ILE C 35 -12.72 -7.73 -12.05
N GLN C 36 -13.44 -6.63 -12.24
CA GLN C 36 -14.58 -6.24 -11.43
C GLN C 36 -15.58 -5.50 -12.34
N ASN C 37 -16.82 -6.03 -12.40
CA ASN C 37 -17.90 -5.42 -13.19
C ASN C 37 -17.52 -5.29 -14.67
N ASN C 38 -16.92 -6.37 -15.17
CA ASN C 38 -16.46 -6.49 -16.56
C ASN C 38 -15.55 -5.34 -17.07
N LYS C 39 -14.76 -4.76 -16.16
CA LYS C 39 -13.64 -3.83 -16.48
C LYS C 39 -12.36 -4.45 -15.92
N LYS C 40 -11.33 -4.55 -16.75
CA LYS C 40 -10.09 -5.26 -16.43
C LYS C 40 -8.93 -4.35 -16.03
N TYR C 41 -8.21 -4.76 -14.99
CA TYR C 41 -7.06 -4.00 -14.46
C TYR C 41 -5.78 -4.87 -14.38
N GLU C 42 -4.74 -4.47 -15.11
CA GLU C 42 -3.49 -5.23 -15.22
C GLU C 42 -2.31 -4.49 -14.62
N MET C 43 -1.68 -5.11 -13.62
CA MET C 43 -0.41 -4.67 -13.01
C MET C 43 0.76 -5.66 -13.33
N TYR C 44 1.89 -5.16 -13.83
CA TYR C 44 3.10 -5.98 -14.21
C TYR C 44 4.33 -5.49 -13.50
N TYR C 45 5.03 -6.39 -12.81
CA TYR C 45 6.23 -6.05 -12.03
C TYR C 45 7.43 -6.90 -12.51
N GLY C 46 8.58 -6.26 -12.58
CA GLY C 46 9.85 -6.93 -12.79
C GLY C 46 10.04 -7.61 -14.13
N LEU C 47 10.77 -8.72 -14.10
CA LEU C 47 11.30 -9.31 -15.36
C LEU C 47 10.72 -10.67 -15.69
N GLN C 48 10.32 -10.79 -16.96
CA GLN C 48 10.05 -12.01 -17.74
C GLN C 48 11.26 -12.93 -17.89
N SER C 49 12.40 -12.34 -18.25
CA SER C 49 13.66 -13.03 -18.38
C SER C 49 14.81 -12.16 -17.93
N VAL C 50 15.57 -12.68 -16.96
CA VAL C 50 16.72 -12.01 -16.39
C VAL C 50 17.86 -11.96 -17.42
N GLN C 51 18.16 -13.11 -18.02
CA GLN C 51 19.21 -13.22 -19.04
C GLN C 51 18.92 -12.31 -20.20
N ASP C 52 17.71 -12.30 -20.73
CA ASP C 52 17.36 -11.42 -21.89
C ASP C 52 16.90 -9.97 -21.54
N LYS C 53 16.79 -9.67 -20.25
CA LYS C 53 16.45 -8.33 -19.73
C LYS C 53 15.08 -7.85 -20.24
N LYS C 54 14.09 -8.75 -20.24
CA LYS C 54 12.75 -8.45 -20.71
C LYS C 54 11.78 -8.22 -19.57
N ALA C 55 11.07 -7.09 -19.62
CA ALA C 55 10.12 -6.71 -18.59
C ALA C 55 8.83 -7.55 -18.78
N VAL C 56 8.28 -8.05 -17.69
CA VAL C 56 6.92 -8.62 -17.73
C VAL C 56 5.97 -7.54 -18.29
N ASN C 57 5.16 -7.97 -19.26
CA ASN C 57 4.19 -7.12 -20.00
C ASN C 57 2.93 -7.94 -20.34
N SER C 58 2.01 -7.32 -21.05
CA SER C 58 0.72 -7.93 -21.41
C SER C 58 0.88 -9.12 -22.30
N ASN C 59 2.02 -9.25 -23.02
CA ASN C 59 2.27 -10.43 -23.87
C ASN C 59 2.99 -11.59 -23.20
N THR C 60 3.36 -11.41 -21.93
CA THR C 60 4.25 -12.37 -21.31
C THR C 60 3.43 -13.60 -21.06
N ILE C 61 3.95 -14.76 -21.50
CA ILE C 61 3.40 -16.08 -21.18
C ILE C 61 3.99 -16.74 -19.94
N PHE C 62 3.11 -17.19 -19.02
CA PHE C 62 3.52 -17.88 -17.81
C PHE C 62 3.01 -19.33 -17.85
N GLU C 63 3.70 -20.23 -17.14
CA GLU C 63 3.22 -21.59 -16.80
C GLU C 63 2.17 -21.58 -15.66
N LEU C 64 0.96 -22.07 -15.97
CA LEU C 64 -0.12 -22.06 -14.99
C LEU C 64 -0.06 -23.19 -13.97
N GLY C 65 0.78 -24.20 -14.15
CA GLY C 65 0.77 -25.37 -13.23
C GLY C 65 -0.61 -26.02 -13.11
N SER C 66 -0.95 -26.48 -11.92
CA SER C 66 -2.27 -27.12 -11.69
C SER C 66 -3.46 -26.25 -12.03
N VAL C 67 -3.27 -24.96 -12.26
CA VAL C 67 -4.39 -24.17 -12.85
C VAL C 67 -4.81 -24.70 -14.24
N SER C 68 -3.90 -25.41 -14.92
CA SER C 68 -4.22 -26.17 -16.15
C SER C 68 -5.43 -27.13 -15.99
N LYS C 69 -5.54 -27.71 -14.79
CA LYS C 69 -6.65 -28.62 -14.42
C LYS C 69 -7.99 -28.04 -14.67
N LEU C 70 -8.13 -26.73 -14.56
CA LEU C 70 -9.43 -26.06 -14.82
C LEU C 70 -9.81 -26.07 -16.30
N PHE C 71 -8.80 -26.00 -17.15
CA PHE C 71 -9.02 -26.10 -18.59
C PHE C 71 -9.29 -27.58 -18.93
N THR C 72 -8.59 -28.50 -18.29
CA THR C 72 -8.91 -29.93 -18.45
C THR C 72 -10.38 -30.19 -18.06
N ALA C 73 -10.81 -29.55 -16.97
CA ALA C 73 -12.19 -29.61 -16.52
C ALA C 73 -13.15 -29.01 -17.50
N THR C 74 -12.87 -27.78 -17.97
CA THR C 74 -13.73 -27.12 -18.96
C THR C 74 -13.91 -27.96 -20.22
N ALA C 75 -12.88 -28.71 -20.62
CA ALA C 75 -12.96 -29.56 -21.78
C ALA C 75 -13.82 -30.83 -21.54
N GLY C 76 -13.62 -31.43 -20.37
CA GLY C 76 -14.44 -32.52 -19.86
C GLY C 76 -15.91 -32.13 -19.85
N GLY C 77 -16.23 -31.01 -19.21
CA GLY C 77 -17.57 -30.41 -19.23
C GLY C 77 -18.14 -30.00 -20.58
N TYR C 78 -17.29 -29.63 -21.53
CA TYR C 78 -17.72 -29.36 -22.90
C TYR C 78 -18.01 -30.64 -23.70
N ALA C 79 -17.11 -31.61 -23.62
CA ALA C 79 -17.29 -32.89 -24.31
C ALA C 79 -18.58 -33.61 -23.88
N LYS C 80 -18.95 -33.46 -22.61
CA LYS C 80 -20.12 -34.13 -22.04
C LYS C 80 -21.42 -33.42 -22.45
N ASN C 81 -21.46 -32.09 -22.38
CA ASN C 81 -22.67 -31.35 -22.83
C ASN C 81 -22.92 -31.34 -24.34
N LYS C 82 -21.87 -31.45 -25.15
CA LYS C 82 -21.99 -31.70 -26.60
C LYS C 82 -22.48 -33.13 -26.84
N GLY C 83 -22.11 -34.04 -25.92
CA GLY C 83 -22.58 -35.43 -25.93
C GLY C 83 -21.50 -36.45 -26.23
N LYS C 84 -20.24 -36.01 -26.34
CA LYS C 84 -19.14 -36.93 -26.68
C LYS C 84 -18.74 -37.88 -25.53
N ILE C 85 -19.26 -37.63 -24.31
CA ILE C 85 -19.07 -38.54 -23.17
C ILE C 85 -20.18 -38.46 -22.11
N SER C 86 -20.25 -39.51 -21.29
CA SER C 86 -20.99 -39.52 -20.03
C SER C 86 -20.01 -39.60 -18.85
N PHE C 87 -20.31 -38.88 -17.78
CA PHE C 87 -19.47 -38.86 -16.59
C PHE C 87 -19.45 -40.19 -15.83
N ASP C 88 -20.44 -41.06 -16.10
CA ASP C 88 -20.46 -42.40 -15.53
C ASP C 88 -19.61 -43.43 -16.29
N ASP C 89 -19.28 -43.18 -17.57
CA ASP C 89 -18.42 -44.10 -18.36
C ASP C 89 -17.14 -44.42 -17.62
N THR C 90 -16.46 -45.44 -18.08
CA THR C 90 -15.12 -45.76 -17.60
C THR C 90 -14.13 -45.54 -18.78
N PRO C 91 -12.82 -45.55 -18.48
CA PRO C 91 -11.82 -45.15 -19.49
C PRO C 91 -11.66 -46.11 -20.69
N GLY C 92 -11.58 -47.41 -20.39
CA GLY C 92 -11.53 -48.44 -21.42
C GLY C 92 -12.64 -48.41 -22.45
N LYS C 93 -13.72 -47.68 -22.15
CA LYS C 93 -14.75 -47.38 -23.15
C LYS C 93 -14.18 -46.59 -24.34
N TYR C 94 -13.17 -45.75 -24.06
CA TYR C 94 -12.52 -44.91 -25.07
C TYR C 94 -11.09 -45.38 -25.36
N TRP C 95 -10.31 -45.62 -24.32
CA TRP C 95 -8.98 -46.22 -24.47
C TRP C 95 -9.10 -47.76 -24.56
N LYS C 96 -9.45 -48.25 -25.75
CA LYS C 96 -9.78 -49.68 -25.96
C LYS C 96 -8.75 -50.61 -25.31
N GLU C 97 -7.48 -50.41 -25.62
CA GLU C 97 -6.36 -51.16 -25.00
C GLU C 97 -6.36 -51.27 -23.45
N LEU C 98 -7.22 -50.50 -22.77
CA LEU C 98 -7.48 -50.63 -21.32
C LEU C 98 -8.84 -51.26 -20.95
N LYS C 99 -9.62 -51.71 -21.95
CA LYS C 99 -10.93 -52.35 -21.71
C LYS C 99 -10.75 -53.73 -21.07
N ASN C 100 -11.67 -54.09 -20.16
CA ASN C 100 -11.61 -55.30 -19.32
C ASN C 100 -10.38 -55.32 -18.38
N THR C 101 -9.90 -54.14 -17.96
CA THR C 101 -8.76 -53.98 -17.03
C THR C 101 -9.31 -53.49 -15.68
N PRO C 102 -8.62 -53.82 -14.55
CA PRO C 102 -8.96 -53.34 -13.19
C PRO C 102 -9.15 -51.82 -12.99
N ILE C 103 -8.44 -51.00 -13.78
CA ILE C 103 -8.62 -49.55 -13.77
C ILE C 103 -9.92 -49.12 -14.46
N ASP C 104 -10.51 -50.01 -15.26
CA ASP C 104 -11.80 -49.80 -15.95
C ASP C 104 -13.06 -49.78 -15.00
N GLN C 105 -12.88 -50.32 -13.79
CA GLN C 105 -13.88 -50.15 -12.74
C GLN C 105 -14.13 -48.67 -12.40
N VAL C 106 -13.08 -47.84 -12.41
CA VAL C 106 -13.18 -46.42 -12.07
C VAL C 106 -13.91 -45.60 -13.16
N ASN C 107 -14.70 -44.62 -12.74
CA ASN C 107 -15.46 -43.77 -13.68
C ASN C 107 -14.80 -42.38 -14.00
N LEU C 108 -15.24 -41.77 -15.10
CA LEU C 108 -14.69 -40.51 -15.58
C LEU C 108 -14.76 -39.41 -14.54
N LEU C 109 -15.94 -39.17 -13.96
CA LEU C 109 -16.04 -38.20 -12.87
C LEU C 109 -15.13 -38.56 -11.63
N GLN C 110 -14.87 -39.84 -11.41
CA GLN C 110 -14.03 -40.29 -10.26
C GLN C 110 -12.55 -39.97 -10.46
N LEU C 111 -12.04 -40.18 -11.68
CA LEU C 111 -10.68 -39.77 -12.03
C LEU C 111 -10.54 -38.22 -12.04
N ALA C 112 -11.50 -37.54 -12.66
CA ALA C 112 -11.55 -36.05 -12.71
C ALA C 112 -11.54 -35.39 -11.33
N THR C 113 -11.99 -36.13 -10.30
CA THR C 113 -11.94 -35.62 -8.90
C THR C 113 -11.07 -36.41 -7.92
N TYR C 114 -10.17 -37.25 -8.42
CA TYR C 114 -9.05 -37.77 -7.62
C TYR C 114 -9.48 -38.80 -6.51
N THR C 115 -10.54 -39.57 -6.79
CA THR C 115 -11.11 -40.51 -5.82
C THR C 115 -10.95 -41.98 -6.06
N SER C 116 -10.49 -42.36 -7.24
CA SER C 116 -10.23 -43.75 -7.63
C SER C 116 -9.73 -44.76 -6.59
N GLY C 117 -8.82 -44.39 -5.72
CA GLY C 117 -8.41 -45.33 -4.72
C GLY C 117 -6.95 -45.53 -4.57
N ASN C 118 -6.24 -45.60 -5.68
CA ASN C 118 -4.80 -45.90 -5.67
C ASN C 118 -3.81 -44.93 -6.32
N LEU C 119 -4.26 -43.78 -6.78
CA LEU C 119 -3.37 -42.85 -7.49
C LEU C 119 -2.66 -41.74 -6.72
N ALA C 120 -1.34 -41.81 -6.67
CA ALA C 120 -0.54 -40.77 -6.05
C ALA C 120 -0.45 -39.45 -6.90
N LEU C 121 0.21 -38.45 -6.31
CA LEU C 121 0.39 -37.11 -6.89
C LEU C 121 1.07 -37.22 -8.23
N GLN C 122 2.27 -37.78 -8.23
CA GLN C 122 3.02 -38.04 -9.45
C GLN C 122 2.93 -39.52 -9.82
N PHE C 123 3.15 -39.81 -11.10
CA PHE C 123 3.58 -41.15 -11.55
C PHE C 123 4.88 -41.45 -10.79
N PRO C 124 5.30 -42.74 -10.72
CA PRO C 124 6.67 -42.99 -10.22
C PRO C 124 7.72 -42.68 -11.30
N ASP C 125 8.95 -42.42 -10.87
CA ASP C 125 10.13 -42.12 -11.72
C ASP C 125 10.18 -42.77 -13.13
N GLU C 126 10.30 -44.10 -13.17
CA GLU C 126 10.53 -44.86 -14.41
C GLU C 126 9.43 -44.75 -15.48
N VAL C 127 8.25 -44.23 -15.11
CA VAL C 127 7.17 -43.95 -16.07
C VAL C 127 7.41 -42.61 -16.84
N GLN C 128 7.68 -42.75 -18.14
CA GLN C 128 8.17 -41.66 -19.00
C GLN C 128 7.53 -41.77 -20.39
N THR C 129 7.86 -42.84 -21.11
CA THR C 129 7.29 -43.13 -22.44
C THR C 129 5.78 -43.41 -22.37
N ASP C 130 5.12 -43.32 -23.53
CA ASP C 130 3.65 -43.55 -23.63
C ASP C 130 3.23 -45.03 -23.40
N GLN C 131 4.07 -45.96 -23.87
CA GLN C 131 3.94 -47.39 -23.52
C GLN C 131 4.00 -47.58 -22.00
N GLN C 132 4.95 -46.91 -21.32
CA GLN C 132 5.05 -47.03 -19.85
C GLN C 132 3.81 -46.48 -19.12
N VAL C 133 3.25 -45.36 -19.61
CA VAL C 133 1.97 -44.84 -19.13
C VAL C 133 0.83 -45.87 -19.35
N LEU C 134 0.75 -46.47 -20.54
CA LEU C 134 -0.26 -47.52 -20.83
C LEU C 134 -0.07 -48.72 -19.90
N THR C 135 1.12 -49.28 -19.91
CA THR C 135 1.48 -50.38 -19.00
C THR C 135 1.05 -50.05 -17.55
N PHE C 136 1.24 -48.81 -17.13
CA PHE C 136 0.85 -48.37 -15.78
C PHE C 136 -0.64 -48.58 -15.44
N PHE C 137 -1.54 -48.26 -16.37
CA PHE C 137 -2.97 -48.30 -16.07
C PHE C 137 -3.56 -49.70 -16.20
N LYS C 138 -3.02 -50.48 -17.15
CA LYS C 138 -3.26 -51.94 -17.24
C LYS C 138 -2.95 -52.67 -15.93
N ASP C 139 -1.74 -52.45 -15.43
CA ASP C 139 -1.24 -53.12 -14.23
C ASP C 139 -1.68 -52.47 -12.90
N TRP C 140 -2.50 -51.41 -13.00
CA TRP C 140 -3.05 -50.70 -11.83
C TRP C 140 -4.00 -51.66 -11.15
N LYS C 141 -3.85 -51.76 -9.84
CA LYS C 141 -4.79 -52.52 -9.04
C LYS C 141 -5.48 -51.55 -8.08
N PRO C 142 -6.82 -51.69 -7.90
CA PRO C 142 -7.53 -50.86 -6.91
C PRO C 142 -7.11 -51.12 -5.47
N LYS C 143 -7.26 -50.12 -4.63
CA LYS C 143 -6.90 -50.20 -3.22
C LYS C 143 -8.11 -49.76 -2.37
N ASN C 144 -8.19 -48.48 -2.00
CA ASN C 144 -9.30 -47.98 -1.21
C ASN C 144 -10.52 -48.08 -2.10
N PRO C 145 -11.72 -48.15 -1.50
CA PRO C 145 -12.91 -48.30 -2.34
C PRO C 145 -13.06 -47.16 -3.37
N ILE C 146 -13.31 -47.51 -4.63
CA ILE C 146 -13.55 -46.52 -5.69
C ILE C 146 -14.69 -45.59 -5.25
N GLY C 147 -14.53 -44.29 -5.51
CA GLY C 147 -15.58 -43.29 -5.18
C GLY C 147 -15.45 -42.61 -3.82
N GLU C 148 -14.70 -43.22 -2.89
CA GLU C 148 -14.66 -42.74 -1.50
C GLU C 148 -13.40 -42.00 -1.23
N GLN C 151 -8.04 -38.10 -2.93
CA GLN C 151 -6.60 -37.81 -2.82
C GLN C 151 -5.93 -37.22 -4.10
N TYR C 152 -5.33 -36.04 -3.97
CA TYR C 152 -4.87 -35.20 -5.13
C TYR C 152 -3.87 -35.96 -6.04
N SER C 153 -4.18 -36.02 -7.33
CA SER C 153 -3.42 -36.84 -8.27
C SER C 153 -3.33 -36.23 -9.69
N ASN C 154 -2.11 -36.21 -10.24
CA ASN C 154 -1.87 -35.80 -11.64
C ASN C 154 -2.20 -36.92 -12.63
N PRO C 155 -1.63 -38.14 -12.45
CA PRO C 155 -2.12 -39.25 -13.27
C PRO C 155 -3.65 -39.42 -13.26
N SER C 156 -4.32 -39.08 -12.14
CA SER C 156 -5.78 -39.21 -12.11
C SER C 156 -6.43 -38.32 -13.16
N ILE C 157 -6.31 -37.00 -13.01
CA ILE C 157 -6.93 -36.08 -13.98
C ILE C 157 -6.24 -36.13 -15.37
N GLY C 158 -5.00 -36.61 -15.42
CA GLY C 158 -4.39 -37.11 -16.65
C GLY C 158 -5.28 -38.03 -17.46
N LEU C 159 -5.51 -39.25 -16.99
CA LEU C 159 -6.39 -40.22 -17.69
C LEU C 159 -7.70 -39.58 -18.17
N PHE C 160 -8.36 -38.81 -17.29
CA PHE C 160 -9.63 -38.14 -17.63
C PHE C 160 -9.51 -37.21 -18.85
N GLY C 161 -8.45 -36.40 -18.88
CA GLY C 161 -8.16 -35.57 -20.05
C GLY C 161 -7.84 -36.38 -21.31
N LYS C 162 -6.91 -37.32 -21.16
CA LYS C 162 -6.51 -38.27 -22.22
C LYS C 162 -7.75 -38.94 -22.88
N VAL C 163 -8.69 -39.37 -22.05
CA VAL C 163 -9.97 -39.94 -22.48
C VAL C 163 -10.83 -38.91 -23.21
N VAL C 164 -10.93 -37.73 -22.61
CA VAL C 164 -11.76 -36.66 -23.21
C VAL C 164 -11.21 -36.34 -24.61
N ALA C 165 -9.88 -36.24 -24.73
CA ALA C 165 -9.17 -36.09 -26.04
C ALA C 165 -9.53 -37.25 -27.05
N LEU C 166 -9.51 -38.50 -26.57
CA LEU C 166 -9.90 -39.66 -27.41
C LEU C 166 -11.33 -39.61 -27.89
N SER C 167 -12.25 -39.36 -26.95
CA SER C 167 -13.67 -39.15 -27.27
C SER C 167 -14.00 -38.04 -28.27
N MET C 168 -13.05 -37.16 -28.58
CA MET C 168 -13.22 -36.13 -29.61
C MET C 168 -12.20 -36.29 -30.73
N ASN C 169 -11.60 -37.50 -30.83
CA ASN C 169 -10.61 -37.84 -31.87
C ASN C 169 -9.54 -36.76 -32.21
N LYS C 170 -9.02 -36.10 -31.19
CA LYS C 170 -7.95 -35.10 -31.34
C LYS C 170 -7.06 -35.32 -30.15
N PRO C 171 -5.72 -35.25 -30.34
CA PRO C 171 -4.87 -35.21 -29.15
C PRO C 171 -5.32 -34.08 -28.22
N PHE C 172 -4.94 -34.21 -26.96
CA PHE C 172 -5.39 -33.28 -25.93
C PHE C 172 -5.07 -31.82 -26.26
N ASP C 173 -3.86 -31.59 -26.78
CA ASP C 173 -3.37 -30.24 -27.12
C ASP C 173 -4.22 -29.49 -28.16
N GLN C 174 -4.71 -30.19 -29.18
CA GLN C 174 -5.74 -29.63 -30.06
C GLN C 174 -7.15 -29.49 -29.45
N VAL C 175 -7.53 -30.29 -28.46
CA VAL C 175 -8.83 -30.05 -27.79
C VAL C 175 -8.86 -28.62 -27.18
N LEU C 176 -7.80 -28.30 -26.47
CA LEU C 176 -7.64 -26.99 -25.88
C LEU C 176 -7.39 -25.94 -26.98
N GLU C 177 -6.37 -26.15 -27.81
CA GLU C 177 -5.89 -25.10 -28.78
C GLU C 177 -6.84 -24.78 -29.92
N LYS C 178 -7.60 -25.79 -30.37
CA LYS C 178 -8.54 -25.64 -31.50
C LYS C 178 -10.00 -25.39 -31.11
N THR C 179 -10.47 -25.95 -29.98
CA THR C 179 -11.90 -25.89 -29.58
C THR C 179 -12.22 -25.02 -28.36
N ILE C 180 -11.57 -25.31 -27.24
CA ILE C 180 -11.85 -24.68 -25.93
C ILE C 180 -11.34 -23.25 -25.78
N PHE C 181 -10.05 -23.04 -26.04
CA PHE C 181 -9.50 -21.66 -25.95
C PHE C 181 -10.22 -20.73 -26.90
N PRO C 182 -10.50 -21.17 -28.15
CA PRO C 182 -11.27 -20.27 -29.02
C PRO C 182 -12.69 -19.99 -28.55
N ALA C 183 -13.37 -20.98 -27.96
CA ALA C 183 -14.75 -20.72 -27.48
C ALA C 183 -14.78 -19.70 -26.32
N LEU C 184 -13.77 -19.78 -25.46
CA LEU C 184 -13.57 -18.85 -24.33
C LEU C 184 -13.02 -17.50 -24.81
N GLY C 185 -12.42 -17.51 -26.00
CA GLY C 185 -11.93 -16.32 -26.66
C GLY C 185 -10.55 -15.99 -26.12
N LEU C 186 -9.67 -16.98 -26.10
CA LEU C 186 -8.31 -16.86 -25.56
C LEU C 186 -7.32 -16.99 -26.73
N LYS C 187 -6.51 -15.96 -26.93
CA LYS C 187 -5.59 -15.87 -28.10
C LYS C 187 -4.19 -16.35 -27.84
N HIS C 188 -3.73 -16.24 -26.60
CA HIS C 188 -2.32 -16.46 -26.27
C HIS C 188 -2.22 -17.44 -25.13
N SER C 189 -3.00 -18.51 -25.25
CA SER C 189 -3.00 -19.62 -24.30
C SER C 189 -2.59 -20.91 -25.03
N TYR C 190 -1.68 -21.69 -24.47
CA TYR C 190 -0.98 -22.77 -25.19
C TYR C 190 -0.79 -23.94 -24.29
N VAL C 191 -0.74 -25.16 -24.88
CA VAL C 191 -0.05 -26.34 -24.31
C VAL C 191 1.36 -26.41 -24.84
N ASN C 192 1.53 -26.16 -26.13
CA ASN C 192 2.88 -26.06 -26.70
C ASN C 192 3.06 -24.65 -27.24
N VAL C 193 3.99 -23.89 -26.65
CA VAL C 193 4.21 -22.55 -27.07
C VAL C 193 4.87 -22.61 -28.45
N PRO C 194 4.23 -22.03 -29.47
CA PRO C 194 4.84 -22.02 -30.80
C PRO C 194 6.08 -21.13 -30.97
N LYS C 195 6.88 -21.45 -31.99
CA LYS C 195 8.10 -20.70 -32.36
C LYS C 195 7.93 -19.18 -32.31
N THR C 196 6.81 -18.70 -32.86
CA THR C 196 6.52 -17.28 -32.92
C THR C 196 6.25 -16.63 -31.56
N GLN C 197 5.86 -17.41 -30.55
CA GLN C 197 5.66 -16.86 -29.20
C GLN C 197 6.78 -17.13 -28.20
N MET C 198 7.85 -17.83 -28.58
CA MET C 198 8.89 -18.15 -27.61
C MET C 198 9.55 -16.88 -26.99
N GLN C 199 9.61 -15.77 -27.75
CA GLN C 199 10.17 -14.52 -27.26
C GLN C 199 9.31 -13.89 -26.11
N ASN C 200 8.03 -14.29 -26.01
CA ASN C 200 7.15 -13.82 -24.94
C ASN C 200 6.98 -14.84 -23.77
N TYR C 201 7.63 -15.98 -23.89
CA TYR C 201 7.46 -17.03 -22.88
C TYR C 201 8.51 -16.84 -21.78
N ALA C 202 8.08 -16.42 -20.61
CA ALA C 202 8.94 -16.28 -19.44
C ALA C 202 9.67 -17.56 -19.10
N PHE C 203 10.86 -17.41 -18.51
CA PHE C 203 11.49 -18.45 -17.79
C PHE C 203 10.95 -18.45 -16.38
N GLY C 204 11.02 -19.62 -15.76
CA GLY C 204 10.70 -19.84 -14.37
C GLY C 204 12.03 -19.79 -13.70
N TYR C 205 12.06 -19.52 -12.40
CA TYR C 205 13.30 -19.39 -11.64
C TYR C 205 13.11 -20.28 -10.39
N ASN C 206 14.13 -21.06 -10.10
CA ASN C 206 14.08 -21.96 -8.96
C ASN C 206 14.51 -21.25 -7.68
N GLN C 207 14.73 -21.98 -6.60
CA GLN C 207 15.10 -21.36 -5.32
C GLN C 207 16.50 -20.76 -5.30
N GLU C 208 17.35 -21.08 -6.29
CA GLU C 208 18.64 -20.38 -6.51
C GLU C 208 18.56 -19.21 -7.52
N ASN C 209 17.35 -18.78 -7.89
CA ASN C 209 17.18 -17.80 -8.99
C ASN C 209 17.86 -18.16 -10.31
N GLN C 210 17.66 -19.41 -10.77
CA GLN C 210 18.24 -19.92 -12.01
C GLN C 210 17.15 -20.41 -12.90
N PRO C 211 17.26 -20.14 -14.22
CA PRO C 211 16.11 -20.32 -15.05
C PRO C 211 15.75 -21.80 -15.28
N ILE C 212 14.47 -22.04 -15.41
CA ILE C 212 13.91 -23.35 -15.48
C ILE C 212 12.61 -23.29 -16.23
N ARG C 213 12.34 -24.27 -17.09
CA ARG C 213 11.01 -24.44 -17.68
C ARG C 213 10.41 -25.84 -17.32
N VAL C 214 9.10 -25.97 -17.51
CA VAL C 214 8.38 -27.22 -17.19
C VAL C 214 8.91 -28.44 -17.99
N ASN C 215 9.33 -29.49 -17.30
CA ASN C 215 9.83 -30.71 -17.95
C ASN C 215 8.74 -31.48 -18.75
N PRO C 216 9.13 -32.15 -19.85
CA PRO C 216 8.20 -33.10 -20.47
C PRO C 216 7.88 -34.18 -19.45
N GLY C 217 6.61 -34.59 -19.40
CA GLY C 217 6.21 -35.71 -18.55
C GLY C 217 5.12 -36.57 -19.15
N PRO C 218 4.82 -37.72 -18.52
CA PRO C 218 3.66 -38.52 -18.95
C PRO C 218 2.33 -37.87 -18.53
N LEU C 219 1.42 -37.67 -19.49
CA LEU C 219 0.14 -36.97 -19.29
C LEU C 219 0.23 -35.57 -18.65
N ASP C 220 1.39 -34.92 -18.85
CA ASP C 220 1.69 -33.59 -18.31
C ASP C 220 0.64 -32.56 -18.64
N ALA C 221 0.13 -32.59 -19.88
CA ALA C 221 -0.64 -31.48 -20.37
C ALA C 221 -1.98 -31.27 -19.67
N PRO C 222 -2.80 -32.34 -19.50
CA PRO C 222 -4.09 -32.10 -18.78
C PRO C 222 -3.92 -31.79 -17.30
N ALA C 223 -2.81 -32.24 -16.71
CA ALA C 223 -2.50 -32.04 -15.29
C ALA C 223 -1.95 -30.64 -14.97
N TYR C 224 -0.85 -30.25 -15.64
CA TYR C 224 -0.11 -29.00 -15.32
C TYR C 224 0.64 -28.35 -16.51
N GLY C 225 0.07 -28.42 -17.73
CA GLY C 225 0.79 -28.08 -18.96
C GLY C 225 0.32 -26.88 -19.78
N VAL C 226 -0.64 -26.12 -19.25
CA VAL C 226 -1.10 -24.97 -19.93
C VAL C 226 -0.17 -23.75 -19.57
N LYS C 227 0.02 -22.89 -20.58
CA LYS C 227 0.68 -21.60 -20.44
C LYS C 227 -0.20 -20.50 -21.01
N SER C 228 -0.21 -19.36 -20.33
CA SER C 228 -1.13 -18.27 -20.66
C SER C 228 -0.60 -16.90 -20.24
N THR C 229 -1.28 -15.86 -20.70
CA THR C 229 -0.92 -14.47 -20.44
C THR C 229 -1.93 -13.96 -19.43
N LEU C 230 -1.63 -12.84 -18.79
CA LEU C 230 -2.53 -12.23 -17.83
C LEU C 230 -3.87 -11.81 -18.48
N PRO C 231 -3.85 -11.15 -19.66
CA PRO C 231 -5.12 -10.75 -20.33
C PRO C 231 -6.02 -11.94 -20.71
N ASP C 232 -5.40 -13.08 -21.06
CA ASP C 232 -6.15 -14.32 -21.31
C ASP C 232 -6.72 -14.89 -20.03
N MET C 233 -5.95 -14.84 -18.96
CA MET C 233 -6.44 -15.38 -17.69
C MET C 233 -7.58 -14.52 -17.16
N LEU C 234 -7.52 -13.20 -17.33
CA LEU C 234 -8.68 -12.37 -16.97
C LEU C 234 -9.90 -12.66 -17.84
N SER C 235 -9.68 -12.99 -19.11
CA SER C 235 -10.82 -13.33 -19.96
C SER C 235 -11.45 -14.63 -19.45
N PHE C 236 -10.63 -15.61 -19.13
CA PHE C 236 -11.08 -16.81 -18.42
C PHE C 236 -11.88 -16.54 -17.14
N ILE C 237 -11.39 -15.64 -16.28
CA ILE C 237 -12.20 -15.15 -15.15
C ILE C 237 -13.51 -14.46 -15.60
N HIS C 238 -13.49 -13.67 -16.68
CA HIS C 238 -14.73 -13.09 -17.21
C HIS C 238 -15.76 -14.16 -17.69
N ALA C 239 -15.30 -15.20 -18.40
CA ALA C 239 -16.17 -16.31 -18.82
C ALA C 239 -16.80 -17.03 -17.60
N ASN C 240 -15.95 -17.55 -16.70
CA ASN C 240 -16.42 -18.09 -15.40
C ASN C 240 -17.38 -17.15 -14.61
N LEU C 241 -17.23 -15.83 -14.71
CA LEU C 241 -18.15 -14.90 -14.04
C LEU C 241 -19.45 -14.55 -14.82
N ASN C 242 -19.43 -14.66 -16.15
CA ASN C 242 -20.55 -14.29 -17.02
C ASN C 242 -20.75 -15.39 -18.08
N PRO C 243 -21.05 -16.63 -17.65
CA PRO C 243 -21.26 -17.72 -18.60
C PRO C 243 -22.47 -17.48 -19.56
N GLN C 244 -23.52 -16.84 -19.07
CA GLN C 244 -24.67 -16.43 -19.91
C GLN C 244 -24.36 -15.44 -21.05
N LYS C 245 -23.20 -14.78 -21.03
CA LYS C 245 -22.79 -13.94 -22.18
C LYS C 245 -22.06 -14.71 -23.25
N TYR C 246 -21.96 -16.04 -23.11
CA TYR C 246 -21.25 -16.90 -24.07
C TYR C 246 -22.20 -17.80 -24.85
N PRO C 247 -21.69 -18.40 -25.94
CA PRO C 247 -22.49 -19.39 -26.64
C PRO C 247 -22.81 -20.62 -25.80
N THR C 248 -23.89 -21.28 -26.17
CA THR C 248 -24.42 -22.46 -25.51
C THR C 248 -23.41 -23.57 -25.12
N ASP C 249 -22.72 -24.15 -26.09
CA ASP C 249 -21.86 -25.30 -25.85
C ASP C 249 -20.75 -25.02 -24.84
N ILE C 250 -20.23 -23.79 -24.82
CA ILE C 250 -19.14 -23.46 -23.89
C ILE C 250 -19.66 -22.94 -22.56
N GLN C 251 -20.76 -22.19 -22.61
CA GLN C 251 -21.42 -21.70 -21.40
C GLN C 251 -21.83 -22.85 -20.44
N ARG C 252 -22.36 -23.94 -21.01
CA ARG C 252 -22.73 -25.12 -20.22
C ARG C 252 -21.52 -25.89 -19.71
N ALA C 253 -20.46 -25.87 -20.52
CA ALA C 253 -19.19 -26.45 -20.11
C ALA C 253 -18.62 -25.77 -18.87
N ILE C 254 -18.74 -24.44 -18.81
CA ILE C 254 -18.30 -23.64 -17.65
C ILE C 254 -19.19 -23.96 -16.43
N ASN C 255 -20.50 -23.89 -16.61
CA ASN C 255 -21.46 -24.20 -15.50
C ASN C 255 -21.21 -25.59 -14.92
N GLU C 256 -21.00 -26.58 -15.78
CA GLU C 256 -20.57 -27.93 -15.36
C GLU C 256 -19.37 -27.93 -14.41
N THR C 257 -18.39 -27.03 -14.58
CA THR C 257 -17.26 -26.96 -13.64
C THR C 257 -17.59 -26.27 -12.31
N HIS C 258 -18.62 -25.43 -12.26
CA HIS C 258 -19.00 -24.81 -10.97
C HIS C 258 -19.84 -25.73 -10.05
N GLN C 259 -20.33 -26.86 -10.56
CA GLN C 259 -21.15 -27.78 -9.77
C GLN C 259 -20.27 -28.62 -8.84
N GLY C 260 -20.41 -28.37 -7.53
CA GLY C 260 -19.73 -29.17 -6.48
C GLY C 260 -20.12 -30.64 -6.62
N ARG C 261 -19.19 -31.52 -6.28
CA ARG C 261 -19.37 -32.97 -6.46
C ARG C 261 -19.36 -33.78 -5.15
N TYR C 262 -18.56 -33.35 -4.16
CA TYR C 262 -18.54 -33.92 -2.81
C TYR C 262 -17.92 -32.92 -1.85
N GLN C 263 -17.82 -33.27 -0.56
CA GLN C 263 -17.25 -32.36 0.46
C GLN C 263 -16.06 -33.00 1.16
N VAL C 264 -15.13 -32.11 1.56
CA VAL C 264 -14.01 -32.43 2.42
C VAL C 264 -13.86 -31.20 3.32
N ASN C 265 -14.32 -31.34 4.57
CA ASN C 265 -14.35 -30.29 5.57
C ASN C 265 -15.04 -29.10 5.00
N THR C 266 -14.46 -27.90 5.11
CA THR C 266 -15.08 -26.69 4.59
C THR C 266 -14.92 -26.50 3.05
N MET C 267 -14.26 -27.45 2.36
CA MET C 267 -14.04 -27.39 0.91
C MET C 267 -14.94 -28.34 0.10
N TYR C 268 -15.63 -27.75 -0.87
CA TYR C 268 -16.45 -28.48 -1.83
C TYR C 268 -15.63 -28.63 -3.14
N GLN C 269 -15.34 -29.86 -3.53
CA GLN C 269 -14.51 -30.13 -4.70
C GLN C 269 -15.39 -30.10 -5.92
N ALA C 270 -15.22 -29.08 -6.76
CA ALA C 270 -15.88 -29.07 -8.06
C ALA C 270 -15.01 -29.74 -9.08
N LEU C 271 -15.33 -29.55 -10.35
CA LEU C 271 -14.53 -30.08 -11.45
C LEU C 271 -13.30 -29.16 -11.59
N GLY C 272 -12.12 -29.64 -11.22
CA GLY C 272 -10.95 -28.75 -11.16
C GLY C 272 -10.93 -27.69 -10.05
N TRP C 273 -11.86 -26.73 -10.13
CA TRP C 273 -12.04 -25.69 -9.11
C TRP C 273 -12.33 -26.26 -7.73
N GLU C 274 -11.84 -25.56 -6.72
CA GLU C 274 -12.22 -25.79 -5.33
C GLU C 274 -13.26 -24.75 -5.03
N GLU C 275 -14.26 -25.16 -4.24
CA GLU C 275 -15.45 -24.37 -3.93
C GLU C 275 -15.65 -24.24 -2.42
N PHE C 276 -16.07 -23.04 -2.01
CA PHE C 276 -16.33 -22.65 -0.62
C PHE C 276 -17.59 -21.79 -0.56
N SER C 277 -18.33 -21.92 0.54
CA SER C 277 -19.46 -21.02 0.89
C SER C 277 -18.93 -19.64 1.11
N TYR C 278 -19.60 -18.65 0.53
CA TYR C 278 -19.17 -17.25 0.62
C TYR C 278 -20.09 -16.47 1.55
N PRO C 279 -19.58 -15.67 2.50
CA PRO C 279 -18.14 -15.41 2.68
C PRO C 279 -17.34 -16.60 3.21
N ALA C 280 -16.08 -16.67 2.83
CA ALA C 280 -15.15 -17.60 3.43
C ALA C 280 -14.01 -16.76 3.97
N THR C 281 -13.44 -17.21 5.09
CA THR C 281 -12.39 -16.47 5.80
C THR C 281 -11.05 -17.11 5.47
N LEU C 282 -9.96 -16.40 5.80
CA LEU C 282 -8.62 -16.89 5.53
C LEU C 282 -8.45 -18.36 5.89
N GLN C 283 -8.74 -18.71 7.13
CA GLN C 283 -8.56 -20.09 7.62
C GLN C 283 -9.27 -21.16 6.81
N THR C 284 -10.42 -20.82 6.23
CA THR C 284 -11.17 -21.74 5.34
C THR C 284 -10.50 -21.92 3.96
N LEU C 285 -9.84 -20.87 3.48
CA LEU C 285 -9.08 -20.89 2.20
C LEU C 285 -7.64 -21.38 2.37
N LEU C 286 -6.96 -20.95 3.44
CA LEU C 286 -5.63 -21.45 3.75
C LEU C 286 -5.68 -22.93 4.13
N ASP C 287 -6.80 -23.38 4.72
CA ASP C 287 -6.95 -24.80 5.06
C ASP C 287 -7.10 -25.67 3.81
N SER C 288 -7.73 -25.14 2.77
CA SER C 288 -7.96 -25.87 1.50
C SER C 288 -6.72 -26.43 0.81
N ASN C 289 -5.58 -25.80 1.07
CA ASN C 289 -4.29 -26.20 0.51
C ASN C 289 -3.29 -26.44 1.64
N SER C 290 -3.70 -27.26 2.61
CA SER C 290 -2.84 -27.66 3.73
C SER C 290 -2.23 -29.01 3.38
N GLU C 291 -1.09 -29.36 3.97
CA GLU C 291 -0.44 -30.67 3.69
C GLU C 291 -1.41 -31.87 3.67
N GLN C 292 -2.26 -31.94 4.69
CA GLN C 292 -3.20 -33.04 4.85
C GLN C 292 -4.23 -33.14 3.67
N ILE C 293 -4.76 -32.00 3.25
CA ILE C 293 -5.65 -31.98 2.08
C ILE C 293 -4.92 -32.30 0.75
N VAL C 294 -3.74 -31.71 0.54
CA VAL C 294 -3.01 -31.83 -0.74
C VAL C 294 -2.30 -33.20 -0.89
N MET C 295 -1.51 -33.55 0.12
CA MET C 295 -0.55 -34.64 0.01
C MET C 295 -1.03 -35.98 0.53
N LYS C 296 -2.12 -35.99 1.33
CA LYS C 296 -2.61 -37.22 1.98
C LYS C 296 -4.07 -37.51 1.63
N PRO C 297 -4.51 -38.78 1.73
CA PRO C 297 -5.88 -39.13 1.31
C PRO C 297 -6.93 -38.79 2.37
N ASN C 298 -8.19 -38.65 1.95
CA ASN C 298 -9.27 -38.20 2.83
C ASN C 298 -10.63 -38.73 2.41
N LYS C 299 -11.35 -39.31 3.39
CA LYS C 299 -12.69 -39.80 3.20
C LYS C 299 -13.61 -38.70 2.60
N VAL C 300 -14.48 -39.10 1.65
CA VAL C 300 -15.39 -38.20 0.92
C VAL C 300 -16.88 -38.31 1.38
N THR C 301 -17.42 -37.18 1.86
CA THR C 301 -18.85 -37.00 2.23
C THR C 301 -19.66 -36.49 1.00
N ALA C 302 -20.84 -37.05 0.73
CA ALA C 302 -21.72 -36.50 -0.32
C ALA C 302 -22.35 -35.16 0.13
N ILE C 303 -22.70 -34.30 -0.85
CA ILE C 303 -23.21 -32.94 -0.56
C ILE C 303 -24.64 -32.99 -0.05
N SER C 304 -24.84 -32.62 1.21
CA SER C 304 -26.20 -32.54 1.79
C SER C 304 -26.96 -31.36 1.17
N LYS C 305 -26.34 -30.19 1.28
CA LYS C 305 -26.83 -28.97 0.67
C LYS C 305 -25.60 -28.35 -0.04
N GLU C 306 -25.78 -27.84 -1.26
CA GLU C 306 -24.80 -26.93 -1.87
C GLU C 306 -25.09 -25.56 -1.23
N PRO C 307 -24.05 -24.76 -0.92
CA PRO C 307 -24.36 -23.44 -0.37
C PRO C 307 -25.17 -22.63 -1.36
N SER C 308 -26.02 -21.75 -0.83
CA SER C 308 -26.83 -20.88 -1.68
C SER C 308 -25.95 -19.88 -2.45
N VAL C 309 -24.82 -19.48 -1.83
CA VAL C 309 -23.85 -18.53 -2.45
C VAL C 309 -22.44 -19.08 -2.28
N LYS C 310 -21.62 -18.98 -3.34
CA LYS C 310 -20.25 -19.54 -3.35
C LYS C 310 -19.14 -18.63 -3.98
N MET C 311 -17.89 -19.05 -3.74
CA MET C 311 -16.70 -18.54 -4.41
C MET C 311 -15.88 -19.77 -4.71
N TYR C 312 -14.88 -19.58 -5.57
CA TYR C 312 -14.00 -20.66 -6.02
C TYR C 312 -12.57 -20.14 -6.19
N HIS C 313 -11.61 -21.05 -6.11
CA HIS C 313 -10.23 -20.69 -6.21
C HIS C 313 -9.43 -21.90 -6.69
N LYS C 314 -8.25 -21.64 -7.21
CA LYS C 314 -7.32 -22.73 -7.52
C LYS C 314 -5.92 -22.15 -7.51
N THR C 315 -5.01 -22.95 -6.97
CA THR C 315 -3.60 -22.69 -7.01
C THR C 315 -2.93 -23.57 -8.09
N GLY C 316 -1.79 -23.07 -8.60
CA GLY C 316 -0.94 -23.84 -9.49
C GLY C 316 0.52 -23.56 -9.23
N SER C 317 1.33 -24.59 -9.37
CA SER C 317 2.75 -24.45 -9.36
C SER C 317 3.43 -25.40 -10.34
N THR C 318 4.49 -24.92 -10.95
CA THR C 318 5.52 -25.78 -11.56
C THR C 318 6.76 -25.47 -10.75
N SER C 319 7.92 -26.01 -11.09
CA SER C 319 9.09 -25.74 -10.24
C SER C 319 9.44 -24.28 -10.28
N GLY C 320 9.19 -23.61 -11.40
CA GLY C 320 9.58 -22.21 -11.56
C GLY C 320 8.50 -21.15 -11.50
N PHE C 321 7.23 -21.54 -11.36
CA PHE C 321 6.09 -20.64 -11.51
C PHE C 321 5.08 -20.87 -10.36
N GLY C 322 4.42 -19.79 -9.98
CA GLY C 322 3.28 -19.77 -9.07
C GLY C 322 2.10 -19.02 -9.68
N THR C 323 0.92 -19.58 -9.42
CA THR C 323 -0.35 -19.13 -9.98
C THR C 323 -1.42 -19.22 -8.86
N TYR C 324 -2.27 -18.21 -8.81
CA TYR C 324 -3.48 -18.19 -8.06
C TYR C 324 -4.56 -17.48 -8.84
N VAL C 325 -5.72 -18.15 -8.96
CA VAL C 325 -6.92 -17.55 -9.53
C VAL C 325 -8.12 -17.71 -8.53
N VAL C 326 -8.99 -16.73 -8.50
CA VAL C 326 -10.09 -16.71 -7.54
C VAL C 326 -11.20 -15.81 -8.11
N PHE C 327 -12.46 -16.22 -8.01
CA PHE C 327 -13.58 -15.27 -8.31
C PHE C 327 -14.79 -15.51 -7.36
N ILE C 328 -15.63 -14.50 -7.30
CA ILE C 328 -16.70 -14.46 -6.31
C ILE C 328 -17.90 -14.00 -7.12
N PRO C 329 -18.68 -14.96 -7.65
CA PRO C 329 -19.77 -14.67 -8.59
C PRO C 329 -20.68 -13.54 -8.11
N LYS C 330 -21.16 -13.68 -6.87
CA LYS C 330 -21.95 -12.67 -6.18
C LYS C 330 -21.42 -11.24 -6.34
N GLU C 331 -20.14 -11.06 -6.03
CA GLU C 331 -19.49 -9.74 -6.12
C GLU C 331 -19.01 -9.34 -7.56
N ASN C 332 -19.06 -10.25 -8.55
CA ASN C 332 -18.65 -9.97 -9.94
C ASN C 332 -17.19 -9.46 -9.94
N ILE C 333 -16.35 -10.19 -9.23
CA ILE C 333 -14.98 -9.79 -9.03
C ILE C 333 -14.12 -11.06 -9.01
N GLY C 334 -12.92 -10.96 -9.60
CA GLY C 334 -11.96 -12.06 -9.59
C GLY C 334 -10.52 -11.58 -9.67
N LEU C 335 -9.61 -12.43 -9.24
CA LEU C 335 -8.21 -12.05 -9.27
C LEU C 335 -7.35 -13.12 -9.90
N VAL C 336 -6.36 -12.69 -10.69
CA VAL C 336 -5.32 -13.58 -11.23
C VAL C 336 -3.94 -13.10 -10.77
N MET C 337 -3.13 -14.00 -10.19
CA MET C 337 -1.72 -13.70 -9.89
C MET C 337 -0.86 -14.76 -10.61
N LEU C 338 0.16 -14.27 -11.31
CA LEU C 338 1.14 -15.09 -12.07
C LEU C 338 2.55 -14.66 -11.67
N THR C 339 3.36 -15.57 -11.13
CA THR C 339 4.76 -15.27 -10.83
C THR C 339 5.68 -16.24 -11.58
N ASN C 340 6.92 -15.80 -11.83
CA ASN C 340 7.96 -16.69 -12.40
C ASN C 340 8.98 -17.15 -11.36
N LYS C 341 8.48 -17.26 -10.13
CA LYS C 341 9.13 -18.02 -9.10
C LYS C 341 8.03 -18.53 -8.16
N ARG C 342 8.26 -19.72 -7.62
CA ARG C 342 7.42 -20.24 -6.54
C ARG C 342 7.42 -19.31 -5.32
N ILE C 343 6.25 -18.92 -4.85
CA ILE C 343 6.05 -18.41 -3.48
C ILE C 343 5.05 -19.30 -2.75
N PRO C 344 5.01 -19.22 -1.39
CA PRO C 344 4.04 -20.11 -0.75
C PRO C 344 2.57 -19.65 -1.04
N ASN C 345 1.70 -20.63 -1.22
CA ASN C 345 0.26 -20.40 -1.49
C ASN C 345 -0.36 -19.47 -0.46
N GLU C 346 -0.08 -19.77 0.82
CA GLU C 346 -0.51 -18.95 1.94
C GLU C 346 -0.36 -17.47 1.61
N GLU C 347 0.81 -17.06 1.10
CA GLU C 347 1.05 -15.65 0.74
C GLU C 347 0.25 -15.17 -0.47
N ARG C 348 -0.08 -16.08 -1.40
CA ARG C 348 -0.89 -15.74 -2.63
C ARG C 348 -2.34 -15.49 -2.20
N ILE C 349 -2.84 -16.46 -1.44
CA ILE C 349 -4.21 -16.45 -0.89
C ILE C 349 -4.44 -15.18 -0.01
N LYS C 350 -3.64 -15.02 1.05
CA LYS C 350 -3.69 -13.81 1.89
C LYS C 350 -3.75 -12.52 1.09
N ALA C 351 -2.77 -12.35 0.21
CA ALA C 351 -2.62 -11.12 -0.56
C ALA C 351 -3.81 -10.85 -1.49
N ALA C 352 -4.32 -11.90 -2.15
CA ALA C 352 -5.62 -11.80 -2.87
C ALA C 352 -6.79 -11.50 -1.88
N TYR C 353 -6.83 -12.22 -0.77
CA TYR C 353 -7.89 -12.07 0.23
C TYR C 353 -7.98 -10.64 0.74
N VAL C 354 -6.84 -10.05 1.08
CA VAL C 354 -6.73 -8.63 1.51
C VAL C 354 -7.21 -7.71 0.39
N VAL C 355 -6.67 -7.87 -0.82
CA VAL C 355 -7.00 -6.96 -1.95
C VAL C 355 -8.50 -7.01 -2.34
N LEU C 356 -9.06 -8.21 -2.43
CA LEU C 356 -10.45 -8.37 -2.91
C LEU C 356 -11.42 -7.80 -1.87
N ASN C 357 -11.29 -8.29 -0.62
CA ASN C 357 -12.02 -7.76 0.55
C ASN C 357 -11.80 -6.25 0.87
N ALA C 358 -10.95 -5.54 0.11
CA ALA C 358 -10.66 -4.11 0.33
C ALA C 358 -11.06 -3.18 -0.81
N ILE C 359 -11.38 -3.72 -2.00
CA ILE C 359 -11.81 -2.88 -3.14
C ILE C 359 -13.27 -2.44 -2.91
N LYS C 360 -13.58 -1.21 -3.31
CA LYS C 360 -14.93 -0.65 -3.19
C LYS C 360 -15.91 -1.41 -4.12
N PRO D 5 -28.81 20.48 36.31
CA PRO D 5 -27.71 20.29 35.38
C PRO D 5 -28.12 20.70 33.94
N LYS D 6 -27.51 20.11 32.90
CA LYS D 6 -27.97 20.26 31.50
C LYS D 6 -29.49 20.03 31.31
N ASP D 7 -30.05 19.09 32.09
CA ASP D 7 -31.49 18.74 32.06
C ASP D 7 -32.42 19.97 32.16
N GLN D 8 -32.42 20.65 33.32
CA GLN D 8 -33.26 21.84 33.54
C GLN D 8 -32.93 22.98 32.58
N GLU D 9 -31.69 23.01 32.07
CA GLU D 9 -31.18 24.10 31.23
C GLU D 9 -31.83 24.18 29.81
N ILE D 10 -31.59 23.14 28.99
CA ILE D 10 -32.25 22.95 27.70
C ILE D 10 -33.76 23.14 27.77
N LYS D 11 -34.38 22.52 28.78
CA LYS D 11 -35.83 22.65 29.05
C LYS D 11 -36.32 24.11 29.06
N LYS D 12 -35.61 25.00 29.73
CA LYS D 12 -36.06 26.40 29.88
C LYS D 12 -35.93 27.22 28.58
N LEU D 13 -34.95 26.88 27.74
CA LEU D 13 -34.77 27.55 26.43
C LEU D 13 -35.73 27.00 25.36
N VAL D 14 -35.86 25.67 25.31
CA VAL D 14 -36.86 25.03 24.44
C VAL D 14 -38.20 25.65 24.79
N ASP D 15 -38.53 25.68 26.07
CA ASP D 15 -39.73 26.40 26.58
C ASP D 15 -39.79 27.82 26.05
N GLN D 16 -38.66 28.51 26.07
CA GLN D 16 -38.58 29.91 25.65
C GLN D 16 -38.86 30.13 24.15
N ASN D 17 -38.19 29.33 23.31
CA ASN D 17 -38.14 29.49 21.83
C ASN D 17 -39.19 28.69 21.02
N PHE D 18 -39.60 27.53 21.52
CA PHE D 18 -40.63 26.70 20.84
C PHE D 18 -42.06 26.85 21.40
N LYS D 19 -42.21 26.85 22.72
CA LYS D 19 -43.54 26.81 23.35
C LYS D 19 -44.57 27.84 22.89
N PRO D 20 -44.16 29.10 22.64
CA PRO D 20 -45.21 30.03 22.18
C PRO D 20 -45.68 29.78 20.73
N LEU D 21 -44.98 28.91 19.99
CA LEU D 21 -45.41 28.52 18.62
C LEU D 21 -46.76 27.76 18.60
N LEU D 22 -47.03 26.97 19.65
CA LEU D 22 -48.35 26.28 19.83
C LEU D 22 -49.55 27.23 19.88
N GLU D 23 -49.51 28.22 20.77
CA GLU D 23 -50.57 29.24 20.81
C GLU D 23 -50.61 30.07 19.55
N LYS D 24 -49.43 30.42 19.02
CA LYS D 24 -49.41 31.30 17.83
C LYS D 24 -50.06 30.68 16.61
N TYR D 25 -49.81 29.40 16.36
CA TYR D 25 -50.29 28.72 15.15
C TYR D 25 -51.40 27.72 15.37
N ASP D 26 -51.83 27.59 16.63
CA ASP D 26 -52.95 26.72 17.02
C ASP D 26 -52.52 25.24 16.98
N VAL D 27 -51.27 24.97 17.31
CA VAL D 27 -50.75 23.62 17.13
C VAL D 27 -51.19 22.77 18.33
N PRO D 28 -51.88 21.62 18.11
CA PRO D 28 -52.24 20.82 19.28
C PRO D 28 -51.09 20.24 20.09
N GLY D 29 -50.07 19.73 19.41
CA GLY D 29 -48.97 18.98 20.07
C GLY D 29 -47.60 19.15 19.37
N MET D 30 -46.55 18.90 20.14
CA MET D 30 -45.16 19.17 19.74
C MET D 30 -44.20 18.40 20.62
N ALA D 31 -43.20 17.78 20.01
CA ALA D 31 -42.04 17.21 20.74
C ALA D 31 -40.72 17.84 20.20
N VAL D 32 -39.83 18.19 21.14
CA VAL D 32 -38.51 18.75 20.85
C VAL D 32 -37.44 17.98 21.61
N GLY D 33 -36.42 17.51 20.87
CA GLY D 33 -35.35 16.66 21.40
C GLY D 33 -33.96 17.19 21.07
N VAL D 34 -33.01 16.95 21.98
CA VAL D 34 -31.64 17.52 21.90
C VAL D 34 -30.62 16.46 22.24
N ILE D 35 -29.71 16.14 21.32
CA ILE D 35 -28.60 15.25 21.60
C ILE D 35 -27.42 16.17 21.76
N GLN D 36 -26.60 15.94 22.78
CA GLN D 36 -25.40 16.77 23.02
C GLN D 36 -24.34 16.03 23.84
N ASN D 37 -23.19 15.76 23.20
CA ASN D 37 -22.16 14.88 23.75
C ASN D 37 -22.71 13.47 24.00
N ASN D 38 -23.64 13.05 23.14
CA ASN D 38 -24.42 11.81 23.29
C ASN D 38 -25.30 11.70 24.59
N LYS D 39 -25.67 12.84 25.19
CA LYS D 39 -26.72 12.92 26.21
C LYS D 39 -28.06 13.39 25.54
N LYS D 40 -29.17 12.71 25.86
CA LYS D 40 -30.48 13.00 25.22
C LYS D 40 -31.43 13.73 26.17
N TYR D 41 -32.04 14.80 25.67
CA TYR D 41 -32.99 15.66 26.41
C TYR D 41 -34.26 15.81 25.56
N GLU D 42 -35.43 15.51 26.15
CA GLU D 42 -36.69 15.37 25.39
C GLU D 42 -37.80 16.14 26.09
N MET D 43 -38.58 16.92 25.35
CA MET D 43 -39.57 17.83 25.93
C MET D 43 -40.87 17.82 25.13
N TYR D 44 -42.02 17.86 25.84
CA TYR D 44 -43.34 17.49 25.29
C TYR D 44 -44.42 18.46 25.68
N TYR D 45 -45.19 18.92 24.69
CA TYR D 45 -46.29 19.82 24.92
C TYR D 45 -47.53 19.34 24.21
N GLY D 46 -48.67 19.68 24.78
CA GLY D 46 -49.95 19.47 24.15
C GLY D 46 -50.37 18.05 23.87
N LEU D 47 -51.23 17.92 22.87
CA LEU D 47 -51.99 16.70 22.56
C LEU D 47 -51.63 16.06 21.23
N GLN D 48 -51.42 14.75 21.28
CA GLN D 48 -51.21 13.84 20.14
C GLN D 48 -52.51 13.63 19.36
N SER D 49 -53.62 13.67 20.08
CA SER D 49 -54.96 13.54 19.51
C SER D 49 -55.93 14.28 20.38
N VAL D 50 -56.59 15.26 19.79
CA VAL D 50 -57.57 16.07 20.48
C VAL D 50 -58.78 15.19 20.81
N GLN D 51 -59.29 14.43 19.82
CA GLN D 51 -60.43 13.52 20.00
C GLN D 51 -60.25 12.54 21.15
N ASP D 52 -59.07 11.90 21.21
CA ASP D 52 -58.78 10.90 22.27
C ASP D 52 -58.15 11.49 23.53
N LYS D 53 -57.98 12.80 23.60
CA LYS D 53 -57.42 13.42 24.83
C LYS D 53 -56.13 12.68 25.25
N LYS D 54 -55.22 12.51 24.29
CA LYS D 54 -53.94 11.90 24.54
C LYS D 54 -52.88 12.97 24.41
N ALA D 55 -52.01 13.03 25.44
CA ALA D 55 -50.92 13.98 25.44
C ALA D 55 -49.75 13.37 24.72
N VAL D 56 -49.04 14.23 23.99
CA VAL D 56 -47.74 13.89 23.40
C VAL D 56 -46.78 13.36 24.49
N ASN D 57 -46.03 12.31 24.19
CA ASN D 57 -45.14 11.70 25.17
C ASN D 57 -44.09 10.98 24.34
N SER D 58 -43.16 10.32 25.00
CA SER D 58 -42.05 9.65 24.32
C SER D 58 -42.39 8.51 23.37
N ASN D 59 -43.61 7.96 23.46
CA ASN D 59 -44.10 6.98 22.47
C ASN D 59 -44.84 7.63 21.29
N THR D 60 -45.08 8.94 21.29
CA THR D 60 -45.87 9.53 20.19
C THR D 60 -45.18 9.39 18.83
N ILE D 61 -45.89 8.82 17.85
CA ILE D 61 -45.41 8.70 16.45
C ILE D 61 -45.93 9.88 15.58
N PHE D 62 -44.98 10.58 14.94
CA PHE D 62 -45.23 11.75 14.08
C PHE D 62 -44.88 11.36 12.66
N GLU D 63 -45.58 11.95 11.70
CA GLU D 63 -45.26 11.85 10.28
C GLU D 63 -44.08 12.78 10.01
N LEU D 64 -43.05 12.27 9.36
CA LEU D 64 -41.82 13.03 9.17
C LEU D 64 -41.86 13.80 7.91
N GLY D 65 -42.81 13.49 7.04
CA GLY D 65 -42.80 14.09 5.70
C GLY D 65 -41.44 13.97 5.00
N SER D 66 -40.92 15.08 4.49
CA SER D 66 -39.66 15.03 3.72
C SER D 66 -38.41 14.64 4.45
N VAL D 67 -38.41 14.62 5.78
CA VAL D 67 -37.29 14.02 6.49
C VAL D 67 -37.24 12.48 6.21
N SER D 68 -38.34 11.92 5.68
CA SER D 68 -38.32 10.55 5.11
C SER D 68 -37.25 10.34 4.04
N LYS D 69 -36.94 11.40 3.26
CA LYS D 69 -35.89 11.39 2.22
C LYS D 69 -34.52 10.99 2.74
N LEU D 70 -34.16 11.47 3.93
CA LEU D 70 -32.90 11.10 4.57
C LEU D 70 -32.72 9.60 4.73
N PHE D 71 -33.81 8.86 5.01
CA PHE D 71 -33.75 7.42 5.13
C PHE D 71 -33.71 6.75 3.76
N THR D 72 -34.35 7.31 2.73
CA THR D 72 -34.18 6.76 1.40
C THR D 72 -32.69 6.92 0.94
N ALA D 73 -32.05 8.00 1.38
CA ALA D 73 -30.63 8.27 1.10
C ALA D 73 -29.71 7.26 1.76
N THR D 74 -29.93 7.05 3.05
CA THR D 74 -29.18 6.09 3.85
C THR D 74 -29.29 4.66 3.24
N ALA D 75 -30.50 4.29 2.78
CA ALA D 75 -30.71 3.06 1.99
C ALA D 75 -29.94 2.93 0.65
N GLY D 76 -29.77 4.02 -0.10
CA GLY D 76 -29.00 4.00 -1.34
C GLY D 76 -27.52 3.92 -1.00
N GLY D 77 -27.11 4.66 0.05
CA GLY D 77 -25.78 4.60 0.65
C GLY D 77 -25.37 3.21 1.13
N TYR D 78 -26.36 2.45 1.63
CA TYR D 78 -26.20 1.05 1.99
C TYR D 78 -25.95 0.19 0.75
N ALA D 79 -26.89 0.17 -0.21
CA ALA D 79 -26.76 -0.69 -1.43
C ALA D 79 -25.53 -0.40 -2.34
N LYS D 80 -25.20 0.89 -2.53
CA LYS D 80 -23.96 1.29 -3.19
C LYS D 80 -22.73 0.63 -2.51
N ASN D 81 -22.60 0.78 -1.18
CA ASN D 81 -21.44 0.24 -0.44
C ASN D 81 -21.43 -1.29 -0.24
N LYS D 82 -22.56 -1.93 -0.47
CA LYS D 82 -22.63 -3.38 -0.61
C LYS D 82 -22.60 -3.75 -2.09
N GLY D 83 -22.20 -2.82 -2.96
CA GLY D 83 -22.04 -3.10 -4.39
C GLY D 83 -23.26 -3.52 -5.19
N LYS D 84 -24.47 -3.28 -4.65
CA LYS D 84 -25.72 -3.77 -5.26
C LYS D 84 -26.25 -2.81 -6.32
N ILE D 85 -25.78 -1.55 -6.22
CA ILE D 85 -25.94 -0.53 -7.22
C ILE D 85 -24.64 0.27 -7.27
N SER D 86 -24.34 0.84 -8.43
CA SER D 86 -23.41 1.96 -8.53
C SER D 86 -24.24 3.23 -8.81
N PHE D 87 -23.80 4.38 -8.27
CA PHE D 87 -24.42 5.66 -8.55
C PHE D 87 -24.42 6.00 -10.05
N ASP D 88 -23.44 5.47 -10.79
CA ASP D 88 -23.37 5.72 -12.20
C ASP D 88 -24.34 4.87 -13.06
N ASP D 89 -25.19 4.05 -12.42
CA ASP D 89 -26.15 3.17 -13.14
C ASP D 89 -27.39 3.95 -13.54
N GLY D 92 -33.06 2.62 -14.30
CA GLY D 92 -33.71 2.04 -15.47
C GLY D 92 -33.13 0.71 -15.96
N LYS D 93 -32.09 0.25 -15.27
CA LYS D 93 -31.45 -1.07 -15.53
C LYS D 93 -31.94 -2.20 -14.58
N TYR D 94 -32.23 -1.86 -13.32
CA TYR D 94 -32.66 -2.85 -12.30
C TYR D 94 -34.12 -3.15 -12.43
N TRP D 95 -34.88 -2.12 -12.71
CA TRP D 95 -36.26 -2.24 -13.14
C TRP D 95 -36.13 -2.41 -14.67
N LYS D 96 -35.96 -3.66 -15.11
CA LYS D 96 -35.75 -4.00 -16.52
C LYS D 96 -36.87 -3.47 -17.46
N GLU D 97 -38.09 -3.34 -16.93
CA GLU D 97 -39.24 -2.78 -17.70
C GLU D 97 -39.09 -1.28 -18.09
N LEU D 98 -38.06 -0.60 -17.56
CA LEU D 98 -37.60 0.69 -18.04
C LEU D 98 -36.19 0.49 -18.59
N PRO D 102 -35.26 5.86 -22.25
CA PRO D 102 -35.07 7.30 -22.27
C PRO D 102 -34.60 7.77 -20.90
N ILE D 103 -35.41 7.57 -19.85
CA ILE D 103 -34.99 7.88 -18.47
C ILE D 103 -33.76 7.04 -18.05
N ASP D 104 -33.45 5.98 -18.81
CA ASP D 104 -32.09 5.38 -18.90
C ASP D 104 -32.15 4.16 -19.83
N VAL D 106 -30.81 8.83 -17.82
CA VAL D 106 -30.56 9.53 -16.55
C VAL D 106 -30.09 8.51 -15.52
N ASN D 107 -29.07 8.88 -14.73
CA ASN D 107 -28.44 7.95 -13.76
C ASN D 107 -29.01 8.06 -12.32
N LEU D 108 -28.63 7.12 -11.44
CA LEU D 108 -29.26 6.99 -10.09
C LEU D 108 -29.01 8.16 -9.16
N LEU D 109 -27.74 8.56 -9.02
CA LEU D 109 -27.42 9.80 -8.27
C LEU D 109 -28.15 11.07 -8.82
N GLN D 110 -28.30 11.17 -10.14
CA GLN D 110 -29.11 12.28 -10.68
C GLN D 110 -30.60 12.25 -10.25
N LEU D 111 -31.17 11.04 -10.10
CA LEU D 111 -32.53 10.90 -9.58
C LEU D 111 -32.60 11.33 -8.10
N ALA D 112 -31.64 10.87 -7.31
CA ALA D 112 -31.55 11.12 -5.86
C ALA D 112 -31.36 12.57 -5.42
N THR D 113 -30.49 13.27 -6.15
CA THR D 113 -30.15 14.66 -5.87
C THR D 113 -30.95 15.66 -6.73
N TYR D 114 -31.96 15.19 -7.49
CA TYR D 114 -32.99 16.08 -8.08
C TYR D 114 -32.59 16.80 -9.44
N THR D 115 -31.66 16.20 -10.20
CA THR D 115 -31.12 16.83 -11.43
C THR D 115 -31.55 16.21 -12.76
N SER D 116 -32.42 15.21 -12.72
CA SER D 116 -33.13 14.72 -13.91
C SER D 116 -33.41 15.74 -15.06
N GLY D 117 -33.86 16.95 -14.69
CA GLY D 117 -34.19 18.01 -15.64
C GLY D 117 -35.63 18.11 -16.11
N ASN D 118 -36.49 17.15 -15.78
CA ASN D 118 -37.95 17.28 -16.03
C ASN D 118 -38.78 16.38 -15.07
N LEU D 119 -38.59 16.61 -13.77
CA LEU D 119 -39.45 16.03 -12.72
C LEU D 119 -39.80 17.09 -11.69
N ALA D 120 -41.09 17.40 -11.62
CA ALA D 120 -41.60 18.44 -10.74
C ALA D 120 -41.67 17.92 -9.29
N LEU D 121 -42.16 18.77 -8.38
CA LEU D 121 -42.27 18.40 -6.94
C LEU D 121 -43.10 17.11 -6.75
N GLN D 122 -44.22 17.02 -7.46
CA GLN D 122 -45.16 15.88 -7.38
C GLN D 122 -45.30 15.15 -8.70
N PHE D 123 -45.98 14.00 -8.63
CA PHE D 123 -46.46 13.28 -9.79
C PHE D 123 -47.66 14.02 -10.31
N PRO D 124 -48.03 13.81 -11.59
CA PRO D 124 -49.36 14.30 -11.98
C PRO D 124 -50.50 13.65 -11.17
N ASP D 125 -51.59 14.40 -10.96
CA ASP D 125 -52.78 13.90 -10.26
C ASP D 125 -53.31 12.57 -10.85
N GLU D 126 -53.33 12.45 -12.18
CA GLU D 126 -53.73 11.19 -12.87
C GLU D 126 -52.92 9.94 -12.49
N VAL D 127 -51.67 10.10 -12.05
CA VAL D 127 -50.85 8.95 -11.60
C VAL D 127 -51.17 8.55 -10.15
N GLN D 128 -51.46 7.27 -9.94
CA GLN D 128 -51.77 6.69 -8.61
C GLN D 128 -51.17 5.27 -8.47
N THR D 129 -51.59 4.38 -9.37
CA THR D 129 -51.26 2.95 -9.28
C THR D 129 -49.84 2.69 -9.71
N ASP D 130 -49.37 1.46 -9.54
CA ASP D 130 -48.03 1.07 -9.99
C ASP D 130 -47.91 1.04 -11.54
N GLN D 131 -48.98 0.61 -12.22
CA GLN D 131 -49.09 0.68 -13.70
C GLN D 131 -49.02 2.13 -14.21
N GLN D 132 -49.81 3.01 -13.58
CA GLN D 132 -49.75 4.44 -13.95
C GLN D 132 -48.37 5.05 -13.68
N VAL D 133 -47.67 4.57 -12.65
CA VAL D 133 -46.31 5.05 -12.34
C VAL D 133 -45.34 4.63 -13.44
N LEU D 134 -45.45 3.38 -13.87
CA LEU D 134 -44.61 2.90 -14.96
C LEU D 134 -45.00 3.56 -16.31
N THR D 135 -46.30 3.71 -16.58
CA THR D 135 -46.75 4.47 -17.77
C THR D 135 -46.28 5.94 -17.73
N PHE D 136 -46.22 6.55 -16.55
CA PHE D 136 -45.55 7.86 -16.41
C PHE D 136 -44.06 7.83 -16.79
N PHE D 137 -43.28 6.87 -16.29
CA PHE D 137 -41.82 6.81 -16.59
C PHE D 137 -41.40 6.18 -17.94
N LYS D 138 -42.17 5.23 -18.44
CA LYS D 138 -41.97 4.71 -19.81
C LYS D 138 -42.06 5.87 -20.81
N ASP D 139 -43.08 6.71 -20.61
CA ASP D 139 -43.37 7.88 -21.44
C ASP D 139 -42.52 9.17 -21.14
N TRP D 140 -41.62 9.14 -20.15
CA TRP D 140 -40.84 10.34 -19.78
C TRP D 140 -39.78 10.66 -20.87
N LYS D 141 -39.60 11.96 -21.13
CA LYS D 141 -38.59 12.47 -22.10
C LYS D 141 -37.88 13.68 -21.44
N PRO D 142 -36.52 13.84 -21.62
CA PRO D 142 -35.82 14.96 -20.92
C PRO D 142 -36.21 16.36 -21.38
N LYS D 143 -35.86 17.36 -20.58
CA LYS D 143 -36.20 18.74 -20.89
C LYS D 143 -34.93 19.56 -20.71
N ASN D 144 -34.55 19.87 -19.47
CA ASN D 144 -33.37 20.66 -19.24
C ASN D 144 -32.09 19.78 -19.21
N PRO D 145 -30.91 20.37 -19.56
CA PRO D 145 -29.61 19.69 -19.46
C PRO D 145 -29.46 18.80 -18.21
N ILE D 146 -29.60 17.49 -18.44
CA ILE D 146 -29.56 16.44 -17.39
C ILE D 146 -28.30 16.57 -16.54
N GLY D 147 -28.47 16.68 -15.22
CA GLY D 147 -27.33 16.85 -14.31
C GLY D 147 -27.08 18.31 -13.96
N GLU D 148 -27.71 19.25 -14.68
CA GLU D 148 -27.37 20.69 -14.55
C GLU D 148 -28.30 21.46 -13.63
N TYR D 149 -29.58 21.07 -13.61
CA TYR D 149 -30.63 21.79 -12.85
C TYR D 149 -31.26 20.95 -11.72
N ARG D 150 -31.10 21.45 -10.49
CA ARG D 150 -31.84 20.95 -9.33
C ARG D 150 -33.28 21.46 -9.28
N GLN D 151 -34.23 20.55 -9.47
CA GLN D 151 -35.58 20.79 -9.00
C GLN D 151 -35.94 19.79 -7.88
N TYR D 152 -36.42 20.30 -6.74
CA TYR D 152 -36.70 19.46 -5.58
C TYR D 152 -37.89 18.62 -5.97
N SER D 153 -37.79 17.30 -5.79
CA SER D 153 -38.74 16.41 -6.46
C SER D 153 -39.00 15.06 -5.81
N ASN D 154 -40.25 14.83 -5.38
CA ASN D 154 -40.63 13.54 -4.81
C ASN D 154 -40.44 12.38 -5.79
N PRO D 155 -41.04 12.43 -7.00
CA PRO D 155 -40.87 11.33 -7.96
C PRO D 155 -39.42 11.08 -8.30
N SER D 156 -38.61 12.14 -8.25
CA SER D 156 -37.17 12.00 -8.41
C SER D 156 -36.65 10.98 -7.43
N ILE D 157 -36.60 11.32 -6.16
CA ILE D 157 -36.03 10.39 -5.15
C ILE D 157 -36.94 9.13 -4.91
N GLY D 158 -38.21 9.24 -5.27
CA GLY D 158 -39.12 8.09 -5.33
C GLY D 158 -38.69 7.00 -6.31
N LEU D 159 -38.36 7.40 -7.55
CA LEU D 159 -37.82 6.46 -8.55
C LEU D 159 -36.50 5.83 -8.08
N PHE D 160 -35.65 6.65 -7.46
CA PHE D 160 -34.39 6.21 -6.87
C PHE D 160 -34.63 5.15 -5.85
N GLY D 161 -35.59 5.45 -4.97
CA GLY D 161 -36.08 4.55 -3.94
C GLY D 161 -36.46 3.16 -4.42
N LYS D 162 -37.40 3.08 -5.36
CA LYS D 162 -37.81 1.81 -6.00
C LYS D 162 -36.64 1.03 -6.62
N VAL D 163 -35.68 1.77 -7.19
CA VAL D 163 -34.46 1.18 -7.77
C VAL D 163 -33.60 0.55 -6.68
N VAL D 164 -33.40 1.28 -5.58
CA VAL D 164 -32.61 0.71 -4.48
C VAL D 164 -33.31 -0.54 -3.90
N ALA D 165 -34.65 -0.50 -3.83
CA ALA D 165 -35.44 -1.65 -3.33
C ALA D 165 -35.18 -2.88 -4.20
N LEU D 166 -35.43 -2.72 -5.51
CA LEU D 166 -35.12 -3.74 -6.51
C LEU D 166 -33.69 -4.23 -6.40
N SER D 167 -32.74 -3.31 -6.25
CA SER D 167 -31.34 -3.68 -5.98
C SER D 167 -31.21 -4.79 -4.91
N MET D 168 -31.89 -4.60 -3.78
CA MET D 168 -31.73 -5.48 -2.60
C MET D 168 -32.74 -6.66 -2.46
N ASN D 169 -33.48 -6.96 -3.55
CA ASN D 169 -34.36 -8.13 -3.68
C ASN D 169 -35.51 -8.15 -2.65
N LYS D 170 -36.02 -6.98 -2.30
CA LYS D 170 -37.14 -6.85 -1.36
C LYS D 170 -37.77 -5.46 -1.49
N PRO D 171 -39.10 -5.36 -1.29
CA PRO D 171 -39.77 -4.06 -1.50
C PRO D 171 -39.25 -2.93 -0.55
N PHE D 172 -39.49 -1.67 -0.92
CA PHE D 172 -38.95 -0.53 -0.17
C PHE D 172 -39.21 -0.51 1.35
N ASP D 173 -40.44 -0.84 1.74
CA ASP D 173 -40.85 -0.88 3.20
C ASP D 173 -40.09 -1.91 4.03
N GLN D 174 -39.94 -3.10 3.46
CA GLN D 174 -39.09 -4.15 4.02
C GLN D 174 -37.62 -3.69 4.07
N VAL D 175 -37.15 -3.07 3.00
CA VAL D 175 -35.80 -2.48 2.97
C VAL D 175 -35.54 -1.61 4.22
N LEU D 176 -36.49 -0.73 4.57
CA LEU D 176 -36.33 0.13 5.76
C LEU D 176 -36.72 -0.58 7.08
N GLU D 177 -37.87 -1.26 7.11
CA GLU D 177 -38.31 -1.92 8.38
C GLU D 177 -37.45 -3.15 8.71
N LYS D 178 -37.13 -3.96 7.69
CA LYS D 178 -36.39 -5.21 7.91
C LYS D 178 -34.86 -5.02 7.98
N THR D 179 -34.29 -3.99 7.33
CA THR D 179 -32.81 -3.83 7.28
C THR D 179 -32.24 -2.48 7.81
N ILE D 180 -32.67 -1.35 7.24
CA ILE D 180 -32.04 -0.03 7.59
C ILE D 180 -32.37 0.46 9.00
N PHE D 181 -33.65 0.40 9.39
CA PHE D 181 -34.06 0.87 10.73
C PHE D 181 -33.36 0.05 11.83
N PRO D 182 -33.48 -1.31 11.79
CA PRO D 182 -32.76 -2.18 12.75
C PRO D 182 -31.23 -2.07 12.66
N ALA D 183 -30.67 -1.87 11.47
CA ALA D 183 -29.27 -1.48 11.36
C ALA D 183 -29.02 -0.21 12.19
N LEU D 184 -29.89 0.78 12.01
CA LEU D 184 -29.81 2.05 12.75
C LEU D 184 -30.20 1.96 14.24
N GLY D 185 -30.78 0.83 14.65
CA GLY D 185 -31.24 0.64 16.03
C GLY D 185 -32.62 1.23 16.34
N LEU D 186 -33.38 1.58 15.30
CA LEU D 186 -34.64 2.30 15.48
C LEU D 186 -35.79 1.31 15.77
N LYS D 187 -36.32 1.37 17.00
CA LYS D 187 -37.34 0.40 17.47
C LYS D 187 -38.82 0.79 17.09
N HIS D 188 -39.05 2.09 16.97
CA HIS D 188 -40.39 2.69 16.80
C HIS D 188 -40.52 3.56 15.53
N SER D 189 -40.08 3.04 14.36
CA SER D 189 -40.13 3.79 13.07
C SER D 189 -40.72 2.96 11.95
N TYR D 190 -41.48 3.62 11.09
CA TYR D 190 -42.33 2.87 10.21
C TYR D 190 -42.54 3.50 8.85
N VAL D 191 -42.76 2.65 7.86
CA VAL D 191 -43.36 3.06 6.62
C VAL D 191 -44.83 2.74 6.75
N ASN D 192 -45.15 1.54 7.24
CA ASN D 192 -46.53 1.20 7.63
C ASN D 192 -46.59 0.95 9.14
N VAL D 193 -47.31 1.83 9.85
CA VAL D 193 -47.42 1.71 11.33
C VAL D 193 -48.27 0.47 11.65
N PRO D 194 -47.79 -0.45 12.51
CA PRO D 194 -48.62 -1.67 12.82
C PRO D 194 -49.85 -1.45 13.72
N LYS D 195 -50.80 -2.40 13.66
CA LYS D 195 -51.99 -2.44 14.54
C LYS D 195 -51.65 -2.17 16.00
N THR D 196 -50.58 -2.81 16.51
CA THR D 196 -50.16 -2.59 17.90
C THR D 196 -49.80 -1.16 18.26
N GLN D 197 -49.43 -0.32 17.29
CA GLN D 197 -48.96 1.05 17.58
C GLN D 197 -49.89 2.15 17.10
N MET D 198 -51.01 1.81 16.49
CA MET D 198 -51.98 2.84 16.11
C MET D 198 -52.36 3.82 17.26
N GLN D 199 -52.39 3.30 18.47
CA GLN D 199 -52.60 4.08 19.69
C GLN D 199 -51.56 5.12 20.03
N ASN D 200 -50.36 5.00 19.49
CA ASN D 200 -49.28 5.99 19.64
C ASN D 200 -49.19 6.94 18.40
N TYR D 201 -49.90 6.61 17.35
CA TYR D 201 -49.83 7.38 16.09
C TYR D 201 -50.70 8.64 16.19
N ALA D 202 -50.03 9.79 16.25
CA ALA D 202 -50.70 11.07 16.42
C ALA D 202 -51.59 11.37 15.23
N PHE D 203 -52.67 12.12 15.40
CA PHE D 203 -53.30 12.73 14.22
C PHE D 203 -52.60 14.01 13.89
N GLY D 204 -52.50 14.28 12.62
CA GLY D 204 -52.23 15.63 12.13
C GLY D 204 -53.52 16.46 12.07
N TYR D 205 -53.35 17.79 12.01
CA TYR D 205 -54.49 18.72 12.07
C TYR D 205 -54.30 19.71 10.95
N ASN D 206 -55.33 19.87 10.12
CA ASN D 206 -55.30 20.82 9.01
C ASN D 206 -55.53 22.24 9.52
N GLN D 207 -55.68 23.20 8.59
CA GLN D 207 -55.86 24.63 8.94
C GLN D 207 -57.01 24.97 9.84
N GLU D 208 -58.10 24.22 9.71
CA GLU D 208 -59.34 24.40 10.48
C GLU D 208 -59.39 23.48 11.72
N ASN D 209 -58.24 22.93 12.10
CA ASN D 209 -58.11 21.93 13.20
C ASN D 209 -58.94 20.67 13.07
N GLN D 210 -59.06 20.18 11.83
CA GLN D 210 -59.69 18.88 11.60
C GLN D 210 -58.60 17.81 11.46
N PRO D 211 -58.84 16.64 12.08
CA PRO D 211 -57.88 15.56 11.91
C PRO D 211 -57.63 15.02 10.50
N ILE D 212 -56.34 14.81 10.23
CA ILE D 212 -55.86 14.32 8.98
C ILE D 212 -54.61 13.42 9.23
N ARG D 213 -54.45 12.46 8.32
CA ARG D 213 -53.29 11.59 8.21
C ARG D 213 -52.80 11.55 6.76
N VAL D 214 -51.58 11.05 6.58
CA VAL D 214 -50.93 11.06 5.25
C VAL D 214 -51.62 10.14 4.26
N ASN D 215 -52.14 10.73 3.19
CA ASN D 215 -52.71 10.00 2.06
C ASN D 215 -51.68 9.06 1.42
N PRO D 216 -52.11 7.83 1.04
CA PRO D 216 -51.14 7.02 0.27
C PRO D 216 -51.05 7.58 -1.17
N GLY D 217 -49.88 7.45 -1.80
CA GLY D 217 -49.59 8.05 -3.12
C GLY D 217 -48.55 7.28 -3.94
N PRO D 218 -48.39 7.63 -5.25
CA PRO D 218 -47.44 6.92 -6.08
C PRO D 218 -46.07 7.19 -5.52
N LEU D 219 -45.37 6.10 -5.21
CA LEU D 219 -44.04 6.08 -4.61
C LEU D 219 -43.92 7.08 -3.46
N ASP D 220 -44.90 7.04 -2.55
CA ASP D 220 -44.94 7.91 -1.36
C ASP D 220 -43.85 7.64 -0.34
N ALA D 221 -43.70 6.37 0.00
CA ALA D 221 -42.85 5.96 1.12
C ALA D 221 -41.38 6.47 1.08
N PRO D 222 -40.73 6.36 -0.09
CA PRO D 222 -39.35 6.92 -0.23
C PRO D 222 -39.27 8.48 -0.22
N ALA D 223 -40.29 9.13 -0.76
CA ALA D 223 -40.36 10.61 -0.80
C ALA D 223 -40.81 11.23 0.52
N TYR D 224 -41.80 10.66 1.20
CA TYR D 224 -42.38 11.29 2.42
C TYR D 224 -43.18 10.38 3.38
N GLY D 225 -42.98 9.07 3.36
CA GLY D 225 -43.91 8.17 4.05
C GLY D 225 -43.38 7.47 5.27
N VAL D 226 -42.37 8.05 5.92
CA VAL D 226 -41.78 7.47 7.12
C VAL D 226 -42.39 8.16 8.32
N LYS D 227 -42.68 7.35 9.36
CA LYS D 227 -43.19 7.85 10.65
C LYS D 227 -42.27 7.38 11.75
N SER D 228 -42.05 8.23 12.75
CA SER D 228 -41.17 7.86 13.84
C SER D 228 -41.46 8.66 15.10
N THR D 229 -40.78 8.29 16.17
CA THR D 229 -40.99 8.94 17.48
C THR D 229 -39.84 9.86 17.70
N LEU D 230 -39.97 10.75 18.70
CA LEU D 230 -38.88 11.59 19.13
C LEU D 230 -37.56 10.79 19.54
N PRO D 231 -37.65 9.78 20.42
CA PRO D 231 -36.39 9.05 20.72
C PRO D 231 -35.74 8.41 19.51
N ASP D 232 -36.50 7.64 18.72
CA ASP D 232 -35.98 7.03 17.48
C ASP D 232 -35.25 8.02 16.62
N MET D 233 -35.72 9.27 16.61
CA MET D 233 -35.14 10.38 15.80
C MET D 233 -33.83 10.92 16.38
N LEU D 234 -33.72 10.95 17.70
CA LEU D 234 -32.47 11.32 18.37
C LEU D 234 -31.42 10.23 18.30
N SER D 235 -31.86 8.99 18.23
CA SER D 235 -30.96 7.89 17.87
C SER D 235 -30.44 8.03 16.41
N PHE D 236 -31.28 8.54 15.51
CA PHE D 236 -30.85 8.76 14.12
C PHE D 236 -29.95 9.95 13.94
N ILE D 237 -30.12 10.97 14.78
CA ILE D 237 -29.15 12.04 14.94
C ILE D 237 -27.80 11.51 15.43
N HIS D 238 -27.83 10.82 16.58
CA HIS D 238 -26.63 10.22 17.18
C HIS D 238 -25.85 9.46 16.10
N ALA D 239 -26.53 8.52 15.42
CA ALA D 239 -25.96 7.75 14.30
C ALA D 239 -25.28 8.60 13.18
N ASN D 240 -25.87 9.75 12.86
CA ASN D 240 -25.24 10.74 11.94
C ASN D 240 -24.04 11.41 12.58
N LEU D 241 -24.12 11.76 13.86
CA LEU D 241 -22.96 12.36 14.58
C LEU D 241 -21.74 11.41 14.82
N ASN D 242 -21.98 10.13 15.09
CA ASN D 242 -20.91 9.16 15.42
C ASN D 242 -21.04 7.89 14.56
N PRO D 243 -20.88 7.99 13.21
CA PRO D 243 -21.06 6.82 12.28
C PRO D 243 -20.00 5.70 12.34
N GLN D 244 -18.91 5.98 13.05
CA GLN D 244 -17.86 4.99 13.31
C GLN D 244 -18.29 4.00 14.42
N LYS D 245 -19.17 4.45 15.33
CA LYS D 245 -19.77 3.59 16.35
C LYS D 245 -20.68 2.50 15.86
N TYR D 246 -20.92 2.39 14.56
CA TYR D 246 -21.84 1.39 13.99
C TYR D 246 -21.05 0.41 13.10
N PRO D 247 -21.66 -0.73 12.73
CA PRO D 247 -21.00 -1.71 11.83
C PRO D 247 -20.74 -1.22 10.38
N THR D 248 -19.91 -1.98 9.65
CA THR D 248 -19.41 -1.59 8.31
C THR D 248 -20.52 -1.09 7.36
N ASP D 249 -21.55 -1.90 7.16
CA ASP D 249 -22.58 -1.63 6.13
C ASP D 249 -23.47 -0.39 6.42
N ILE D 250 -23.76 -0.14 7.70
CA ILE D 250 -24.42 1.10 8.15
C ILE D 250 -23.43 2.27 8.45
N GLN D 251 -22.17 1.99 8.78
CA GLN D 251 -21.14 3.04 8.97
C GLN D 251 -20.91 3.80 7.66
N ARG D 252 -20.68 3.02 6.60
CA ARG D 252 -20.41 3.52 5.24
C ARG D 252 -21.63 4.20 4.57
N ALA D 253 -22.80 3.57 4.68
CA ALA D 253 -24.04 4.14 4.17
C ALA D 253 -24.32 5.52 4.78
N ILE D 254 -24.03 5.70 6.08
CA ILE D 254 -24.28 6.99 6.78
C ILE D 254 -23.36 8.13 6.30
N ASN D 255 -22.06 7.83 6.15
CA ASN D 255 -21.09 8.82 5.65
C ASN D 255 -21.39 9.22 4.18
N GLU D 256 -21.90 8.29 3.38
CA GLU D 256 -22.23 8.52 1.97
C GLU D 256 -23.42 9.52 1.80
N THR D 257 -24.27 9.66 2.82
CA THR D 257 -25.26 10.76 2.90
C THR D 257 -24.61 12.12 3.27
N HIS D 258 -23.49 12.06 4.00
CA HIS D 258 -22.74 13.25 4.42
C HIS D 258 -21.90 13.93 3.31
N GLN D 259 -21.61 13.23 2.21
CA GLN D 259 -20.66 13.70 1.16
C GLN D 259 -21.29 14.61 0.10
N GLY D 260 -21.22 15.92 0.31
CA GLY D 260 -21.73 16.96 -0.63
C GLY D 260 -21.48 16.65 -2.09
N ARG D 261 -22.49 16.86 -2.93
CA ARG D 261 -22.49 16.41 -4.35
C ARG D 261 -22.47 17.52 -5.41
N TYR D 262 -22.98 18.69 -5.04
CA TYR D 262 -22.97 19.92 -5.85
C TYR D 262 -23.45 21.04 -4.95
N GLN D 263 -23.22 22.29 -5.37
CA GLN D 263 -23.68 23.45 -4.60
C GLN D 263 -24.66 24.29 -5.40
N VAL D 264 -25.48 25.03 -4.65
CA VAL D 264 -26.41 26.00 -5.21
C VAL D 264 -26.36 27.15 -4.20
N ASN D 265 -25.73 28.28 -4.58
CA ASN D 265 -25.66 29.47 -3.72
C ASN D 265 -24.95 28.95 -2.42
N THR D 266 -25.38 29.34 -1.22
CA THR D 266 -24.77 28.90 0.04
C THR D 266 -25.18 27.47 0.53
N MET D 267 -25.83 26.67 -0.32
CA MET D 267 -26.39 25.38 0.06
C MET D 267 -25.73 24.24 -0.68
N TYR D 268 -25.27 23.21 0.02
CA TYR D 268 -24.69 22.03 -0.64
C TYR D 268 -25.65 20.82 -0.60
N GLN D 269 -26.02 20.29 -1.77
CA GLN D 269 -26.90 19.13 -1.82
C GLN D 269 -26.12 17.85 -1.53
N ALA D 270 -26.20 17.40 -0.28
CA ALA D 270 -25.73 16.06 0.10
C ALA D 270 -26.77 15.02 -0.31
N LEU D 271 -26.61 13.77 0.09
CA LEU D 271 -27.57 12.75 -0.34
C LEU D 271 -28.71 12.86 0.69
N GLY D 272 -29.86 13.35 0.23
CA GLY D 272 -30.97 13.74 1.13
C GLY D 272 -30.78 14.99 1.99
N TRP D 273 -29.76 14.94 2.86
CA TRP D 273 -29.38 16.06 3.75
C TRP D 273 -29.04 17.34 3.01
N GLU D 274 -29.20 18.48 3.67
CA GLU D 274 -28.76 19.79 3.15
C GLU D 274 -27.54 20.17 3.94
N GLU D 275 -26.45 20.36 3.22
CA GLU D 275 -25.13 20.61 3.81
C GLU D 275 -24.80 22.09 3.70
N PHE D 276 -24.22 22.62 4.78
CA PHE D 276 -23.81 24.02 4.88
C PHE D 276 -22.41 24.12 5.48
N SER D 277 -21.76 25.24 5.16
CA SER D 277 -20.47 25.58 5.77
C SER D 277 -20.76 26.07 7.19
N TYR D 278 -20.09 25.45 8.17
CA TYR D 278 -20.20 25.84 9.57
C TYR D 278 -19.03 26.71 10.03
N PRO D 279 -19.27 27.93 10.56
CA PRO D 279 -20.61 28.48 10.83
C PRO D 279 -21.46 28.82 9.63
N ALA D 280 -22.76 28.58 9.76
CA ALA D 280 -23.79 29.14 8.87
C ALA D 280 -24.56 30.15 9.66
N THR D 281 -25.00 31.22 9.02
CA THR D 281 -25.77 32.23 9.72
C THR D 281 -27.24 31.83 9.67
N LEU D 282 -28.08 32.52 10.44
CA LEU D 282 -29.52 32.32 10.40
C LEU D 282 -29.96 32.44 8.94
N GLN D 283 -29.59 33.57 8.34
CA GLN D 283 -30.10 33.91 7.02
C GLN D 283 -29.77 32.83 5.99
N THR D 284 -28.55 32.31 6.02
CA THR D 284 -28.18 31.21 5.14
C THR D 284 -29.17 30.03 5.30
N LEU D 285 -29.47 29.66 6.54
CA LEU D 285 -30.31 28.51 6.85
C LEU D 285 -31.77 28.74 6.38
N LEU D 286 -32.28 29.95 6.60
CA LEU D 286 -33.58 30.35 6.04
C LEU D 286 -33.68 30.39 4.50
N ASP D 287 -32.57 30.67 3.81
CA ASP D 287 -32.61 30.79 2.35
C ASP D 287 -32.57 29.44 1.67
N SER D 288 -32.07 28.40 2.37
CA SER D 288 -32.14 27.03 1.80
C SER D 288 -33.56 26.58 1.51
N ASN D 289 -34.56 27.22 2.14
CA ASN D 289 -35.94 26.83 1.96
C ASN D 289 -36.83 27.93 1.39
N SER D 290 -36.23 28.82 0.61
CA SER D 290 -37.00 29.82 -0.13
C SER D 290 -37.82 29.15 -1.25
N GLU D 291 -38.91 29.81 -1.66
CA GLU D 291 -39.70 29.37 -2.83
C GLU D 291 -38.79 29.16 -4.08
N GLN D 292 -37.77 30.00 -4.24
CA GLN D 292 -36.83 29.84 -5.37
C GLN D 292 -36.10 28.47 -5.40
N ILE D 293 -35.53 28.08 -4.25
CA ILE D 293 -34.77 26.82 -4.09
C ILE D 293 -35.71 25.60 -4.06
N VAL D 294 -36.83 25.76 -3.35
CA VAL D 294 -37.77 24.68 -3.10
C VAL D 294 -38.66 24.36 -4.34
N MET D 295 -39.17 25.40 -5.03
CA MET D 295 -40.14 25.23 -6.15
C MET D 295 -39.60 25.43 -7.58
N LYS D 296 -38.54 26.20 -7.75
CA LYS D 296 -38.04 26.51 -9.11
C LYS D 296 -36.82 25.67 -9.50
N PRO D 297 -36.53 25.54 -10.81
CA PRO D 297 -35.19 24.97 -11.14
C PRO D 297 -34.03 25.94 -10.80
N ASN D 298 -32.85 25.40 -10.48
CA ASN D 298 -31.63 26.18 -10.17
C ASN D 298 -30.37 25.45 -10.73
N LYS D 299 -29.56 26.16 -11.55
CA LYS D 299 -28.31 25.59 -12.13
C LYS D 299 -27.37 25.09 -11.05
N VAL D 300 -26.77 23.93 -11.26
CA VAL D 300 -25.82 23.36 -10.28
C VAL D 300 -24.33 23.76 -10.49
N THR D 301 -23.68 24.10 -9.39
CA THR D 301 -22.26 24.41 -9.34
C THR D 301 -21.58 23.18 -8.74
N ALA D 302 -20.61 22.60 -9.46
CA ALA D 302 -19.71 21.59 -8.85
C ALA D 302 -18.84 22.25 -7.75
N ILE D 303 -18.29 21.40 -6.87
CA ILE D 303 -17.58 21.87 -5.66
C ILE D 303 -16.08 22.14 -5.95
N VAL D 309 -15.46 22.56 7.92
CA VAL D 309 -16.39 22.13 8.97
C VAL D 309 -17.87 22.28 8.51
N LYS D 310 -18.53 21.15 8.24
CA LYS D 310 -19.91 21.13 7.75
C LYS D 310 -20.99 20.99 8.86
N MET D 311 -22.19 21.53 8.60
CA MET D 311 -23.40 21.24 9.40
C MET D 311 -24.48 20.90 8.40
N TYR D 312 -25.53 20.23 8.89
CA TYR D 312 -26.59 19.79 8.00
C TYR D 312 -27.98 20.12 8.58
N HIS D 313 -28.98 20.24 7.70
CA HIS D 313 -30.40 20.19 8.14
C HIS D 313 -31.34 19.58 7.13
N LYS D 314 -32.61 19.53 7.50
CA LYS D 314 -33.65 19.07 6.62
C LYS D 314 -34.98 19.44 7.26
N THR D 315 -35.88 19.92 6.42
CA THR D 315 -37.28 20.10 6.81
C THR D 315 -38.13 19.01 6.16
N GLY D 316 -39.31 18.84 6.75
CA GLY D 316 -40.33 17.92 6.27
C GLY D 316 -41.74 18.38 6.61
N SER D 317 -42.64 18.24 5.65
CA SER D 317 -44.03 18.49 5.87
C SER D 317 -44.88 17.43 5.28
N THR D 318 -46.01 17.16 5.93
CA THR D 318 -47.21 16.56 5.29
C THR D 318 -48.32 17.57 5.55
N SER D 319 -49.56 17.29 5.14
CA SER D 319 -50.61 18.33 5.28
C SER D 319 -50.87 18.58 6.74
N GLY D 320 -50.66 17.55 7.55
CA GLY D 320 -50.96 17.64 8.97
C GLY D 320 -49.78 17.76 9.90
N PHE D 321 -48.54 17.71 9.41
CA PHE D 321 -47.36 17.60 10.30
C PHE D 321 -46.20 18.47 9.86
N GLY D 322 -45.46 18.94 10.86
CA GLY D 322 -44.19 19.66 10.64
C GLY D 322 -43.03 18.95 11.34
N THR D 323 -41.91 18.92 10.65
CA THR D 323 -40.68 18.28 11.14
C THR D 323 -39.53 19.27 10.87
N TYR D 324 -38.59 19.36 11.80
CA TYR D 324 -37.25 19.96 11.53
C TYR D 324 -36.14 19.14 12.18
N VAL D 325 -35.18 18.70 11.36
CA VAL D 325 -33.98 17.97 11.82
C VAL D 325 -32.66 18.70 11.47
N VAL D 326 -31.77 18.85 12.47
CA VAL D 326 -30.47 19.58 12.33
C VAL D 326 -29.34 18.89 13.12
N PHE D 327 -28.11 18.88 12.59
CA PHE D 327 -26.91 18.42 13.35
C PHE D 327 -25.57 19.01 12.89
N ILE D 328 -24.66 19.19 13.87
CA ILE D 328 -23.35 19.89 13.71
C ILE D 328 -22.17 19.07 14.29
N PRO D 329 -21.50 18.24 13.44
CA PRO D 329 -20.46 17.26 13.86
C PRO D 329 -19.38 17.81 14.77
N LYS D 330 -18.89 19.02 14.46
CA LYS D 330 -17.89 19.71 15.30
C LYS D 330 -18.36 19.72 16.74
N GLU D 331 -19.60 20.17 16.95
CA GLU D 331 -20.11 20.44 18.29
C GLU D 331 -20.78 19.25 18.98
N ASN D 332 -20.64 18.06 18.40
CA ASN D 332 -21.28 16.84 18.92
C ASN D 332 -22.74 17.08 19.35
N ILE D 333 -23.48 17.84 18.52
CA ILE D 333 -24.82 18.35 18.88
C ILE D 333 -25.81 18.24 17.68
N GLY D 334 -27.08 18.03 18.01
CA GLY D 334 -28.17 17.93 17.03
C GLY D 334 -29.54 18.08 17.70
N LEU D 335 -30.57 18.38 16.91
CA LEU D 335 -31.92 18.69 17.43
C LEU D 335 -33.06 18.26 16.46
N VAL D 336 -34.13 17.67 17.02
CA VAL D 336 -35.35 17.31 16.29
C VAL D 336 -36.55 18.09 16.82
N MET D 337 -37.35 18.70 15.93
CA MET D 337 -38.68 19.31 16.24
C MET D 337 -39.80 18.55 15.50
N LEU D 338 -40.87 18.20 16.22
CA LEU D 338 -42.01 17.46 15.67
C LEU D 338 -43.29 18.14 16.14
N THR D 339 -44.18 18.47 15.21
CA THR D 339 -45.48 19.10 15.51
C THR D 339 -46.57 18.36 14.74
N ASN D 340 -47.78 18.29 15.28
CA ASN D 340 -48.88 17.69 14.53
C ASN D 340 -49.82 18.75 13.91
N LYS D 341 -49.20 19.83 13.50
CA LYS D 341 -49.79 20.79 12.63
C LYS D 341 -48.65 21.48 11.83
N ARG D 342 -48.90 21.82 10.59
CA ARG D 342 -47.91 22.58 9.84
C ARG D 342 -47.65 23.94 10.55
N ILE D 343 -46.40 24.34 10.69
CA ILE D 343 -46.03 25.73 10.92
C ILE D 343 -44.96 26.18 9.91
N PRO D 344 -44.79 27.49 9.70
CA PRO D 344 -43.82 27.89 8.67
C PRO D 344 -42.41 27.41 8.93
N ASN D 345 -41.74 27.01 7.86
CA ASN D 345 -40.34 26.63 7.94
C ASN D 345 -39.48 27.70 8.66
N GLU D 346 -39.72 28.98 8.33
CA GLU D 346 -38.96 30.10 8.94
C GLU D 346 -38.86 29.93 10.47
N GLU D 347 -40.03 29.69 11.09
CA GLU D 347 -40.21 29.56 12.55
C GLU D 347 -39.53 28.37 13.18
N ARG D 348 -39.48 27.25 12.47
CA ARG D 348 -38.85 26.03 13.00
C ARG D 348 -37.33 26.22 13.02
N ILE D 349 -36.81 26.81 11.94
CA ILE D 349 -35.38 26.94 11.71
C ILE D 349 -34.74 27.88 12.76
N LYS D 350 -35.42 29.02 12.93
CA LYS D 350 -35.04 30.06 13.87
C LYS D 350 -34.93 29.51 15.30
N ALA D 351 -36.06 29.05 15.82
CA ALA D 351 -36.16 28.43 17.12
C ALA D 351 -35.02 27.46 17.39
N ALA D 352 -34.79 26.52 16.47
CA ALA D 352 -33.62 25.63 16.61
C ALA D 352 -32.28 26.42 16.69
N TYR D 353 -32.13 27.47 15.87
CA TYR D 353 -30.91 28.30 15.82
C TYR D 353 -30.55 28.94 17.17
N VAL D 354 -31.45 29.75 17.72
CA VAL D 354 -31.25 30.31 19.06
C VAL D 354 -30.75 29.23 20.07
N VAL D 355 -31.61 28.24 20.33
CA VAL D 355 -31.40 27.24 21.39
C VAL D 355 -30.13 26.41 21.17
N LEU D 356 -29.80 26.12 19.92
CA LEU D 356 -28.54 25.42 19.64
C LEU D 356 -27.30 26.30 19.81
N ASN D 357 -27.45 27.63 19.74
CA ASN D 357 -26.32 28.54 20.01
C ASN D 357 -26.19 28.87 21.52
N ALA D 358 -27.30 29.07 22.23
CA ALA D 358 -27.28 29.36 23.69
C ALA D 358 -26.99 28.15 24.61
B1 QQZ E . 31.24 -13.06 23.64
C2 QQZ E . 31.17 -13.88 25.04
N3 QQZ E . 31.84 -15.14 24.88
O4 QQZ E . 31.30 -14.04 22.46
O5 QQZ E . 32.36 -12.12 23.61
S7 QQZ E . 32.04 -16.24 26.06
O8 QQZ E . 31.46 -15.84 27.32
O9 QQZ E . 33.45 -16.45 26.14
C10 QQZ E . 31.24 -17.55 25.60
C11 QQZ E . 29.89 -17.66 25.91
C12 QQZ E . 29.17 -18.82 25.56
C13 QQZ E . 29.86 -19.83 24.90
N14 QQZ E . 31.17 -19.69 24.61
C15 QQZ E . 31.88 -18.58 24.93
C16 QQZ E . 29.19 -21.08 24.47
N17 QQZ E . 29.50 -21.99 23.52
N18 QQZ E . 28.47 -22.94 23.56
N19 QQZ E . 27.55 -22.61 24.56
N20 QQZ E . 28.07 -21.42 25.08
P1 QQZ E . 33.81 -12.55 23.02
O2 QQZ E . 33.85 -14.02 23.45
O3 QQZ E . 34.87 -11.63 23.63
O6 QQZ E . 33.95 -12.31 21.55
B1 QQZ F . 16.60 14.55 -8.02
C2 QQZ F . 16.34 13.61 -6.77
N3 QQZ F . 17.12 12.41 -6.91
O4 QQZ F . 16.47 13.67 -9.26
O5 QQZ F . 17.86 15.25 -7.86
S7 QQZ F . 17.02 11.25 -5.78
O8 QQZ F . 16.55 11.62 -4.49
O9 QQZ F . 18.30 10.65 -5.59
C10 QQZ F . 16.02 10.07 -6.32
C11 QQZ F . 14.75 9.96 -5.76
C12 QQZ F . 13.90 8.92 -6.16
C13 QQZ F . 14.33 8.02 -7.09
N14 QQZ F . 15.58 8.12 -7.65
C15 QQZ F . 16.42 9.11 -7.25
C16 QQZ F . 13.38 6.95 -7.47
N17 QQZ F . 12.25 6.42 -6.99
N18 QQZ F . 11.92 5.37 -7.89
N19 QQZ F . 12.90 5.31 -8.92
N20 QQZ F . 13.77 6.31 -8.52
P1 QQZ F . 19.26 14.79 -8.52
O2 QQZ F . 19.48 15.22 -9.97
O3 QQZ F . 20.20 15.59 -7.59
O6 QQZ F . 19.39 13.30 -8.37
P PO4 G . 7.06 40.32 -3.47
O1 PO4 G . 8.13 39.33 -3.84
O2 PO4 G . 6.12 40.67 -4.62
O3 PO4 G . 7.77 41.62 -3.15
O4 PO4 G . 6.27 39.81 -2.27
B1 QQZ H . -0.45 -28.38 -9.07
C2 QQZ H . 0.43 -29.70 -9.15
N3 QQZ H . 1.65 -29.57 -8.40
O4 QQZ H . 0.42 -27.17 -9.54
O5 QQZ H . -1.03 -28.27 -7.75
S7 QQZ H . 2.66 -30.79 -8.51
O8 QQZ H . 1.97 -32.05 -8.73
O9 QQZ H . 3.47 -30.89 -7.34
C10 QQZ H . 3.75 -30.54 -9.67
C11 QQZ H . 3.85 -31.40 -10.78
C12 QQZ H . 4.82 -31.15 -11.74
C13 QQZ H . 5.69 -30.07 -11.59
N14 QQZ H . 5.60 -29.23 -10.51
C15 QQZ H . 4.66 -29.45 -9.57
C16 QQZ H . 6.72 -29.82 -12.62
N17 QQZ H . 7.10 -30.41 -13.76
N18 QQZ H . 8.21 -29.68 -14.21
N19 QQZ H . 8.48 -28.66 -13.29
N20 QQZ H . 7.51 -28.82 -12.33
P1 QQZ H . -0.41 -27.37 -6.52
O2 QQZ H . -0.91 -25.94 -6.65
O3 QQZ H . 1.06 -27.60 -6.41
O6 QQZ H . -1.08 -28.08 -5.33
B1 QQZ I . -41.12 17.50 1.90
C2 QQZ I . -42.05 17.35 0.63
N3 QQZ I . -43.23 18.17 0.73
O4 QQZ I . -41.98 17.44 3.17
O5 QQZ I . -40.27 18.67 1.73
S7 QQZ I . -44.42 17.91 -0.29
O8 QQZ I . -43.91 17.27 -1.47
O9 QQZ I . -44.99 19.18 -0.61
C10 QQZ I . -45.64 17.02 0.26
C11 QQZ I . -46.00 15.83 -0.38
C12 QQZ I . -47.07 15.08 0.09
C13 QQZ I . -47.78 15.52 1.18
N14 QQZ I . -47.42 16.69 1.79
C15 QQZ I . -46.40 17.44 1.37
C16 QQZ I . -48.93 14.71 1.66
N17 QQZ I . -49.63 13.63 1.21
N18 QQZ I . -50.61 13.37 2.18
N19 QQZ I . -50.49 14.33 3.20
N20 QQZ I . -49.43 15.12 2.81
P1 QQZ I . -40.57 20.05 2.48
O2 QQZ I . -40.05 20.04 3.91
O3 QQZ I . -39.78 20.98 1.55
O6 QQZ I . -42.06 20.23 2.41
#